data_4IIA
# 
_entry.id   4IIA 
# 
_audit_conform.dict_name       mmcif_pdbx.dic 
_audit_conform.dict_version    5.387 
_audit_conform.dict_location   http://mmcif.pdb.org/dictionaries/ascii/mmcif_pdbx.dic 
# 
loop_
_database_2.database_id 
_database_2.database_code 
_database_2.pdbx_database_accession 
_database_2.pdbx_DOI 
PDB   4IIA         pdb_00004iia 10.2210/pdb4iia/pdb 
RCSB  RCSB076786   ?            ?                   
WWPDB D_1000076786 ?            ?                   
# 
loop_
_pdbx_audit_revision_history.ordinal 
_pdbx_audit_revision_history.data_content_type 
_pdbx_audit_revision_history.major_revision 
_pdbx_audit_revision_history.minor_revision 
_pdbx_audit_revision_history.revision_date 
1 'Structure model' 1 0 2013-12-18 
2 'Structure model' 1 1 2017-08-09 
3 'Structure model' 1 2 2017-11-15 
4 'Structure model' 1 3 2024-02-28 
# 
_pdbx_audit_revision_details.ordinal             1 
_pdbx_audit_revision_details.revision_ordinal    1 
_pdbx_audit_revision_details.data_content_type   'Structure model' 
_pdbx_audit_revision_details.provider            repository 
_pdbx_audit_revision_details.type                'Initial release' 
_pdbx_audit_revision_details.description         ? 
_pdbx_audit_revision_details.details             ? 
# 
loop_
_pdbx_audit_revision_group.ordinal 
_pdbx_audit_revision_group.revision_ordinal 
_pdbx_audit_revision_group.data_content_type 
_pdbx_audit_revision_group.group 
1 2 'Structure model' 'Data collection'        
2 2 'Structure model' 'Database references'    
3 3 'Structure model' 'Refinement description' 
4 4 'Structure model' 'Data collection'        
5 4 'Structure model' 'Database references'    
6 4 'Structure model' 'Derived calculations'   
# 
loop_
_pdbx_audit_revision_category.ordinal 
_pdbx_audit_revision_category.revision_ordinal 
_pdbx_audit_revision_category.data_content_type 
_pdbx_audit_revision_category.category 
1 2 'Structure model' citation_author    
2 2 'Structure model' diffrn_source      
3 3 'Structure model' software           
4 4 'Structure model' chem_comp_atom     
5 4 'Structure model' chem_comp_bond     
6 4 'Structure model' database_2         
7 4 'Structure model' struct_ref_seq_dif 
8 4 'Structure model' struct_site        
# 
loop_
_pdbx_audit_revision_item.ordinal 
_pdbx_audit_revision_item.revision_ordinal 
_pdbx_audit_revision_item.data_content_type 
_pdbx_audit_revision_item.item 
1 2 'Structure model' '_citation_author.name'                
2 2 'Structure model' '_diffrn_source.pdbx_synchrotron_site' 
3 4 'Structure model' '_database_2.pdbx_DOI'                 
4 4 'Structure model' '_database_2.pdbx_database_accession'  
5 4 'Structure model' '_struct_ref_seq_dif.details'          
6 4 'Structure model' '_struct_site.pdbx_auth_asym_id'       
7 4 'Structure model' '_struct_site.pdbx_auth_comp_id'       
8 4 'Structure model' '_struct_site.pdbx_auth_seq_id'        
# 
_pdbx_database_status.status_code                     REL 
_pdbx_database_status.entry_id                        4IIA 
_pdbx_database_status.recvd_initial_deposition_date   2012-12-20 
_pdbx_database_status.deposit_site                    RCSB 
_pdbx_database_status.process_site                    RCSB 
_pdbx_database_status.status_code_sf                  REL 
_pdbx_database_status.status_code_mr                  ? 
_pdbx_database_status.SG_entry                        ? 
_pdbx_database_status.status_code_cs                  ? 
_pdbx_database_status.methods_development_category    ? 
_pdbx_database_status.pdb_format_compatible           Y 
_pdbx_database_status.status_code_nmr_data            ? 
# 
loop_
_pdbx_database_related.db_name 
_pdbx_database_related.db_id 
_pdbx_database_related.details 
_pdbx_database_related.content_type 
PDB 4fcj 'CRYSTAL STRUCTURE OF THE NTF2-LIKE DOMAIN OF HUMAN G3BP1'                           unspecified 
PDB 3q90 'CRYSTAL STRUCTURE OF THE NTF2-LIKE DOMAIN OF HUMAN G3BP1'                           unspecified 
PDB 4fcm 'CRYSTAL STRUCTURE OF THE NTF2-LIKE DOMAIN OF HUMAN G3BP1 IN COMPLEX WITH A PEPTIDE' unspecified 
PDB 3ujm 'Crystal structure of the Rasputin NTF2-like domain from Drosophila melanogaster'    unspecified 
# 
loop_
_audit_author.name 
_audit_author.pdbx_ordinal 
_audit_author.identifier_ORCID 
'Vognsen, T.'    1 ? 
'Moeller, I.R.'  2 ? 
'Kristensen, O.' 3 ? 
# 
loop_
_citation.id 
_citation.title 
_citation.journal_abbrev 
_citation.journal_volume 
_citation.page_first 
_citation.page_last 
_citation.year 
_citation.journal_id_ASTM 
_citation.country 
_citation.journal_id_ISSN 
_citation.journal_id_CSD 
_citation.book_publisher 
_citation.pdbx_database_id_PubMed 
_citation.pdbx_database_id_DOI 
primary 'Crystal Structures of the Human G3BP1 NTF2-Like Domain Visualize FxFG Nup Repeat Specificity.'  'Plos One' 8   e80947 
e80947 2013 ?      US 1932-6203 ?    ? 24324649 10.1371/journal.pone.0080947 
1       'Purification, crystallization and preliminary X-ray diffraction of the G3BP1 NTF2-like domain.' 
'Acta Crystallogr.,Sect.F'  67  48     50     2011 ?      DK 1744-3091 ?    ? 21206022 10.1107/S1744309110042156    
2       'Crystal structure of the Rasputin NTF2-like domain from Drosophila melanogaster.'               
Biochem.Biophys.Res.Commun. 420 188    192    2012 BBRCA9 US 0006-291X 0146 ? 22414690 10.1016/j.bbrc.2012.02.140   
# 
loop_
_citation_author.citation_id 
_citation_author.name 
_citation_author.ordinal 
_citation_author.identifier_ORCID 
primary 'Vognsen, T.'    1 ? 
primary 'Moller, I.R.'   2 ? 
primary 'Kristensen, O.' 3 ? 
1       'Vognsen, T.'    4 ? 
1       'Moller, I.R.'   5 ? 
1       'Kristensen, O.' 6 ? 
2       'Vognsen, T.'    7 ? 
2       'Kristensen, O.' 8 ? 
# 
loop_
_entity.id 
_entity.type 
_entity.src_method 
_entity.pdbx_description 
_entity.formula_weight 
_entity.pdbx_number_of_molecules 
_entity.pdbx_ec 
_entity.pdbx_mutation 
_entity.pdbx_fragment 
_entity.details 
1 polymer     man 'Ras GTPase-activating protein-binding protein 1' 15185.106 1 '3.6.4.12, 3.6.4.13' ? 'NTF2-LIKE DOMAIN' ? 
2 non-polymer syn 'PHOSPHATE ION'                                   94.971    1 ?                    ? ?                  ? 
# 
_entity_name_com.entity_id   1 
_entity_name_com.name        'G3BP-1, ATP-dependent DNA helicase VIII, hDH VIII, GAP SH3 domain-binding protein 1' 
# 
_entity_poly.entity_id                      1 
_entity_poly.type                           'polypeptide(L)' 
_entity_poly.nstd_linkage                   no 
_entity_poly.nstd_monomer                   no 
_entity_poly.pdbx_seq_one_letter_code       
;GSHMVGREFVRQYYTLLNQAPDMLHRFYGKNSSYVHGGLDSNGKPADAVYGQKEIHRKVMSQNFTNCHTKIRHVDAHATL
NDGVVVQVMGLLSNNNQALRRFMQTFVLAPEGSVANKFYVHNDIFRYQDEVFG
;
_entity_poly.pdbx_seq_one_letter_code_can   
;GSHMVGREFVRQYYTLLNQAPDMLHRFYGKNSSYVHGGLDSNGKPADAVYGQKEIHRKVMSQNFTNCHTKIRHVDAHATL
NDGVVVQVMGLLSNNNQALRRFMQTFVLAPEGSVANKFYVHNDIFRYQDEVFG
;
_entity_poly.pdbx_strand_id                 A 
_entity_poly.pdbx_target_identifier         ? 
# 
_pdbx_entity_nonpoly.entity_id   2 
_pdbx_entity_nonpoly.name        'PHOSPHATE ION' 
_pdbx_entity_nonpoly.comp_id     PO4 
# 
loop_
_entity_poly_seq.entity_id 
_entity_poly_seq.num 
_entity_poly_seq.mon_id 
_entity_poly_seq.hetero 
1 1   GLY n 
1 2   SER n 
1 3   HIS n 
1 4   MET n 
1 5   VAL n 
1 6   GLY n 
1 7   ARG n 
1 8   GLU n 
1 9   PHE n 
1 10  VAL n 
1 11  ARG n 
1 12  GLN n 
1 13  TYR n 
1 14  TYR n 
1 15  THR n 
1 16  LEU n 
1 17  LEU n 
1 18  ASN n 
1 19  GLN n 
1 20  ALA n 
1 21  PRO n 
1 22  ASP n 
1 23  MET n 
1 24  LEU n 
1 25  HIS n 
1 26  ARG n 
1 27  PHE n 
1 28  TYR n 
1 29  GLY n 
1 30  LYS n 
1 31  ASN n 
1 32  SER n 
1 33  SER n 
1 34  TYR n 
1 35  VAL n 
1 36  HIS n 
1 37  GLY n 
1 38  GLY n 
1 39  LEU n 
1 40  ASP n 
1 41  SER n 
1 42  ASN n 
1 43  GLY n 
1 44  LYS n 
1 45  PRO n 
1 46  ALA n 
1 47  ASP n 
1 48  ALA n 
1 49  VAL n 
1 50  TYR n 
1 51  GLY n 
1 52  GLN n 
1 53  LYS n 
1 54  GLU n 
1 55  ILE n 
1 56  HIS n 
1 57  ARG n 
1 58  LYS n 
1 59  VAL n 
1 60  MET n 
1 61  SER n 
1 62  GLN n 
1 63  ASN n 
1 64  PHE n 
1 65  THR n 
1 66  ASN n 
1 67  CYS n 
1 68  HIS n 
1 69  THR n 
1 70  LYS n 
1 71  ILE n 
1 72  ARG n 
1 73  HIS n 
1 74  VAL n 
1 75  ASP n 
1 76  ALA n 
1 77  HIS n 
1 78  ALA n 
1 79  THR n 
1 80  LEU n 
1 81  ASN n 
1 82  ASP n 
1 83  GLY n 
1 84  VAL n 
1 85  VAL n 
1 86  VAL n 
1 87  GLN n 
1 88  VAL n 
1 89  MET n 
1 90  GLY n 
1 91  LEU n 
1 92  LEU n 
1 93  SER n 
1 94  ASN n 
1 95  ASN n 
1 96  ASN n 
1 97  GLN n 
1 98  ALA n 
1 99  LEU n 
1 100 ARG n 
1 101 ARG n 
1 102 PHE n 
1 103 MET n 
1 104 GLN n 
1 105 THR n 
1 106 PHE n 
1 107 VAL n 
1 108 LEU n 
1 109 ALA n 
1 110 PRO n 
1 111 GLU n 
1 112 GLY n 
1 113 SER n 
1 114 VAL n 
1 115 ALA n 
1 116 ASN n 
1 117 LYS n 
1 118 PHE n 
1 119 TYR n 
1 120 VAL n 
1 121 HIS n 
1 122 ASN n 
1 123 ASP n 
1 124 ILE n 
1 125 PHE n 
1 126 ARG n 
1 127 TYR n 
1 128 GLN n 
1 129 ASP n 
1 130 GLU n 
1 131 VAL n 
1 132 PHE n 
1 133 GLY n 
# 
_entity_src_gen.entity_id                          1 
_entity_src_gen.pdbx_src_id                        1 
_entity_src_gen.pdbx_alt_source_flag               sample 
_entity_src_gen.pdbx_seq_type                      ? 
_entity_src_gen.pdbx_beg_seq_num                   ? 
_entity_src_gen.pdbx_end_seq_num                   ? 
_entity_src_gen.gene_src_common_name               human 
_entity_src_gen.gene_src_genus                     ? 
_entity_src_gen.pdbx_gene_src_gene                 'G3BP1, G3BP' 
_entity_src_gen.gene_src_species                   ? 
_entity_src_gen.gene_src_strain                    ? 
_entity_src_gen.gene_src_tissue                    ? 
_entity_src_gen.gene_src_tissue_fraction           ? 
_entity_src_gen.gene_src_details                   ? 
_entity_src_gen.pdbx_gene_src_fragment             ? 
_entity_src_gen.pdbx_gene_src_scientific_name      'Homo sapiens' 
_entity_src_gen.pdbx_gene_src_ncbi_taxonomy_id     9606 
_entity_src_gen.pdbx_gene_src_variant              ? 
_entity_src_gen.pdbx_gene_src_cell_line            ? 
_entity_src_gen.pdbx_gene_src_atcc                 ? 
_entity_src_gen.pdbx_gene_src_organ                ? 
_entity_src_gen.pdbx_gene_src_organelle            ? 
_entity_src_gen.pdbx_gene_src_cell                 ? 
_entity_src_gen.pdbx_gene_src_cellular_location    ? 
_entity_src_gen.host_org_common_name               ? 
_entity_src_gen.pdbx_host_org_scientific_name      'Escherichia coli' 
_entity_src_gen.pdbx_host_org_ncbi_taxonomy_id     562 
_entity_src_gen.host_org_genus                     ? 
_entity_src_gen.pdbx_host_org_gene                 ? 
_entity_src_gen.pdbx_host_org_organ                ? 
_entity_src_gen.host_org_species                   ? 
_entity_src_gen.pdbx_host_org_tissue               ? 
_entity_src_gen.pdbx_host_org_tissue_fraction      ? 
_entity_src_gen.pdbx_host_org_strain               ? 
_entity_src_gen.pdbx_host_org_variant              ? 
_entity_src_gen.pdbx_host_org_cell_line            ? 
_entity_src_gen.pdbx_host_org_atcc                 ? 
_entity_src_gen.pdbx_host_org_culture_collection   ? 
_entity_src_gen.pdbx_host_org_cell                 ? 
_entity_src_gen.pdbx_host_org_organelle            ? 
_entity_src_gen.pdbx_host_org_cellular_location    ? 
_entity_src_gen.pdbx_host_org_vector_type          ? 
_entity_src_gen.pdbx_host_org_vector               ? 
_entity_src_gen.host_org_details                   ? 
_entity_src_gen.expression_system_id               ? 
_entity_src_gen.plasmid_name                       ? 
_entity_src_gen.plasmid_details                    ? 
_entity_src_gen.pdbx_description                   ? 
# 
loop_
_chem_comp.id 
_chem_comp.type 
_chem_comp.mon_nstd_flag 
_chem_comp.name 
_chem_comp.pdbx_synonyms 
_chem_comp.formula 
_chem_comp.formula_weight 
ALA 'L-peptide linking' y ALANINE         ? 'C3 H7 N O2'     89.093  
ARG 'L-peptide linking' y ARGININE        ? 'C6 H15 N4 O2 1' 175.209 
ASN 'L-peptide linking' y ASPARAGINE      ? 'C4 H8 N2 O3'    132.118 
ASP 'L-peptide linking' y 'ASPARTIC ACID' ? 'C4 H7 N O4'     133.103 
CYS 'L-peptide linking' y CYSTEINE        ? 'C3 H7 N O2 S'   121.158 
GLN 'L-peptide linking' y GLUTAMINE       ? 'C5 H10 N2 O3'   146.144 
GLU 'L-peptide linking' y 'GLUTAMIC ACID' ? 'C5 H9 N O4'     147.129 
GLY 'peptide linking'   y GLYCINE         ? 'C2 H5 N O2'     75.067  
HIS 'L-peptide linking' y HISTIDINE       ? 'C6 H10 N3 O2 1' 156.162 
ILE 'L-peptide linking' y ISOLEUCINE      ? 'C6 H13 N O2'    131.173 
LEU 'L-peptide linking' y LEUCINE         ? 'C6 H13 N O2'    131.173 
LYS 'L-peptide linking' y LYSINE          ? 'C6 H15 N2 O2 1' 147.195 
MET 'L-peptide linking' y METHIONINE      ? 'C5 H11 N O2 S'  149.211 
PHE 'L-peptide linking' y PHENYLALANINE   ? 'C9 H11 N O2'    165.189 
PO4 non-polymer         . 'PHOSPHATE ION' ? 'O4 P -3'        94.971  
PRO 'L-peptide linking' y PROLINE         ? 'C5 H9 N O2'     115.130 
SER 'L-peptide linking' y SERINE          ? 'C3 H7 N O3'     105.093 
THR 'L-peptide linking' y THREONINE       ? 'C4 H9 N O3'     119.119 
TYR 'L-peptide linking' y TYROSINE        ? 'C9 H11 N O3'    181.189 
VAL 'L-peptide linking' y VALINE          ? 'C5 H11 N O2'    117.146 
# 
loop_
_pdbx_poly_seq_scheme.asym_id 
_pdbx_poly_seq_scheme.entity_id 
_pdbx_poly_seq_scheme.seq_id 
_pdbx_poly_seq_scheme.mon_id 
_pdbx_poly_seq_scheme.ndb_seq_num 
_pdbx_poly_seq_scheme.pdb_seq_num 
_pdbx_poly_seq_scheme.auth_seq_num 
_pdbx_poly_seq_scheme.pdb_mon_id 
_pdbx_poly_seq_scheme.auth_mon_id 
_pdbx_poly_seq_scheme.pdb_strand_id 
_pdbx_poly_seq_scheme.pdb_ins_code 
_pdbx_poly_seq_scheme.hetero 
A 1 1   GLY 1   7   ?   ?   ?   A . n 
A 1 2   SER 2   8   8   SER SER A . n 
A 1 3   HIS 3   9   9   HIS HIS A . n 
A 1 4   MET 4   10  10  MET MET A . n 
A 1 5   VAL 5   11  11  VAL VAL A . n 
A 1 6   GLY 6   12  12  GLY GLY A . n 
A 1 7   ARG 7   13  13  ARG ARG A . n 
A 1 8   GLU 8   14  14  GLU GLU A . n 
A 1 9   PHE 9   15  15  PHE PHE A . n 
A 1 10  VAL 10  16  16  VAL VAL A . n 
A 1 11  ARG 11  17  17  ARG ARG A . n 
A 1 12  GLN 12  18  18  GLN GLN A . n 
A 1 13  TYR 13  19  19  TYR TYR A . n 
A 1 14  TYR 14  20  20  TYR TYR A . n 
A 1 15  THR 15  21  21  THR THR A . n 
A 1 16  LEU 16  22  22  LEU LEU A . n 
A 1 17  LEU 17  23  23  LEU LEU A . n 
A 1 18  ASN 18  24  24  ASN ASN A . n 
A 1 19  GLN 19  25  25  GLN GLN A . n 
A 1 20  ALA 20  26  26  ALA ALA A . n 
A 1 21  PRO 21  27  27  PRO PRO A . n 
A 1 22  ASP 22  28  28  ASP ASP A . n 
A 1 23  MET 23  29  29  MET MET A . n 
A 1 24  LEU 24  30  30  LEU LEU A . n 
A 1 25  HIS 25  31  31  HIS HIS A . n 
A 1 26  ARG 26  32  32  ARG ARG A . n 
A 1 27  PHE 27  33  33  PHE PHE A . n 
A 1 28  TYR 28  34  34  TYR TYR A . n 
A 1 29  GLY 29  35  35  GLY GLY A . n 
A 1 30  LYS 30  36  36  LYS LYS A . n 
A 1 31  ASN 31  37  37  ASN ASN A . n 
A 1 32  SER 32  38  38  SER SER A . n 
A 1 33  SER 33  39  39  SER SER A . n 
A 1 34  TYR 34  40  40  TYR TYR A . n 
A 1 35  VAL 35  41  41  VAL VAL A . n 
A 1 36  HIS 36  42  42  HIS HIS A . n 
A 1 37  GLY 37  43  43  GLY GLY A . n 
A 1 38  GLY 38  44  44  GLY GLY A . n 
A 1 39  LEU 39  45  45  LEU LEU A . n 
A 1 40  ASP 40  46  46  ASP ASP A . n 
A 1 41  SER 41  47  47  SER SER A . n 
A 1 42  ASN 42  48  48  ASN ASN A . n 
A 1 43  GLY 43  49  49  GLY GLY A . n 
A 1 44  LYS 44  50  50  LYS LYS A . n 
A 1 45  PRO 45  51  51  PRO PRO A . n 
A 1 46  ALA 46  52  52  ALA ALA A . n 
A 1 47  ASP 47  53  53  ASP ASP A . n 
A 1 48  ALA 48  54  54  ALA ALA A . n 
A 1 49  VAL 49  55  55  VAL VAL A . n 
A 1 50  TYR 50  56  56  TYR TYR A . n 
A 1 51  GLY 51  57  57  GLY GLY A . n 
A 1 52  GLN 52  58  58  GLN GLN A . n 
A 1 53  LYS 53  59  59  LYS LYS A . n 
A 1 54  GLU 54  60  60  GLU GLU A . n 
A 1 55  ILE 55  61  61  ILE ILE A . n 
A 1 56  HIS 56  62  62  HIS HIS A . n 
A 1 57  ARG 57  63  63  ARG ARG A . n 
A 1 58  LYS 58  64  64  LYS LYS A . n 
A 1 59  VAL 59  65  65  VAL VAL A . n 
A 1 60  MET 60  66  66  MET MET A . n 
A 1 61  SER 61  67  67  SER SER A . n 
A 1 62  GLN 62  68  68  GLN GLN A . n 
A 1 63  ASN 63  69  69  ASN ASN A . n 
A 1 64  PHE 64  70  70  PHE PHE A . n 
A 1 65  THR 65  71  71  THR THR A . n 
A 1 66  ASN 66  72  72  ASN ASN A . n 
A 1 67  CYS 67  73  73  CYS CYS A . n 
A 1 68  HIS 68  74  74  HIS HIS A . n 
A 1 69  THR 69  75  75  THR THR A . n 
A 1 70  LYS 70  76  76  LYS LYS A . n 
A 1 71  ILE 71  77  77  ILE ILE A . n 
A 1 72  ARG 72  78  78  ARG ARG A . n 
A 1 73  HIS 73  79  79  HIS HIS A . n 
A 1 74  VAL 74  80  80  VAL VAL A . n 
A 1 75  ASP 75  81  81  ASP ASP A . n 
A 1 76  ALA 76  82  82  ALA ALA A . n 
A 1 77  HIS 77  83  83  HIS HIS A . n 
A 1 78  ALA 78  84  84  ALA ALA A . n 
A 1 79  THR 79  85  85  THR THR A . n 
A 1 80  LEU 80  86  86  LEU LEU A . n 
A 1 81  ASN 81  87  87  ASN ASN A . n 
A 1 82  ASP 82  88  88  ASP ASP A . n 
A 1 83  GLY 83  89  89  GLY GLY A . n 
A 1 84  VAL 84  90  90  VAL VAL A . n 
A 1 85  VAL 85  91  91  VAL VAL A . n 
A 1 86  VAL 86  92  92  VAL VAL A . n 
A 1 87  GLN 87  93  93  GLN GLN A . n 
A 1 88  VAL 88  94  94  VAL VAL A . n 
A 1 89  MET 89  95  95  MET MET A . n 
A 1 90  GLY 90  96  96  GLY GLY A . n 
A 1 91  LEU 91  97  97  LEU LEU A . n 
A 1 92  LEU 92  98  98  LEU LEU A . n 
A 1 93  SER 93  99  99  SER SER A . n 
A 1 94  ASN 94  100 100 ASN ASN A . n 
A 1 95  ASN 95  101 101 ASN ASN A . n 
A 1 96  ASN 96  102 102 ASN ASN A . n 
A 1 97  GLN 97  103 103 GLN GLN A . n 
A 1 98  ALA 98  104 104 ALA ALA A . n 
A 1 99  LEU 99  105 105 LEU LEU A . n 
A 1 100 ARG 100 106 106 ARG ARG A . n 
A 1 101 ARG 101 107 107 ARG ARG A . n 
A 1 102 PHE 102 108 108 PHE PHE A . n 
A 1 103 MET 103 109 109 MET MET A . n 
A 1 104 GLN 104 110 110 GLN GLN A . n 
A 1 105 THR 105 111 111 THR THR A . n 
A 1 106 PHE 106 112 112 PHE PHE A . n 
A 1 107 VAL 107 113 113 VAL VAL A . n 
A 1 108 LEU 108 114 114 LEU LEU A . n 
A 1 109 ALA 109 115 115 ALA ALA A . n 
A 1 110 PRO 110 116 116 PRO PRO A . n 
A 1 111 GLU 111 117 117 GLU GLU A . n 
A 1 112 GLY 112 118 118 GLY GLY A . n 
A 1 113 SER 113 119 119 SER SER A . n 
A 1 114 VAL 114 120 120 VAL VAL A . n 
A 1 115 ALA 115 121 121 ALA ALA A . n 
A 1 116 ASN 116 122 122 ASN ASN A . n 
A 1 117 LYS 117 123 123 LYS LYS A . n 
A 1 118 PHE 118 124 124 PHE PHE A . n 
A 1 119 TYR 119 125 125 TYR TYR A . n 
A 1 120 VAL 120 126 126 VAL VAL A . n 
A 1 121 HIS 121 127 127 HIS HIS A . n 
A 1 122 ASN 122 128 128 ASN ASN A . n 
A 1 123 ASP 123 129 129 ASP ASP A . n 
A 1 124 ILE 124 130 130 ILE ILE A . n 
A 1 125 PHE 125 131 131 PHE PHE A . n 
A 1 126 ARG 126 132 132 ARG ARG A . n 
A 1 127 TYR 127 133 133 TYR TYR A . n 
A 1 128 GLN 128 134 134 GLN GLN A . n 
A 1 129 ASP 129 135 135 ASP ASP A . n 
A 1 130 GLU 130 136 136 GLU GLU A . n 
A 1 131 VAL 131 137 137 VAL VAL A . n 
A 1 132 PHE 132 138 138 PHE PHE A . n 
A 1 133 GLY 133 139 ?   ?   ?   A . n 
# 
_pdbx_nonpoly_scheme.asym_id         B 
_pdbx_nonpoly_scheme.entity_id       2 
_pdbx_nonpoly_scheme.mon_id          PO4 
_pdbx_nonpoly_scheme.ndb_seq_num     1 
_pdbx_nonpoly_scheme.pdb_seq_num     201 
_pdbx_nonpoly_scheme.auth_seq_num    1 
_pdbx_nonpoly_scheme.pdb_mon_id      PO4 
_pdbx_nonpoly_scheme.auth_mon_id     PO4 
_pdbx_nonpoly_scheme.pdb_strand_id   A 
_pdbx_nonpoly_scheme.pdb_ins_code    . 
# 
loop_
_software.name 
_software.classification 
_software.version 
_software.citation_id 
_software.pdbx_ordinal 
MAR345  'data collection' .                             ? 1 
AutoSol phasing           .                             ? 2 
PHASER  phasing           .                             ? 3 
PHENIX  refinement        '(phenix.refine: 1.8.1_1168)' ? 4 
XDS     'data reduction'  .                             ? 5 
xia2    'data reduction'  .                             ? 6 
XDS     'data scaling'    .                             ? 7 
xia2    'data scaling'    .                             ? 8 
# 
_cell.entry_id           4IIA 
_cell.length_a           89.397 
_cell.length_b           89.397 
_cell.length_c           70.136 
_cell.angle_alpha        90.00 
_cell.angle_beta         90.00 
_cell.angle_gamma        120.00 
_cell.Z_PDB              12 
_cell.pdbx_unique_axis   ? 
_cell.length_a_esd       ? 
_cell.length_b_esd       ? 
_cell.length_c_esd       ? 
_cell.angle_alpha_esd    ? 
_cell.angle_beta_esd     ? 
_cell.angle_gamma_esd    ? 
# 
_symmetry.entry_id                         4IIA 
_symmetry.space_group_name_H-M             'P 63 2 2' 
_symmetry.pdbx_full_space_group_name_H-M   ? 
_symmetry.cell_setting                     ? 
_symmetry.Int_Tables_number                182 
_symmetry.space_group_name_Hall            ? 
# 
_exptl.entry_id          4IIA 
_exptl.method            'X-RAY DIFFRACTION' 
_exptl.crystals_number   1 
# 
_exptl_crystal.id                    1 
_exptl_crystal.density_meas          ? 
_exptl_crystal.density_Matthews      2.66 
_exptl_crystal.density_percent_sol   53.83 
_exptl_crystal.description           ? 
_exptl_crystal.F_000                 ? 
_exptl_crystal.preparation           ? 
# 
_exptl_crystal_grow.crystal_id      1 
_exptl_crystal_grow.method          'VAPOR DIFFUSION, HANGING DROP' 
_exptl_crystal_grow.temp            293 
_exptl_crystal_grow.temp_details    ? 
_exptl_crystal_grow.pH              8.0 
_exptl_crystal_grow.pdbx_pH_range   ? 
_exptl_crystal_grow.pdbx_details    
'1.6 M diammonium phosphate, 0.1 M MOPS, pH 8.0, VAPOR DIFFUSION, HANGING DROP, temperature 293K' 
# 
_diffrn.id                     1 
_diffrn.ambient_temp           100 
_diffrn.ambient_temp_details   ? 
_diffrn.crystal_id             1 
# 
_diffrn_detector.diffrn_id              1 
_diffrn_detector.detector               CCD 
_diffrn_detector.type                   'MAR CCD 165 mm' 
_diffrn_detector.pdbx_collection_date   2010-05-27 
_diffrn_detector.details                ? 
# 
_diffrn_radiation.diffrn_id                        1 
_diffrn_radiation.wavelength_id                    1 
_diffrn_radiation.pdbx_monochromatic_or_laue_m_l   M 
_diffrn_radiation.monochromator                    'BENT SI (111) CRYSTAL' 
_diffrn_radiation.pdbx_diffrn_protocol             'SINGLE WAVELENGTH' 
_diffrn_radiation.pdbx_scattering_type             x-ray 
# 
_diffrn_radiation_wavelength.id           1 
_diffrn_radiation_wavelength.wavelength   1.04 
_diffrn_radiation_wavelength.wt           1.0 
# 
_diffrn_source.diffrn_id                   1 
_diffrn_source.source                      SYNCHROTRON 
_diffrn_source.type                        'MAX II BEAMLINE I911-2' 
_diffrn_source.pdbx_synchrotron_site       'MAX II' 
_diffrn_source.pdbx_synchrotron_beamline   I911-2 
_diffrn_source.pdbx_wavelength             ? 
_diffrn_source.pdbx_wavelength_list        1.04 
# 
_reflns.pdbx_diffrn_id               1 
_reflns.pdbx_ordinal                 1 
_reflns.entry_id                     4IIA 
_reflns.observed_criterion_sigma_I   0 
_reflns.observed_criterion_sigma_F   0 
_reflns.d_resolution_low             29.35 
_reflns.d_resolution_high            3.3 
_reflns.number_obs                   2719 
_reflns.number_all                   ? 
_reflns.percent_possible_obs         98.7 
_reflns.pdbx_Rmerge_I_obs            0.085 
_reflns.pdbx_Rsym_value              0.085 
_reflns.pdbx_netI_over_sigmaI        15.7 
_reflns.B_iso_Wilson_estimate        121.6 
_reflns.pdbx_redundancy              10 
_reflns.R_free_details               ? 
_reflns.limit_h_max                  ? 
_reflns.limit_h_min                  ? 
_reflns.limit_k_max                  ? 
_reflns.limit_k_min                  ? 
_reflns.limit_l_max                  ? 
_reflns.limit_l_min                  ? 
_reflns.observed_criterion_F_max     ? 
_reflns.observed_criterion_F_min     ? 
_reflns.pdbx_chi_squared             ? 
_reflns.pdbx_scaling_rejects         ? 
# 
_reflns_shell.pdbx_diffrn_id         1 
_reflns_shell.pdbx_ordinal           1 
_reflns_shell.d_res_high             3.30 
_reflns_shell.d_res_low              3.39 
_reflns_shell.percent_possible_all   99.1 
_reflns_shell.Rmerge_I_obs           ? 
_reflns_shell.pdbx_Rsym_value        ? 
_reflns_shell.meanI_over_sigI_obs    1.5 
_reflns_shell.pdbx_redundancy        10.1 
_reflns_shell.percent_possible_obs   ? 
_reflns_shell.number_unique_all      ? 
_reflns_shell.number_measured_all    ? 
_reflns_shell.number_measured_obs    ? 
_reflns_shell.number_unique_obs      ? 
_reflns_shell.pdbx_chi_squared       ? 
# 
_refine.pdbx_refine_id                           'X-RAY DIFFRACTION' 
_refine.entry_id                                 4IIA 
_refine.pdbx_diffrn_id                           1 
_refine.pdbx_TLS_residual_ADP_flag               ? 
_refine.ls_number_reflns_obs                     2719 
_refine.ls_number_reflns_all                     ? 
_refine.pdbx_ls_sigma_I                          ? 
_refine.pdbx_ls_sigma_F                          1.35 
_refine.pdbx_data_cutoff_high_absF               ? 
_refine.pdbx_data_cutoff_low_absF                ? 
_refine.pdbx_data_cutoff_high_rms_absF           ? 
_refine.ls_d_res_low                             27.006 
_refine.ls_d_res_high                            3.300 
_refine.ls_percent_reflns_obs                    98.98 
_refine.ls_R_factor_obs                          0.3111 
_refine.ls_R_factor_all                          ? 
_refine.ls_R_factor_R_work                       0.3016 
_refine.ls_R_factor_R_free                       0.3595 
_refine.ls_R_factor_R_free_error                 ? 
_refine.ls_R_factor_R_free_error_details         ? 
_refine.ls_percent_reflns_R_free                 15.01 
_refine.ls_number_reflns_R_free                  408 
_refine.ls_number_parameters                     ? 
_refine.ls_number_restraints                     ? 
_refine.occupancy_min                            ? 
_refine.occupancy_max                            ? 
_refine.correlation_coeff_Fo_to_Fc               ? 
_refine.correlation_coeff_Fo_to_Fc_free          ? 
_refine.B_iso_mean                               ? 
_refine.aniso_B[1][1]                            ? 
_refine.aniso_B[2][2]                            ? 
_refine.aniso_B[3][3]                            ? 
_refine.aniso_B[1][2]                            ? 
_refine.aniso_B[1][3]                            ? 
_refine.aniso_B[2][3]                            ? 
_refine.solvent_model_details                    'FLAT BULK SOLVENT MODEL' 
_refine.solvent_model_param_ksol                 ? 
_refine.solvent_model_param_bsol                 ? 
_refine.pdbx_solvent_vdw_probe_radii             1.11 
_refine.pdbx_solvent_ion_probe_radii             ? 
_refine.pdbx_solvent_shrinkage_radii             0.90 
_refine.pdbx_ls_cross_valid_method               ? 
_refine.details                                  ? 
_refine.pdbx_starting_model                      ? 
_refine.pdbx_method_to_determine_struct          'SIRAS and MR' 
_refine.pdbx_isotropic_thermal_model             ? 
_refine.pdbx_stereochemistry_target_values       MLHL 
_refine.pdbx_stereochem_target_val_spec_case     ? 
_refine.pdbx_R_Free_selection_details            ? 
_refine.pdbx_overall_ESU_R                       ? 
_refine.pdbx_overall_ESU_R_Free                  ? 
_refine.overall_SU_ML                            0.30 
_refine.pdbx_overall_phase_error                 48.00 
_refine.overall_SU_B                             ? 
_refine.overall_SU_R_Cruickshank_DPI             ? 
_refine.pdbx_overall_SU_R_free_Cruickshank_DPI   ? 
_refine.pdbx_overall_SU_R_Blow_DPI               ? 
_refine.pdbx_overall_SU_R_free_Blow_DPI          ? 
_refine.ls_redundancy_reflns_obs                 ? 
_refine.B_iso_min                                ? 
_refine.B_iso_max                                ? 
_refine.overall_SU_R_free                        ? 
_refine.ls_wR_factor_R_free                      ? 
_refine.ls_wR_factor_R_work                      ? 
_refine.overall_FOM_free_R_set                   ? 
_refine.overall_FOM_work_R_set                   ? 
# 
_refine_hist.pdbx_refine_id                   'X-RAY DIFFRACTION' 
_refine_hist.cycle_id                         LAST 
_refine_hist.pdbx_number_atoms_protein        1060 
_refine_hist.pdbx_number_atoms_nucleic_acid   0 
_refine_hist.pdbx_number_atoms_ligand         5 
_refine_hist.number_atoms_solvent             0 
_refine_hist.number_atoms_total               1065 
_refine_hist.d_res_high                       3.300 
_refine_hist.d_res_low                        27.006 
# 
loop_
_refine_ls_restr.type 
_refine_ls_restr.dev_ideal 
_refine_ls_restr.dev_ideal_target 
_refine_ls_restr.weight 
_refine_ls_restr.number 
_refine_ls_restr.pdbx_refine_id 
_refine_ls_restr.pdbx_restraint_function 
f_bond_d           0.006  ? ? 1091 'X-RAY DIFFRACTION' ? 
f_angle_d          0.551  ? ? 1468 'X-RAY DIFFRACTION' ? 
f_dihedral_angle_d 10.117 ? ? 392  'X-RAY DIFFRACTION' ? 
f_chiral_restr     0.044  ? ? 153  'X-RAY DIFFRACTION' ? 
f_plane_restr      0.001  ? ? 194  'X-RAY DIFFRACTION' ? 
# 
loop_
_refine_ls_shell.pdbx_refine_id 
_refine_ls_shell.pdbx_total_number_of_bins_used 
_refine_ls_shell.d_res_high 
_refine_ls_shell.d_res_low 
_refine_ls_shell.number_reflns_R_work 
_refine_ls_shell.R_factor_R_work 
_refine_ls_shell.percent_reflns_obs 
_refine_ls_shell.R_factor_R_free 
_refine_ls_shell.R_factor_R_free_error 
_refine_ls_shell.percent_reflns_R_free 
_refine_ls_shell.number_reflns_R_free 
_refine_ls_shell.number_reflns_all 
_refine_ls_shell.R_factor_all 
_refine_ls_shell.redundancy_reflns_obs 
_refine_ls_shell.number_reflns_obs 
'X-RAY DIFFRACTION' . 3.3000 3.7764  748 0.4326 99.00  0.5687 . . 130 . . . . 
'X-RAY DIFFRACTION' . 3.7764 4.7537  742 0.3328 98.00  0.3747 . . 135 . . . . 
'X-RAY DIFFRACTION' . 4.7537 27.0067 821 0.2665 100.00 0.3194 . . 143 . . . . 
# 
_struct.entry_id                  4IIA 
_struct.title                     'Low resolution crystal structure of the NTF2-like domain of human G3BP1' 
_struct.pdbx_model_details        ? 
_struct.pdbx_CASP_flag            ? 
_struct.pdbx_model_type_details   ? 
# 
_struct_keywords.entry_id        4IIA 
_struct_keywords.pdbx_keywords   HYDROLASE 
_struct_keywords.text            'NTF2-LIKE DOMAIN, HYDROLASE' 
# 
loop_
_struct_asym.id 
_struct_asym.pdbx_blank_PDB_chainid_flag 
_struct_asym.pdbx_modified 
_struct_asym.entity_id 
_struct_asym.details 
A N N 1 ? 
B N N 2 ? 
# 
_struct_ref.id                         1 
_struct_ref.db_name                    UNP 
_struct_ref.db_code                    G3BP1_HUMAN 
_struct_ref.pdbx_db_accession          Q13283 
_struct_ref.entity_id                  1 
_struct_ref.pdbx_seq_one_letter_code   
;VGREFVRQYYTLLNQAPDMLHRFYGKNSSYVHGGLDSNGKPADAVYGQKEIHRKVMSQNFTNCHTKIRHVDAHATLNDGV
VVQVMGLLSNNNQALRRFMQTFVLAPEGSVANKFYVHNDIFRYQDEVFG
;
_struct_ref.pdbx_align_begin           11 
_struct_ref.pdbx_db_isoform            ? 
# 
_struct_ref_seq.align_id                      1 
_struct_ref_seq.ref_id                        1 
_struct_ref_seq.pdbx_PDB_id_code              4IIA 
_struct_ref_seq.pdbx_strand_id                A 
_struct_ref_seq.seq_align_beg                 5 
_struct_ref_seq.pdbx_seq_align_beg_ins_code   ? 
_struct_ref_seq.seq_align_end                 133 
_struct_ref_seq.pdbx_seq_align_end_ins_code   ? 
_struct_ref_seq.pdbx_db_accession             Q13283 
_struct_ref_seq.db_align_beg                  11 
_struct_ref_seq.pdbx_db_align_beg_ins_code    ? 
_struct_ref_seq.db_align_end                  139 
_struct_ref_seq.pdbx_db_align_end_ins_code    ? 
_struct_ref_seq.pdbx_auth_seq_align_beg       11 
_struct_ref_seq.pdbx_auth_seq_align_end       139 
# 
loop_
_struct_ref_seq_dif.align_id 
_struct_ref_seq_dif.pdbx_pdb_id_code 
_struct_ref_seq_dif.mon_id 
_struct_ref_seq_dif.pdbx_pdb_strand_id 
_struct_ref_seq_dif.seq_num 
_struct_ref_seq_dif.pdbx_pdb_ins_code 
_struct_ref_seq_dif.pdbx_seq_db_name 
_struct_ref_seq_dif.pdbx_seq_db_accession_code 
_struct_ref_seq_dif.db_mon_id 
_struct_ref_seq_dif.pdbx_seq_db_seq_num 
_struct_ref_seq_dif.details 
_struct_ref_seq_dif.pdbx_auth_seq_num 
_struct_ref_seq_dif.pdbx_ordinal 
1 4IIA GLY A 1 ? UNP Q13283 ? ? 'expression tag' 7  1 
1 4IIA SER A 2 ? UNP Q13283 ? ? 'expression tag' 8  2 
1 4IIA HIS A 3 ? UNP Q13283 ? ? 'expression tag' 9  3 
1 4IIA MET A 4 ? UNP Q13283 ? ? 'expression tag' 10 4 
# 
_pdbx_struct_assembly.id                   1 
_pdbx_struct_assembly.details              author_and_software_defined_assembly 
_pdbx_struct_assembly.method_details       PISA 
_pdbx_struct_assembly.oligomeric_details   dimeric 
_pdbx_struct_assembly.oligomeric_count     2 
# 
loop_
_pdbx_struct_assembly_prop.biol_id 
_pdbx_struct_assembly_prop.type 
_pdbx_struct_assembly_prop.value 
_pdbx_struct_assembly_prop.details 
1 'ABSA (A^2)' 2690  ? 
1 MORE         -19   ? 
1 'SSA (A^2)'  13150 ? 
# 
_pdbx_struct_assembly_gen.assembly_id       1 
_pdbx_struct_assembly_gen.oper_expression   1,2 
_pdbx_struct_assembly_gen.asym_id_list      A,B 
# 
loop_
_pdbx_struct_oper_list.id 
_pdbx_struct_oper_list.type 
_pdbx_struct_oper_list.name 
_pdbx_struct_oper_list.symmetry_operation 
_pdbx_struct_oper_list.matrix[1][1] 
_pdbx_struct_oper_list.matrix[1][2] 
_pdbx_struct_oper_list.matrix[1][3] 
_pdbx_struct_oper_list.vector[1] 
_pdbx_struct_oper_list.matrix[2][1] 
_pdbx_struct_oper_list.matrix[2][2] 
_pdbx_struct_oper_list.matrix[2][3] 
_pdbx_struct_oper_list.vector[2] 
_pdbx_struct_oper_list.matrix[3][1] 
_pdbx_struct_oper_list.matrix[3][2] 
_pdbx_struct_oper_list.matrix[3][3] 
_pdbx_struct_oper_list.vector[3] 
1 'identity operation'         1_555  x,y,z        1.0000000000 0.0000000000 0.0000000000 0.0000000000 0.0000000000 1.0000000000  0.0000000000 0.0000000000  0.0000000000 0.0000000000 1.0000000000  0.0000000000   
2 'crystal symmetry operation' 12_554 x,x-y,-z-1/2 0.8979930171 0.3130320254 0.3092240164 4.5712518423 0.3130320254 -0.9483722817 0.0509996714 -9.2918467580 0.3092240164 0.0509996714 -0.9496207354 -18.6517157754 
# 
loop_
_struct_conf.conf_type_id 
_struct_conf.id 
_struct_conf.pdbx_PDB_helix_id 
_struct_conf.beg_label_comp_id 
_struct_conf.beg_label_asym_id 
_struct_conf.beg_label_seq_id 
_struct_conf.pdbx_beg_PDB_ins_code 
_struct_conf.end_label_comp_id 
_struct_conf.end_label_asym_id 
_struct_conf.end_label_seq_id 
_struct_conf.pdbx_end_PDB_ins_code 
_struct_conf.beg_auth_comp_id 
_struct_conf.beg_auth_asym_id 
_struct_conf.beg_auth_seq_id 
_struct_conf.end_auth_comp_id 
_struct_conf.end_auth_asym_id 
_struct_conf.end_auth_seq_id 
_struct_conf.pdbx_PDB_helix_class 
_struct_conf.details 
_struct_conf.pdbx_PDB_helix_length 
HELX_P HELX_P1 1 GLY A 6  ? ALA A 20 ? GLY A 12  ALA A 26  1 ? 15 
HELX_P HELX_P2 2 PRO A 21 ? ARG A 26 ? PRO A 27  ARG A 32  5 ? 6  
HELX_P HELX_P3 3 GLY A 51 ? ASN A 63 ? GLY A 57  ASN A 69  1 ? 13 
HELX_P HELX_P4 4 THR A 79 ? GLY A 83 ? THR A 85  GLY A 89  5 ? 5  
HELX_P HELX_P5 5 ASN A 94 ? GLN A 97 ? ASN A 100 GLN A 103 5 ? 4  
# 
_struct_conf_type.id          HELX_P 
_struct_conf_type.criteria    ? 
_struct_conf_type.reference   ? 
# 
loop_
_struct_mon_prot_cis.pdbx_id 
_struct_mon_prot_cis.label_comp_id 
_struct_mon_prot_cis.label_seq_id 
_struct_mon_prot_cis.label_asym_id 
_struct_mon_prot_cis.label_alt_id 
_struct_mon_prot_cis.pdbx_PDB_ins_code 
_struct_mon_prot_cis.auth_comp_id 
_struct_mon_prot_cis.auth_seq_id 
_struct_mon_prot_cis.auth_asym_id 
_struct_mon_prot_cis.pdbx_label_comp_id_2 
_struct_mon_prot_cis.pdbx_label_seq_id_2 
_struct_mon_prot_cis.pdbx_label_asym_id_2 
_struct_mon_prot_cis.pdbx_PDB_ins_code_2 
_struct_mon_prot_cis.pdbx_auth_comp_id_2 
_struct_mon_prot_cis.pdbx_auth_seq_id_2 
_struct_mon_prot_cis.pdbx_auth_asym_id_2 
_struct_mon_prot_cis.pdbx_PDB_model_num 
_struct_mon_prot_cis.pdbx_omega_angle 
1 GLY 37  A . ? GLY 43  A GLY 38  A ? GLY 44  A 1 3.99  
2 GLY 38  A . ? GLY 44  A LEU 39  A ? LEU 45  A 1 3.88  
3 LEU 39  A . ? LEU 45  A ASP 40  A ? ASP 46  A 1 -2.64 
4 ASP 40  A . ? ASP 46  A SER 41  A ? SER 47  A 1 -2.43 
5 ASN 116 A . ? ASN 122 A LYS 117 A ? LYS 123 A 1 5.20  
# 
_struct_sheet.id               A 
_struct_sheet.type             ? 
_struct_sheet.number_strands   6 
_struct_sheet.details          ? 
# 
loop_
_struct_sheet_order.sheet_id 
_struct_sheet_order.range_id_1 
_struct_sheet_order.range_id_2 
_struct_sheet_order.offset 
_struct_sheet_order.sense 
A 1 2 ? anti-parallel 
A 2 3 ? parallel      
A 3 4 ? anti-parallel 
A 4 5 ? anti-parallel 
A 5 6 ? anti-parallel 
# 
loop_
_struct_sheet_range.sheet_id 
_struct_sheet_range.id 
_struct_sheet_range.beg_label_comp_id 
_struct_sheet_range.beg_label_asym_id 
_struct_sheet_range.beg_label_seq_id 
_struct_sheet_range.pdbx_beg_PDB_ins_code 
_struct_sheet_range.end_label_comp_id 
_struct_sheet_range.end_label_asym_id 
_struct_sheet_range.end_label_seq_id 
_struct_sheet_range.pdbx_end_PDB_ins_code 
_struct_sheet_range.beg_auth_comp_id 
_struct_sheet_range.beg_auth_asym_id 
_struct_sheet_range.beg_auth_seq_id 
_struct_sheet_range.end_auth_comp_id 
_struct_sheet_range.end_auth_asym_id 
_struct_sheet_range.end_auth_seq_id 
A 1 VAL A 49  ? TYR A 50  ? VAL A 55  TYR A 56  
A 2 TYR A 28  ? VAL A 35  ? TYR A 34  VAL A 41  
A 3 TYR A 119 ? TYR A 127 ? TYR A 125 TYR A 133 
A 4 ARG A 100 ? ALA A 109 ? ARG A 106 ALA A 115 
A 5 VAL A 84  ? SER A 93  ? VAL A 90  SER A 99  
A 6 HIS A 68  ? ALA A 76  ? HIS A 74  ALA A 82  
# 
loop_
_pdbx_struct_sheet_hbond.sheet_id 
_pdbx_struct_sheet_hbond.range_id_1 
_pdbx_struct_sheet_hbond.range_id_2 
_pdbx_struct_sheet_hbond.range_1_label_atom_id 
_pdbx_struct_sheet_hbond.range_1_label_comp_id 
_pdbx_struct_sheet_hbond.range_1_label_asym_id 
_pdbx_struct_sheet_hbond.range_1_label_seq_id 
_pdbx_struct_sheet_hbond.range_1_PDB_ins_code 
_pdbx_struct_sheet_hbond.range_1_auth_atom_id 
_pdbx_struct_sheet_hbond.range_1_auth_comp_id 
_pdbx_struct_sheet_hbond.range_1_auth_asym_id 
_pdbx_struct_sheet_hbond.range_1_auth_seq_id 
_pdbx_struct_sheet_hbond.range_2_label_atom_id 
_pdbx_struct_sheet_hbond.range_2_label_comp_id 
_pdbx_struct_sheet_hbond.range_2_label_asym_id 
_pdbx_struct_sheet_hbond.range_2_label_seq_id 
_pdbx_struct_sheet_hbond.range_2_PDB_ins_code 
_pdbx_struct_sheet_hbond.range_2_auth_atom_id 
_pdbx_struct_sheet_hbond.range_2_auth_comp_id 
_pdbx_struct_sheet_hbond.range_2_auth_asym_id 
_pdbx_struct_sheet_hbond.range_2_auth_seq_id 
A 1 2 O VAL A 49  ? O VAL A 55  N TYR A 34  ? N TYR A 40  
A 2 3 N SER A 33  ? N SER A 39  O ASP A 123 ? O ASP A 129 
A 3 4 O HIS A 121 ? O HIS A 127 N VAL A 107 ? N VAL A 113 
A 4 5 O GLN A 104 ? O GLN A 110 N VAL A 88  ? N VAL A 94  
A 5 6 O MET A 89  ? O MET A 95  N HIS A 73  ? N HIS A 79  
# 
_struct_site.id                   AC1 
_struct_site.pdbx_evidence_code   Software 
_struct_site.pdbx_auth_asym_id    A 
_struct_site.pdbx_auth_comp_id    PO4 
_struct_site.pdbx_auth_seq_id     201 
_struct_site.pdbx_auth_ins_code   ? 
_struct_site.pdbx_num_residues    6 
_struct_site.details              'BINDING SITE FOR RESIDUE PO4 A 201' 
# 
loop_
_struct_site_gen.id 
_struct_site_gen.site_id 
_struct_site_gen.pdbx_num_res 
_struct_site_gen.label_comp_id 
_struct_site_gen.label_asym_id 
_struct_site_gen.label_seq_id 
_struct_site_gen.pdbx_auth_ins_code 
_struct_site_gen.auth_comp_id 
_struct_site_gen.auth_asym_id 
_struct_site_gen.auth_seq_id 
_struct_site_gen.label_atom_id 
_struct_site_gen.label_alt_id 
_struct_site_gen.symmetry 
_struct_site_gen.details 
1 AC1 6 ARG A 101 ? ARG A 107 . ? 11_654 ? 
2 AC1 6 ARG A 101 ? ARG A 107 . ? 3_665  ? 
3 AC1 6 ARG A 101 ? ARG A 107 . ? 1_555  ? 
4 AC1 6 ARG A 101 ? ARG A 107 . ? 10_664 ? 
5 AC1 6 ARG A 101 ? ARG A 107 . ? 12_554 ? 
6 AC1 6 ARG A 101 ? ARG A 107 . ? 2_655  ? 
# 
loop_
_pdbx_validate_symm_contact.id 
_pdbx_validate_symm_contact.PDB_model_num 
_pdbx_validate_symm_contact.auth_atom_id_1 
_pdbx_validate_symm_contact.auth_asym_id_1 
_pdbx_validate_symm_contact.auth_comp_id_1 
_pdbx_validate_symm_contact.auth_seq_id_1 
_pdbx_validate_symm_contact.PDB_ins_code_1 
_pdbx_validate_symm_contact.label_alt_id_1 
_pdbx_validate_symm_contact.site_symmetry_1 
_pdbx_validate_symm_contact.auth_atom_id_2 
_pdbx_validate_symm_contact.auth_asym_id_2 
_pdbx_validate_symm_contact.auth_comp_id_2 
_pdbx_validate_symm_contact.auth_seq_id_2 
_pdbx_validate_symm_contact.PDB_ins_code_2 
_pdbx_validate_symm_contact.label_alt_id_2 
_pdbx_validate_symm_contact.site_symmetry_2 
_pdbx_validate_symm_contact.dist 
1 1 SD A MET 109 ? ? 1_555 CE A MET 109 ? ? 12_554 1.79 
2 1 CG A MET 109 ? ? 1_555 SD A MET 109 ? ? 12_554 1.80 
# 
_pdbx_validate_rmsd_angle.id                         1 
_pdbx_validate_rmsd_angle.PDB_model_num              1 
_pdbx_validate_rmsd_angle.auth_atom_id_1             CB 
_pdbx_validate_rmsd_angle.auth_asym_id_1             A 
_pdbx_validate_rmsd_angle.auth_comp_id_1             MET 
_pdbx_validate_rmsd_angle.auth_seq_id_1              109 
_pdbx_validate_rmsd_angle.PDB_ins_code_1             ? 
_pdbx_validate_rmsd_angle.label_alt_id_1             ? 
_pdbx_validate_rmsd_angle.auth_atom_id_2             CG 
_pdbx_validate_rmsd_angle.auth_asym_id_2             A 
_pdbx_validate_rmsd_angle.auth_comp_id_2             MET 
_pdbx_validate_rmsd_angle.auth_seq_id_2              109 
_pdbx_validate_rmsd_angle.PDB_ins_code_2             ? 
_pdbx_validate_rmsd_angle.label_alt_id_2             ? 
_pdbx_validate_rmsd_angle.auth_atom_id_3             SD 
_pdbx_validate_rmsd_angle.auth_asym_id_3             A 
_pdbx_validate_rmsd_angle.auth_comp_id_3             MET 
_pdbx_validate_rmsd_angle.auth_seq_id_3              109 
_pdbx_validate_rmsd_angle.PDB_ins_code_3             ? 
_pdbx_validate_rmsd_angle.label_alt_id_3             ? 
_pdbx_validate_rmsd_angle.angle_value                156.31 
_pdbx_validate_rmsd_angle.angle_target_value         112.40 
_pdbx_validate_rmsd_angle.angle_deviation            43.91 
_pdbx_validate_rmsd_angle.angle_standard_deviation   3.00 
_pdbx_validate_rmsd_angle.linker_flag                N 
# 
loop_
_pdbx_validate_torsion.id 
_pdbx_validate_torsion.PDB_model_num 
_pdbx_validate_torsion.auth_comp_id 
_pdbx_validate_torsion.auth_asym_id 
_pdbx_validate_torsion.auth_seq_id 
_pdbx_validate_torsion.PDB_ins_code 
_pdbx_validate_torsion.label_alt_id 
_pdbx_validate_torsion.phi 
_pdbx_validate_torsion.psi 
1  1 MET A 10  ? ? -86.78  34.28   
2  1 GLN A 25  ? ? -70.62  -76.27  
3  1 ASN A 48  ? ? -65.86  -90.60  
4  1 ASN A 69  ? ? 55.20   86.14   
5  1 PHE A 70  ? ? -86.65  49.28   
6  1 HIS A 83  ? ? -132.95 -122.75 
7  1 THR A 85  ? ? -140.09 -139.54 
8  1 VAL A 120 ? ? 67.56   -19.97  
9  1 PHE A 124 ? ? 57.03   -161.50 
10 1 VAL A 137 ? ? -132.50 -58.40  
# 
loop_
_pdbx_struct_special_symmetry.id 
_pdbx_struct_special_symmetry.PDB_model_num 
_pdbx_struct_special_symmetry.auth_asym_id 
_pdbx_struct_special_symmetry.auth_comp_id 
_pdbx_struct_special_symmetry.auth_seq_id 
_pdbx_struct_special_symmetry.PDB_ins_code 
_pdbx_struct_special_symmetry.label_asym_id 
_pdbx_struct_special_symmetry.label_comp_id 
_pdbx_struct_special_symmetry.label_seq_id 
1 1 A MET 109 ? A MET 103 
2 1 A PO4 201 ? B PO4 .   
3 1 A PO4 201 ? B PO4 .   
# 
loop_
_pdbx_unobs_or_zero_occ_residues.id 
_pdbx_unobs_or_zero_occ_residues.PDB_model_num 
_pdbx_unobs_or_zero_occ_residues.polymer_flag 
_pdbx_unobs_or_zero_occ_residues.occupancy_flag 
_pdbx_unobs_or_zero_occ_residues.auth_asym_id 
_pdbx_unobs_or_zero_occ_residues.auth_comp_id 
_pdbx_unobs_or_zero_occ_residues.auth_seq_id 
_pdbx_unobs_or_zero_occ_residues.PDB_ins_code 
_pdbx_unobs_or_zero_occ_residues.label_asym_id 
_pdbx_unobs_or_zero_occ_residues.label_comp_id 
_pdbx_unobs_or_zero_occ_residues.label_seq_id 
1 1 Y 1 A GLY 7   ? A GLY 1   
2 1 Y 1 A GLY 139 ? A GLY 133 
# 
loop_
_chem_comp_atom.comp_id 
_chem_comp_atom.atom_id 
_chem_comp_atom.type_symbol 
_chem_comp_atom.pdbx_aromatic_flag 
_chem_comp_atom.pdbx_stereo_config 
_chem_comp_atom.pdbx_ordinal 
ALA N    N N N 1   
ALA CA   C N S 2   
ALA C    C N N 3   
ALA O    O N N 4   
ALA CB   C N N 5   
ALA OXT  O N N 6   
ALA H    H N N 7   
ALA H2   H N N 8   
ALA HA   H N N 9   
ALA HB1  H N N 10  
ALA HB2  H N N 11  
ALA HB3  H N N 12  
ALA HXT  H N N 13  
ARG N    N N N 14  
ARG CA   C N S 15  
ARG C    C N N 16  
ARG O    O N N 17  
ARG CB   C N N 18  
ARG CG   C N N 19  
ARG CD   C N N 20  
ARG NE   N N N 21  
ARG CZ   C N N 22  
ARG NH1  N N N 23  
ARG NH2  N N N 24  
ARG OXT  O N N 25  
ARG H    H N N 26  
ARG H2   H N N 27  
ARG HA   H N N 28  
ARG HB2  H N N 29  
ARG HB3  H N N 30  
ARG HG2  H N N 31  
ARG HG3  H N N 32  
ARG HD2  H N N 33  
ARG HD3  H N N 34  
ARG HE   H N N 35  
ARG HH11 H N N 36  
ARG HH12 H N N 37  
ARG HH21 H N N 38  
ARG HH22 H N N 39  
ARG HXT  H N N 40  
ASN N    N N N 41  
ASN CA   C N S 42  
ASN C    C N N 43  
ASN O    O N N 44  
ASN CB   C N N 45  
ASN CG   C N N 46  
ASN OD1  O N N 47  
ASN ND2  N N N 48  
ASN OXT  O N N 49  
ASN H    H N N 50  
ASN H2   H N N 51  
ASN HA   H N N 52  
ASN HB2  H N N 53  
ASN HB3  H N N 54  
ASN HD21 H N N 55  
ASN HD22 H N N 56  
ASN HXT  H N N 57  
ASP N    N N N 58  
ASP CA   C N S 59  
ASP C    C N N 60  
ASP O    O N N 61  
ASP CB   C N N 62  
ASP CG   C N N 63  
ASP OD1  O N N 64  
ASP OD2  O N N 65  
ASP OXT  O N N 66  
ASP H    H N N 67  
ASP H2   H N N 68  
ASP HA   H N N 69  
ASP HB2  H N N 70  
ASP HB3  H N N 71  
ASP HD2  H N N 72  
ASP HXT  H N N 73  
CYS N    N N N 74  
CYS CA   C N R 75  
CYS C    C N N 76  
CYS O    O N N 77  
CYS CB   C N N 78  
CYS SG   S N N 79  
CYS OXT  O N N 80  
CYS H    H N N 81  
CYS H2   H N N 82  
CYS HA   H N N 83  
CYS HB2  H N N 84  
CYS HB3  H N N 85  
CYS HG   H N N 86  
CYS HXT  H N N 87  
GLN N    N N N 88  
GLN CA   C N S 89  
GLN C    C N N 90  
GLN O    O N N 91  
GLN CB   C N N 92  
GLN CG   C N N 93  
GLN CD   C N N 94  
GLN OE1  O N N 95  
GLN NE2  N N N 96  
GLN OXT  O N N 97  
GLN H    H N N 98  
GLN H2   H N N 99  
GLN HA   H N N 100 
GLN HB2  H N N 101 
GLN HB3  H N N 102 
GLN HG2  H N N 103 
GLN HG3  H N N 104 
GLN HE21 H N N 105 
GLN HE22 H N N 106 
GLN HXT  H N N 107 
GLU N    N N N 108 
GLU CA   C N S 109 
GLU C    C N N 110 
GLU O    O N N 111 
GLU CB   C N N 112 
GLU CG   C N N 113 
GLU CD   C N N 114 
GLU OE1  O N N 115 
GLU OE2  O N N 116 
GLU OXT  O N N 117 
GLU H    H N N 118 
GLU H2   H N N 119 
GLU HA   H N N 120 
GLU HB2  H N N 121 
GLU HB3  H N N 122 
GLU HG2  H N N 123 
GLU HG3  H N N 124 
GLU HE2  H N N 125 
GLU HXT  H N N 126 
GLY N    N N N 127 
GLY CA   C N N 128 
GLY C    C N N 129 
GLY O    O N N 130 
GLY OXT  O N N 131 
GLY H    H N N 132 
GLY H2   H N N 133 
GLY HA2  H N N 134 
GLY HA3  H N N 135 
GLY HXT  H N N 136 
HIS N    N N N 137 
HIS CA   C N S 138 
HIS C    C N N 139 
HIS O    O N N 140 
HIS CB   C N N 141 
HIS CG   C Y N 142 
HIS ND1  N Y N 143 
HIS CD2  C Y N 144 
HIS CE1  C Y N 145 
HIS NE2  N Y N 146 
HIS OXT  O N N 147 
HIS H    H N N 148 
HIS H2   H N N 149 
HIS HA   H N N 150 
HIS HB2  H N N 151 
HIS HB3  H N N 152 
HIS HD1  H N N 153 
HIS HD2  H N N 154 
HIS HE1  H N N 155 
HIS HE2  H N N 156 
HIS HXT  H N N 157 
ILE N    N N N 158 
ILE CA   C N S 159 
ILE C    C N N 160 
ILE O    O N N 161 
ILE CB   C N S 162 
ILE CG1  C N N 163 
ILE CG2  C N N 164 
ILE CD1  C N N 165 
ILE OXT  O N N 166 
ILE H    H N N 167 
ILE H2   H N N 168 
ILE HA   H N N 169 
ILE HB   H N N 170 
ILE HG12 H N N 171 
ILE HG13 H N N 172 
ILE HG21 H N N 173 
ILE HG22 H N N 174 
ILE HG23 H N N 175 
ILE HD11 H N N 176 
ILE HD12 H N N 177 
ILE HD13 H N N 178 
ILE HXT  H N N 179 
LEU N    N N N 180 
LEU CA   C N S 181 
LEU C    C N N 182 
LEU O    O N N 183 
LEU CB   C N N 184 
LEU CG   C N N 185 
LEU CD1  C N N 186 
LEU CD2  C N N 187 
LEU OXT  O N N 188 
LEU H    H N N 189 
LEU H2   H N N 190 
LEU HA   H N N 191 
LEU HB2  H N N 192 
LEU HB3  H N N 193 
LEU HG   H N N 194 
LEU HD11 H N N 195 
LEU HD12 H N N 196 
LEU HD13 H N N 197 
LEU HD21 H N N 198 
LEU HD22 H N N 199 
LEU HD23 H N N 200 
LEU HXT  H N N 201 
LYS N    N N N 202 
LYS CA   C N S 203 
LYS C    C N N 204 
LYS O    O N N 205 
LYS CB   C N N 206 
LYS CG   C N N 207 
LYS CD   C N N 208 
LYS CE   C N N 209 
LYS NZ   N N N 210 
LYS OXT  O N N 211 
LYS H    H N N 212 
LYS H2   H N N 213 
LYS HA   H N N 214 
LYS HB2  H N N 215 
LYS HB3  H N N 216 
LYS HG2  H N N 217 
LYS HG3  H N N 218 
LYS HD2  H N N 219 
LYS HD3  H N N 220 
LYS HE2  H N N 221 
LYS HE3  H N N 222 
LYS HZ1  H N N 223 
LYS HZ2  H N N 224 
LYS HZ3  H N N 225 
LYS HXT  H N N 226 
MET N    N N N 227 
MET CA   C N S 228 
MET C    C N N 229 
MET O    O N N 230 
MET CB   C N N 231 
MET CG   C N N 232 
MET SD   S N N 233 
MET CE   C N N 234 
MET OXT  O N N 235 
MET H    H N N 236 
MET H2   H N N 237 
MET HA   H N N 238 
MET HB2  H N N 239 
MET HB3  H N N 240 
MET HG2  H N N 241 
MET HG3  H N N 242 
MET HE1  H N N 243 
MET HE2  H N N 244 
MET HE3  H N N 245 
MET HXT  H N N 246 
PHE N    N N N 247 
PHE CA   C N S 248 
PHE C    C N N 249 
PHE O    O N N 250 
PHE CB   C N N 251 
PHE CG   C Y N 252 
PHE CD1  C Y N 253 
PHE CD2  C Y N 254 
PHE CE1  C Y N 255 
PHE CE2  C Y N 256 
PHE CZ   C Y N 257 
PHE OXT  O N N 258 
PHE H    H N N 259 
PHE H2   H N N 260 
PHE HA   H N N 261 
PHE HB2  H N N 262 
PHE HB3  H N N 263 
PHE HD1  H N N 264 
PHE HD2  H N N 265 
PHE HE1  H N N 266 
PHE HE2  H N N 267 
PHE HZ   H N N 268 
PHE HXT  H N N 269 
PO4 P    P N N 270 
PO4 O1   O N N 271 
PO4 O2   O N N 272 
PO4 O3   O N N 273 
PO4 O4   O N N 274 
PRO N    N N N 275 
PRO CA   C N S 276 
PRO C    C N N 277 
PRO O    O N N 278 
PRO CB   C N N 279 
PRO CG   C N N 280 
PRO CD   C N N 281 
PRO OXT  O N N 282 
PRO H    H N N 283 
PRO HA   H N N 284 
PRO HB2  H N N 285 
PRO HB3  H N N 286 
PRO HG2  H N N 287 
PRO HG3  H N N 288 
PRO HD2  H N N 289 
PRO HD3  H N N 290 
PRO HXT  H N N 291 
SER N    N N N 292 
SER CA   C N S 293 
SER C    C N N 294 
SER O    O N N 295 
SER CB   C N N 296 
SER OG   O N N 297 
SER OXT  O N N 298 
SER H    H N N 299 
SER H2   H N N 300 
SER HA   H N N 301 
SER HB2  H N N 302 
SER HB3  H N N 303 
SER HG   H N N 304 
SER HXT  H N N 305 
THR N    N N N 306 
THR CA   C N S 307 
THR C    C N N 308 
THR O    O N N 309 
THR CB   C N R 310 
THR OG1  O N N 311 
THR CG2  C N N 312 
THR OXT  O N N 313 
THR H    H N N 314 
THR H2   H N N 315 
THR HA   H N N 316 
THR HB   H N N 317 
THR HG1  H N N 318 
THR HG21 H N N 319 
THR HG22 H N N 320 
THR HG23 H N N 321 
THR HXT  H N N 322 
TYR N    N N N 323 
TYR CA   C N S 324 
TYR C    C N N 325 
TYR O    O N N 326 
TYR CB   C N N 327 
TYR CG   C Y N 328 
TYR CD1  C Y N 329 
TYR CD2  C Y N 330 
TYR CE1  C Y N 331 
TYR CE2  C Y N 332 
TYR CZ   C Y N 333 
TYR OH   O N N 334 
TYR OXT  O N N 335 
TYR H    H N N 336 
TYR H2   H N N 337 
TYR HA   H N N 338 
TYR HB2  H N N 339 
TYR HB3  H N N 340 
TYR HD1  H N N 341 
TYR HD2  H N N 342 
TYR HE1  H N N 343 
TYR HE2  H N N 344 
TYR HH   H N N 345 
TYR HXT  H N N 346 
VAL N    N N N 347 
VAL CA   C N S 348 
VAL C    C N N 349 
VAL O    O N N 350 
VAL CB   C N N 351 
VAL CG1  C N N 352 
VAL CG2  C N N 353 
VAL OXT  O N N 354 
VAL H    H N N 355 
VAL H2   H N N 356 
VAL HA   H N N 357 
VAL HB   H N N 358 
VAL HG11 H N N 359 
VAL HG12 H N N 360 
VAL HG13 H N N 361 
VAL HG21 H N N 362 
VAL HG22 H N N 363 
VAL HG23 H N N 364 
VAL HXT  H N N 365 
# 
loop_
_chem_comp_bond.comp_id 
_chem_comp_bond.atom_id_1 
_chem_comp_bond.atom_id_2 
_chem_comp_bond.value_order 
_chem_comp_bond.pdbx_aromatic_flag 
_chem_comp_bond.pdbx_stereo_config 
_chem_comp_bond.pdbx_ordinal 
ALA N   CA   sing N N 1   
ALA N   H    sing N N 2   
ALA N   H2   sing N N 3   
ALA CA  C    sing N N 4   
ALA CA  CB   sing N N 5   
ALA CA  HA   sing N N 6   
ALA C   O    doub N N 7   
ALA C   OXT  sing N N 8   
ALA CB  HB1  sing N N 9   
ALA CB  HB2  sing N N 10  
ALA CB  HB3  sing N N 11  
ALA OXT HXT  sing N N 12  
ARG N   CA   sing N N 13  
ARG N   H    sing N N 14  
ARG N   H2   sing N N 15  
ARG CA  C    sing N N 16  
ARG CA  CB   sing N N 17  
ARG CA  HA   sing N N 18  
ARG C   O    doub N N 19  
ARG C   OXT  sing N N 20  
ARG CB  CG   sing N N 21  
ARG CB  HB2  sing N N 22  
ARG CB  HB3  sing N N 23  
ARG CG  CD   sing N N 24  
ARG CG  HG2  sing N N 25  
ARG CG  HG3  sing N N 26  
ARG CD  NE   sing N N 27  
ARG CD  HD2  sing N N 28  
ARG CD  HD3  sing N N 29  
ARG NE  CZ   sing N N 30  
ARG NE  HE   sing N N 31  
ARG CZ  NH1  sing N N 32  
ARG CZ  NH2  doub N N 33  
ARG NH1 HH11 sing N N 34  
ARG NH1 HH12 sing N N 35  
ARG NH2 HH21 sing N N 36  
ARG NH2 HH22 sing N N 37  
ARG OXT HXT  sing N N 38  
ASN N   CA   sing N N 39  
ASN N   H    sing N N 40  
ASN N   H2   sing N N 41  
ASN CA  C    sing N N 42  
ASN CA  CB   sing N N 43  
ASN CA  HA   sing N N 44  
ASN C   O    doub N N 45  
ASN C   OXT  sing N N 46  
ASN CB  CG   sing N N 47  
ASN CB  HB2  sing N N 48  
ASN CB  HB3  sing N N 49  
ASN CG  OD1  doub N N 50  
ASN CG  ND2  sing N N 51  
ASN ND2 HD21 sing N N 52  
ASN ND2 HD22 sing N N 53  
ASN OXT HXT  sing N N 54  
ASP N   CA   sing N N 55  
ASP N   H    sing N N 56  
ASP N   H2   sing N N 57  
ASP CA  C    sing N N 58  
ASP CA  CB   sing N N 59  
ASP CA  HA   sing N N 60  
ASP C   O    doub N N 61  
ASP C   OXT  sing N N 62  
ASP CB  CG   sing N N 63  
ASP CB  HB2  sing N N 64  
ASP CB  HB3  sing N N 65  
ASP CG  OD1  doub N N 66  
ASP CG  OD2  sing N N 67  
ASP OD2 HD2  sing N N 68  
ASP OXT HXT  sing N N 69  
CYS N   CA   sing N N 70  
CYS N   H    sing N N 71  
CYS N   H2   sing N N 72  
CYS CA  C    sing N N 73  
CYS CA  CB   sing N N 74  
CYS CA  HA   sing N N 75  
CYS C   O    doub N N 76  
CYS C   OXT  sing N N 77  
CYS CB  SG   sing N N 78  
CYS CB  HB2  sing N N 79  
CYS CB  HB3  sing N N 80  
CYS SG  HG   sing N N 81  
CYS OXT HXT  sing N N 82  
GLN N   CA   sing N N 83  
GLN N   H    sing N N 84  
GLN N   H2   sing N N 85  
GLN CA  C    sing N N 86  
GLN CA  CB   sing N N 87  
GLN CA  HA   sing N N 88  
GLN C   O    doub N N 89  
GLN C   OXT  sing N N 90  
GLN CB  CG   sing N N 91  
GLN CB  HB2  sing N N 92  
GLN CB  HB3  sing N N 93  
GLN CG  CD   sing N N 94  
GLN CG  HG2  sing N N 95  
GLN CG  HG3  sing N N 96  
GLN CD  OE1  doub N N 97  
GLN CD  NE2  sing N N 98  
GLN NE2 HE21 sing N N 99  
GLN NE2 HE22 sing N N 100 
GLN OXT HXT  sing N N 101 
GLU N   CA   sing N N 102 
GLU N   H    sing N N 103 
GLU N   H2   sing N N 104 
GLU CA  C    sing N N 105 
GLU CA  CB   sing N N 106 
GLU CA  HA   sing N N 107 
GLU C   O    doub N N 108 
GLU C   OXT  sing N N 109 
GLU CB  CG   sing N N 110 
GLU CB  HB2  sing N N 111 
GLU CB  HB3  sing N N 112 
GLU CG  CD   sing N N 113 
GLU CG  HG2  sing N N 114 
GLU CG  HG3  sing N N 115 
GLU CD  OE1  doub N N 116 
GLU CD  OE2  sing N N 117 
GLU OE2 HE2  sing N N 118 
GLU OXT HXT  sing N N 119 
GLY N   CA   sing N N 120 
GLY N   H    sing N N 121 
GLY N   H2   sing N N 122 
GLY CA  C    sing N N 123 
GLY CA  HA2  sing N N 124 
GLY CA  HA3  sing N N 125 
GLY C   O    doub N N 126 
GLY C   OXT  sing N N 127 
GLY OXT HXT  sing N N 128 
HIS N   CA   sing N N 129 
HIS N   H    sing N N 130 
HIS N   H2   sing N N 131 
HIS CA  C    sing N N 132 
HIS CA  CB   sing N N 133 
HIS CA  HA   sing N N 134 
HIS C   O    doub N N 135 
HIS C   OXT  sing N N 136 
HIS CB  CG   sing N N 137 
HIS CB  HB2  sing N N 138 
HIS CB  HB3  sing N N 139 
HIS CG  ND1  sing Y N 140 
HIS CG  CD2  doub Y N 141 
HIS ND1 CE1  doub Y N 142 
HIS ND1 HD1  sing N N 143 
HIS CD2 NE2  sing Y N 144 
HIS CD2 HD2  sing N N 145 
HIS CE1 NE2  sing Y N 146 
HIS CE1 HE1  sing N N 147 
HIS NE2 HE2  sing N N 148 
HIS OXT HXT  sing N N 149 
ILE N   CA   sing N N 150 
ILE N   H    sing N N 151 
ILE N   H2   sing N N 152 
ILE CA  C    sing N N 153 
ILE CA  CB   sing N N 154 
ILE CA  HA   sing N N 155 
ILE C   O    doub N N 156 
ILE C   OXT  sing N N 157 
ILE CB  CG1  sing N N 158 
ILE CB  CG2  sing N N 159 
ILE CB  HB   sing N N 160 
ILE CG1 CD1  sing N N 161 
ILE CG1 HG12 sing N N 162 
ILE CG1 HG13 sing N N 163 
ILE CG2 HG21 sing N N 164 
ILE CG2 HG22 sing N N 165 
ILE CG2 HG23 sing N N 166 
ILE CD1 HD11 sing N N 167 
ILE CD1 HD12 sing N N 168 
ILE CD1 HD13 sing N N 169 
ILE OXT HXT  sing N N 170 
LEU N   CA   sing N N 171 
LEU N   H    sing N N 172 
LEU N   H2   sing N N 173 
LEU CA  C    sing N N 174 
LEU CA  CB   sing N N 175 
LEU CA  HA   sing N N 176 
LEU C   O    doub N N 177 
LEU C   OXT  sing N N 178 
LEU CB  CG   sing N N 179 
LEU CB  HB2  sing N N 180 
LEU CB  HB3  sing N N 181 
LEU CG  CD1  sing N N 182 
LEU CG  CD2  sing N N 183 
LEU CG  HG   sing N N 184 
LEU CD1 HD11 sing N N 185 
LEU CD1 HD12 sing N N 186 
LEU CD1 HD13 sing N N 187 
LEU CD2 HD21 sing N N 188 
LEU CD2 HD22 sing N N 189 
LEU CD2 HD23 sing N N 190 
LEU OXT HXT  sing N N 191 
LYS N   CA   sing N N 192 
LYS N   H    sing N N 193 
LYS N   H2   sing N N 194 
LYS CA  C    sing N N 195 
LYS CA  CB   sing N N 196 
LYS CA  HA   sing N N 197 
LYS C   O    doub N N 198 
LYS C   OXT  sing N N 199 
LYS CB  CG   sing N N 200 
LYS CB  HB2  sing N N 201 
LYS CB  HB3  sing N N 202 
LYS CG  CD   sing N N 203 
LYS CG  HG2  sing N N 204 
LYS CG  HG3  sing N N 205 
LYS CD  CE   sing N N 206 
LYS CD  HD2  sing N N 207 
LYS CD  HD3  sing N N 208 
LYS CE  NZ   sing N N 209 
LYS CE  HE2  sing N N 210 
LYS CE  HE3  sing N N 211 
LYS NZ  HZ1  sing N N 212 
LYS NZ  HZ2  sing N N 213 
LYS NZ  HZ3  sing N N 214 
LYS OXT HXT  sing N N 215 
MET N   CA   sing N N 216 
MET N   H    sing N N 217 
MET N   H2   sing N N 218 
MET CA  C    sing N N 219 
MET CA  CB   sing N N 220 
MET CA  HA   sing N N 221 
MET C   O    doub N N 222 
MET C   OXT  sing N N 223 
MET CB  CG   sing N N 224 
MET CB  HB2  sing N N 225 
MET CB  HB3  sing N N 226 
MET CG  SD   sing N N 227 
MET CG  HG2  sing N N 228 
MET CG  HG3  sing N N 229 
MET SD  CE   sing N N 230 
MET CE  HE1  sing N N 231 
MET CE  HE2  sing N N 232 
MET CE  HE3  sing N N 233 
MET OXT HXT  sing N N 234 
PHE N   CA   sing N N 235 
PHE N   H    sing N N 236 
PHE N   H2   sing N N 237 
PHE CA  C    sing N N 238 
PHE CA  CB   sing N N 239 
PHE CA  HA   sing N N 240 
PHE C   O    doub N N 241 
PHE C   OXT  sing N N 242 
PHE CB  CG   sing N N 243 
PHE CB  HB2  sing N N 244 
PHE CB  HB3  sing N N 245 
PHE CG  CD1  doub Y N 246 
PHE CG  CD2  sing Y N 247 
PHE CD1 CE1  sing Y N 248 
PHE CD1 HD1  sing N N 249 
PHE CD2 CE2  doub Y N 250 
PHE CD2 HD2  sing N N 251 
PHE CE1 CZ   doub Y N 252 
PHE CE1 HE1  sing N N 253 
PHE CE2 CZ   sing Y N 254 
PHE CE2 HE2  sing N N 255 
PHE CZ  HZ   sing N N 256 
PHE OXT HXT  sing N N 257 
PO4 P   O1   doub N N 258 
PO4 P   O2   sing N N 259 
PO4 P   O3   sing N N 260 
PO4 P   O4   sing N N 261 
PRO N   CA   sing N N 262 
PRO N   CD   sing N N 263 
PRO N   H    sing N N 264 
PRO CA  C    sing N N 265 
PRO CA  CB   sing N N 266 
PRO CA  HA   sing N N 267 
PRO C   O    doub N N 268 
PRO C   OXT  sing N N 269 
PRO CB  CG   sing N N 270 
PRO CB  HB2  sing N N 271 
PRO CB  HB3  sing N N 272 
PRO CG  CD   sing N N 273 
PRO CG  HG2  sing N N 274 
PRO CG  HG3  sing N N 275 
PRO CD  HD2  sing N N 276 
PRO CD  HD3  sing N N 277 
PRO OXT HXT  sing N N 278 
SER N   CA   sing N N 279 
SER N   H    sing N N 280 
SER N   H2   sing N N 281 
SER CA  C    sing N N 282 
SER CA  CB   sing N N 283 
SER CA  HA   sing N N 284 
SER C   O    doub N N 285 
SER C   OXT  sing N N 286 
SER CB  OG   sing N N 287 
SER CB  HB2  sing N N 288 
SER CB  HB3  sing N N 289 
SER OG  HG   sing N N 290 
SER OXT HXT  sing N N 291 
THR N   CA   sing N N 292 
THR N   H    sing N N 293 
THR N   H2   sing N N 294 
THR CA  C    sing N N 295 
THR CA  CB   sing N N 296 
THR CA  HA   sing N N 297 
THR C   O    doub N N 298 
THR C   OXT  sing N N 299 
THR CB  OG1  sing N N 300 
THR CB  CG2  sing N N 301 
THR CB  HB   sing N N 302 
THR OG1 HG1  sing N N 303 
THR CG2 HG21 sing N N 304 
THR CG2 HG22 sing N N 305 
THR CG2 HG23 sing N N 306 
THR OXT HXT  sing N N 307 
TYR N   CA   sing N N 308 
TYR N   H    sing N N 309 
TYR N   H2   sing N N 310 
TYR CA  C    sing N N 311 
TYR CA  CB   sing N N 312 
TYR CA  HA   sing N N 313 
TYR C   O    doub N N 314 
TYR C   OXT  sing N N 315 
TYR CB  CG   sing N N 316 
TYR CB  HB2  sing N N 317 
TYR CB  HB3  sing N N 318 
TYR CG  CD1  doub Y N 319 
TYR CG  CD2  sing Y N 320 
TYR CD1 CE1  sing Y N 321 
TYR CD1 HD1  sing N N 322 
TYR CD2 CE2  doub Y N 323 
TYR CD2 HD2  sing N N 324 
TYR CE1 CZ   doub Y N 325 
TYR CE1 HE1  sing N N 326 
TYR CE2 CZ   sing Y N 327 
TYR CE2 HE2  sing N N 328 
TYR CZ  OH   sing N N 329 
TYR OH  HH   sing N N 330 
TYR OXT HXT  sing N N 331 
VAL N   CA   sing N N 332 
VAL N   H    sing N N 333 
VAL N   H2   sing N N 334 
VAL CA  C    sing N N 335 
VAL CA  CB   sing N N 336 
VAL CA  HA   sing N N 337 
VAL C   O    doub N N 338 
VAL C   OXT  sing N N 339 
VAL CB  CG1  sing N N 340 
VAL CB  CG2  sing N N 341 
VAL CB  HB   sing N N 342 
VAL CG1 HG11 sing N N 343 
VAL CG1 HG12 sing N N 344 
VAL CG1 HG13 sing N N 345 
VAL CG2 HG21 sing N N 346 
VAL CG2 HG22 sing N N 347 
VAL CG2 HG23 sing N N 348 
VAL OXT HXT  sing N N 349 
# 
_atom_sites.entry_id                    4IIA 
_atom_sites.fract_transf_matrix[1][1]   0.01258269 
_atom_sites.fract_transf_matrix[1][2]   0.00207503 
_atom_sites.fract_transf_matrix[1][3]   0.00205000 
_atom_sites.fract_transf_matrix[2][1]   0.00456740 
_atom_sites.fract_transf_matrix[2][2]   0.01207469 
_atom_sites.fract_transf_matrix[2][3]   0.00043538 
_atom_sites.fract_transf_matrix[3][1]   -0.00235345 
_atom_sites.fract_transf_matrix[3][2]   0.00038335 
_atom_sites.fract_transf_matrix[3][3]   0.01405720 
_atom_sites.fract_transf_vector[1]      0.383962 
_atom_sites.fract_transf_vector[2]      0.241710 
_atom_sites.fract_transf_vector[3]      -0.111744 
# 
loop_
_atom_type.symbol 
C 
N 
O 
P 
S 
# 
loop_
_atom_site.group_PDB 
_atom_site.id 
_atom_site.type_symbol 
_atom_site.label_atom_id 
_atom_site.label_alt_id 
_atom_site.label_comp_id 
_atom_site.label_asym_id 
_atom_site.label_entity_id 
_atom_site.label_seq_id 
_atom_site.pdbx_PDB_ins_code 
_atom_site.Cartn_x 
_atom_site.Cartn_y 
_atom_site.Cartn_z 
_atom_site.occupancy 
_atom_site.B_iso_or_equiv 
_atom_site.pdbx_formal_charge 
_atom_site.auth_seq_id 
_atom_site.auth_comp_id 
_atom_site.auth_asym_id 
_atom_site.auth_atom_id 
_atom_site.pdbx_PDB_model_num 
ATOM   1    N N   . SER A 1 2   ? -8.033  4.086   -18.856 1.00 159.46 ? 8   SER A N   1 
ATOM   2    C CA  . SER A 1 2   ? -6.874  4.480   -18.063 1.00 179.54 ? 8   SER A CA  1 
ATOM   3    C C   . SER A 1 2   ? -6.958  5.947   -17.652 1.00 185.45 ? 8   SER A C   1 
ATOM   4    O O   . SER A 1 2   ? -7.133  6.828   -18.494 1.00 163.35 ? 8   SER A O   1 
ATOM   5    C CB  . SER A 1 2   ? -5.582  4.226   -18.842 1.00 169.05 ? 8   SER A CB  1 
ATOM   6    O OG  . SER A 1 2   ? -5.460  2.859   -19.196 1.00 157.15 ? 8   SER A OG  1 
ATOM   7    N N   . HIS A 1 3   ? -6.832  6.203   -16.352 1.00 188.88 ? 9   HIS A N   1 
ATOM   8    C CA  . HIS A 1 3   ? -6.894  7.563   -15.830 1.00 191.54 ? 9   HIS A CA  1 
ATOM   9    C C   . HIS A 1 3   ? -5.959  7.735   -14.634 1.00 181.09 ? 9   HIS A C   1 
ATOM   10   O O   . HIS A 1 3   ? -5.479  6.754   -14.066 1.00 167.87 ? 9   HIS A O   1 
ATOM   11   C CB  . HIS A 1 3   ? -8.329  7.919   -15.433 1.00 198.51 ? 9   HIS A CB  1 
ATOM   12   C CG  . HIS A 1 3   ? -8.569  9.390   -15.290 1.00 207.94 ? 9   HIS A CG  1 
ATOM   13   N ND1 . HIS A 1 3   ? -8.597  10.247  -16.369 1.00 202.49 ? 9   HIS A ND1 1 
ATOM   14   C CD2 . HIS A 1 3   ? -8.787  10.156  -14.195 1.00 205.10 ? 9   HIS A CD2 1 
ATOM   15   C CE1 . HIS A 1 3   ? -8.826  11.477  -15.946 1.00 205.63 ? 9   HIS A CE1 1 
ATOM   16   N NE2 . HIS A 1 3   ? -8.944  11.450  -14.630 1.00 216.56 ? 9   HIS A NE2 1 
ATOM   17   N N   . MET A 1 4   ? -5.707  8.986   -14.256 1.00 186.96 ? 10  MET A N   1 
ATOM   18   C CA  . MET A 1 4   ? -4.820  9.290   -13.138 1.00 177.76 ? 10  MET A CA  1 
ATOM   19   C C   . MET A 1 4   ? -5.554  9.286   -11.800 1.00 172.56 ? 10  MET A C   1 
ATOM   20   O O   . MET A 1 4   ? -5.233  10.066  -10.904 1.00 159.29 ? 10  MET A O   1 
ATOM   21   C CB  . MET A 1 4   ? -4.132  10.641  -13.349 1.00 178.81 ? 10  MET A CB  1 
ATOM   22   C CG  . MET A 1 4   ? -3.226  10.693  -14.567 1.00 188.63 ? 10  MET A CG  1 
ATOM   23   S SD  . MET A 1 4   ? -4.121  10.408  -16.107 1.00 236.02 ? 10  MET A SD  1 
ATOM   24   C CE  . MET A 1 4   ? -5.245  11.803  -16.109 1.00 204.48 ? 10  MET A CE  1 
ATOM   25   N N   . VAL A 1 5   ? -6.545  8.407   -11.675 1.00 174.81 ? 11  VAL A N   1 
ATOM   26   C CA  . VAL A 1 5   ? -7.274  8.248   -10.425 1.00 178.93 ? 11  VAL A CA  1 
ATOM   27   C C   . VAL A 1 5   ? -6.347  7.662   -9.366  1.00 179.02 ? 11  VAL A C   1 
ATOM   28   O O   . VAL A 1 5   ? -6.365  8.076   -8.206  1.00 168.15 ? 11  VAL A O   1 
ATOM   29   C CB  . VAL A 1 5   ? -8.489  7.318   -10.597 1.00 185.08 ? 11  VAL A CB  1 
ATOM   30   C CG1 . VAL A 1 5   ? -9.261  7.200   -9.292  1.00 182.42 ? 11  VAL A CG1 1 
ATOM   31   C CG2 . VAL A 1 5   ? -9.391  7.824   -11.709 1.00 182.49 ? 11  VAL A CG2 1 
ATOM   32   N N   . GLY A 1 6   ? -5.532  6.698   -9.780  1.00 184.98 ? 12  GLY A N   1 
ATOM   33   C CA  . GLY A 1 6   ? -4.579  6.065   -8.889  1.00 181.19 ? 12  GLY A CA  1 
ATOM   34   C C   . GLY A 1 6   ? -3.422  6.979   -8.544  1.00 175.99 ? 12  GLY A C   1 
ATOM   35   O O   . GLY A 1 6   ? -2.884  6.922   -7.440  1.00 172.57 ? 12  GLY A O   1 
ATOM   36   N N   . ARG A 1 7   ? -3.036  7.825   -9.495  1.00 170.34 ? 13  ARG A N   1 
ATOM   37   C CA  . ARG A 1 7   ? -1.954  8.779   -9.277  1.00 170.90 ? 13  ARG A CA  1 
ATOM   38   C C   . ARG A 1 7   ? -2.324  9.770   -8.181  1.00 169.13 ? 13  ARG A C   1 
ATOM   39   O O   . ARG A 1 7   ? -1.486  10.151  -7.362  1.00 165.19 ? 13  ARG A O   1 
ATOM   40   C CB  . ARG A 1 7   ? -1.623  9.523   -10.573 1.00 178.33 ? 13  ARG A CB  1 
ATOM   41   C CG  . ARG A 1 7   ? -0.587  10.621  -10.407 1.00 185.64 ? 13  ARG A CG  1 
ATOM   42   C CD  . ARG A 1 7   ? -0.128  11.155  -11.752 1.00 209.11 ? 13  ARG A CD  1 
ATOM   43   N NE  . ARG A 1 7   ? 0.535   10.124  -12.545 1.00 217.23 ? 13  ARG A NE  1 
ATOM   44   C CZ  . ARG A 1 7   ? 1.832   9.842   -12.470 1.00 211.78 ? 13  ARG A CZ  1 
ATOM   45   N NH1 . ARG A 1 7   ? 2.610   10.513  -11.632 1.00 208.61 ? 13  ARG A NH1 1 
ATOM   46   N NH2 . ARG A 1 7   ? 2.350   8.887   -13.229 1.00 216.74 ? 13  ARG A NH2 1 
ATOM   47   N N   . GLU A 1 8   ? -3.587  10.180  -8.168  1.00 172.10 ? 14  GLU A N   1 
ATOM   48   C CA  . GLU A 1 8   ? -4.085  11.087  -7.144  1.00 177.24 ? 14  GLU A CA  1 
ATOM   49   C C   . GLU A 1 8   ? -4.494  10.305  -5.898  1.00 173.51 ? 14  GLU A C   1 
ATOM   50   O O   . GLU A 1 8   ? -4.823  10.888  -4.865  1.00 162.06 ? 14  GLU A O   1 
ATOM   51   C CB  . GLU A 1 8   ? -5.257  11.906  -7.685  1.00 177.33 ? 14  GLU A CB  1 
ATOM   52   C CG  . GLU A 1 8   ? -4.913  12.703  -8.934  1.00 183.32 ? 14  GLU A CG  1 
ATOM   53   C CD  . GLU A 1 8   ? -6.106  13.436  -9.513  1.00 190.65 ? 14  GLU A CD  1 
ATOM   54   O OE1 . GLU A 1 8   ? -7.171  13.450  -8.861  1.00 189.90 ? 14  GLU A OE1 1 
ATOM   55   O OE2 . GLU A 1 8   ? -5.977  13.998  -10.621 1.00 181.75 ? 14  GLU A OE2 1 
ATOM   56   N N   . PHE A 1 9   ? -4.468  8.981   -6.008  1.00 172.91 ? 15  PHE A N   1 
ATOM   57   C CA  . PHE A 1 9   ? -4.713  8.106   -4.868  1.00 161.09 ? 15  PHE A CA  1 
ATOM   58   C C   . PHE A 1 9   ? -3.419  7.865   -4.096  1.00 159.76 ? 15  PHE A C   1 
ATOM   59   O O   . PHE A 1 9   ? -3.419  7.817   -2.867  1.00 161.88 ? 15  PHE A O   1 
ATOM   60   C CB  . PHE A 1 9   ? -5.314  6.776   -5.328  1.00 168.28 ? 15  PHE A CB  1 
ATOM   61   C CG  . PHE A 1 9   ? -4.943  5.609   -4.457  1.00 164.23 ? 15  PHE A CG  1 
ATOM   62   C CD1 . PHE A 1 9   ? -5.558  5.417   -3.232  1.00 160.13 ? 15  PHE A CD1 1 
ATOM   63   C CD2 . PHE A 1 9   ? -3.979  4.702   -4.869  1.00 173.25 ? 15  PHE A CD2 1 
ATOM   64   C CE1 . PHE A 1 9   ? -5.216  4.345   -2.430  1.00 159.62 ? 15  PHE A CE1 1 
ATOM   65   C CE2 . PHE A 1 9   ? -3.634  3.629   -4.071  1.00 171.04 ? 15  PHE A CE2 1 
ATOM   66   C CZ  . PHE A 1 9   ? -4.253  3.449   -2.852  1.00 162.30 ? 15  PHE A CZ  1 
ATOM   67   N N   . VAL A 1 10  ? -2.320  7.709   -4.829  1.00 166.45 ? 16  VAL A N   1 
ATOM   68   C CA  . VAL A 1 10  ? -1.001  7.587   -4.221  1.00 168.04 ? 16  VAL A CA  1 
ATOM   69   C C   . VAL A 1 10  ? -0.659  8.904   -3.532  1.00 170.45 ? 16  VAL A C   1 
ATOM   70   O O   . VAL A 1 10  ? 0.054   8.935   -2.526  1.00 177.21 ? 16  VAL A O   1 
ATOM   71   C CB  . VAL A 1 10  ? 0.072   7.246   -5.279  1.00 173.34 ? 16  VAL A CB  1 
ATOM   72   C CG1 . VAL A 1 10  ? 1.460   7.215   -4.660  1.00 177.71 ? 16  VAL A CG1 1 
ATOM   73   C CG2 . VAL A 1 10  ? -0.244  5.914   -5.939  1.00 170.80 ? 16  VAL A CG2 1 
ATOM   74   N N   . ARG A 1 11  ? -1.200  9.989   -4.080  1.00 164.75 ? 17  ARG A N   1 
ATOM   75   C CA  . ARG A 1 11  ? -1.044  11.326  -3.520  1.00 173.60 ? 17  ARG A CA  1 
ATOM   76   C C   . ARG A 1 11  ? -1.485  11.389  -2.058  1.00 183.90 ? 17  ARG A C   1 
ATOM   77   O O   . ARG A 1 11  ? -0.893  12.109  -1.253  1.00 181.72 ? 17  ARG A O   1 
ATOM   78   C CB  . ARG A 1 11  ? -1.853  12.325  -4.352  1.00 172.13 ? 17  ARG A CB  1 
ATOM   79   C CG  . ARG A 1 11  ? -1.801  13.760  -3.857  1.00 171.79 ? 17  ARG A CG  1 
ATOM   80   C CD  . ARG A 1 11  ? -0.432  14.378  -4.080  1.00 184.08 ? 17  ARG A CD  1 
ATOM   81   N NE  . ARG A 1 11  ? -0.419  15.795  -3.729  1.00 195.87 ? 17  ARG A NE  1 
ATOM   82   C CZ  . ARG A 1 11  ? 0.634   16.592  -3.875  1.00 204.53 ? 17  ARG A CZ  1 
ATOM   83   N NH1 . ARG A 1 11  ? 1.768   16.111  -4.368  1.00 214.97 ? 17  ARG A NH1 1 
ATOM   84   N NH2 . ARG A 1 11  ? 0.555   17.869  -3.528  1.00 204.71 ? 17  ARG A NH2 1 
ATOM   85   N N   . GLN A 1 12  ? -2.517  10.624  -1.718  1.00 180.80 ? 18  GLN A N   1 
ATOM   86   C CA  . GLN A 1 12  ? -3.092  10.671  -0.377  1.00 165.72 ? 18  GLN A CA  1 
ATOM   87   C C   . GLN A 1 12  ? -2.728  9.457   0.475   1.00 164.48 ? 18  GLN A C   1 
ATOM   88   O O   . GLN A 1 12  ? -2.826  9.504   1.701   1.00 184.41 ? 18  GLN A O   1 
ATOM   89   C CB  . GLN A 1 12  ? -4.614  10.813  -0.457  1.00 171.47 ? 18  GLN A CB  1 
ATOM   90   C CG  . GLN A 1 12  ? -5.322  9.586   -1.011  1.00 180.72 ? 18  GLN A CG  1 
ATOM   91   C CD  . GLN A 1 12  ? -6.814  9.796   -1.177  1.00 178.96 ? 18  GLN A CD  1 
ATOM   92   O OE1 . GLN A 1 12  ? -7.305  10.921  -1.106  1.00 174.51 ? 18  GLN A OE1 1 
ATOM   93   N NE2 . GLN A 1 12  ? -7.543  8.709   -1.401  1.00 174.05 ? 18  GLN A NE2 1 
ATOM   94   N N   . TYR A 1 13  ? -2.311  8.371   -0.171  1.00 155.71 ? 19  TYR A N   1 
ATOM   95   C CA  . TYR A 1 13  ? -2.001  7.138   0.548   1.00 158.11 ? 19  TYR A CA  1 
ATOM   96   C C   . TYR A 1 13  ? -0.780  7.288   1.449   1.00 165.96 ? 19  TYR A C   1 
ATOM   97   O O   . TYR A 1 13  ? -0.882  7.171   2.670   1.00 165.99 ? 19  TYR A O   1 
ATOM   98   C CB  . TYR A 1 13  ? -1.792  5.974   -0.424  1.00 155.87 ? 19  TYR A CB  1 
ATOM   99   C CG  . TYR A 1 13  ? -1.466  4.663   0.262   1.00 162.53 ? 19  TYR A CG  1 
ATOM   100  C CD1 . TYR A 1 13  ? -2.476  3.842   0.747   1.00 167.38 ? 19  TYR A CD1 1 
ATOM   101  C CD2 . TYR A 1 13  ? -0.150  4.248   0.425   1.00 162.53 ? 19  TYR A CD2 1 
ATOM   102  C CE1 . TYR A 1 13  ? -2.185  2.644   1.374   1.00 162.62 ? 19  TYR A CE1 1 
ATOM   103  C CE2 . TYR A 1 13  ? 0.151   3.054   1.054   1.00 163.76 ? 19  TYR A CE2 1 
ATOM   104  C CZ  . TYR A 1 13  ? -0.870  2.256   1.526   1.00 161.08 ? 19  TYR A CZ  1 
ATOM   105  O OH  . TYR A 1 13  ? -0.575  1.066   2.149   1.00 157.02 ? 19  TYR A OH  1 
ATOM   106  N N   . TYR A 1 14  ? 0.374   7.540   0.839   1.00 169.03 ? 20  TYR A N   1 
ATOM   107  C CA  . TYR A 1 14  ? 1.624   7.658   1.581   1.00 182.16 ? 20  TYR A CA  1 
ATOM   108  C C   . TYR A 1 14  ? 1.629   8.877   2.498   1.00 176.00 ? 20  TYR A C   1 
ATOM   109  O O   . TYR A 1 14  ? 2.373   8.923   3.479   1.00 175.78 ? 20  TYR A O   1 
ATOM   110  C CB  . TYR A 1 14  ? 2.817   7.702   0.624   1.00 182.84 ? 20  TYR A CB  1 
ATOM   111  C CG  . TYR A 1 14  ? 3.038   6.406   -0.124  1.00 177.31 ? 20  TYR A CG  1 
ATOM   112  C CD1 . TYR A 1 14  ? 3.820   5.395   0.418   1.00 175.28 ? 20  TYR A CD1 1 
ATOM   113  C CD2 . TYR A 1 14  ? 2.460   6.193   -1.368  1.00 176.79 ? 20  TYR A CD2 1 
ATOM   114  C CE1 . TYR A 1 14  ? 4.024   4.208   -0.261  1.00 177.83 ? 20  TYR A CE1 1 
ATOM   115  C CE2 . TYR A 1 14  ? 2.657   5.009   -2.055  1.00 176.37 ? 20  TYR A CE2 1 
ATOM   116  C CZ  . TYR A 1 14  ? 3.441   4.020   -1.497  1.00 176.83 ? 20  TYR A CZ  1 
ATOM   117  O OH  . TYR A 1 14  ? 3.641   2.841   -2.176  1.00 163.34 ? 20  TYR A OH  1 
ATOM   118  N N   . THR A 1 15  ? 0.798   9.860   2.172   1.00 175.87 ? 21  THR A N   1 
ATOM   119  C CA  . THR A 1 15  ? 0.623   11.024  3.029   1.00 177.70 ? 21  THR A CA  1 
ATOM   120  C C   . THR A 1 15  ? -0.042  10.590  4.330   1.00 167.15 ? 21  THR A C   1 
ATOM   121  O O   . THR A 1 15  ? 0.305   11.069  5.409   1.00 163.12 ? 21  THR A O   1 
ATOM   122  C CB  . THR A 1 15  ? -0.241  12.101  2.348   1.00 181.20 ? 21  THR A CB  1 
ATOM   123  O OG1 . THR A 1 15  ? 0.296   12.399  1.053   1.00 171.50 ? 21  THR A OG1 1 
ATOM   124  C CG2 . THR A 1 15  ? -0.275  13.370  3.186   1.00 156.61 ? 21  THR A CG2 1 
ATOM   125  N N   . LEU A 1 16  ? -0.995  9.670   4.216   1.00 167.18 ? 22  LEU A N   1 
ATOM   126  C CA  . LEU A 1 16  ? -1.670  9.113   5.380   1.00 169.92 ? 22  LEU A CA  1 
ATOM   127  C C   . LEU A 1 16  ? -0.745  8.159   6.126   1.00 170.03 ? 22  LEU A C   1 
ATOM   128  O O   . LEU A 1 16  ? -0.761  8.101   7.355   1.00 172.52 ? 22  LEU A O   1 
ATOM   129  C CB  . LEU A 1 16  ? -2.948  8.383   4.963   1.00 172.18 ? 22  LEU A CB  1 
ATOM   130  C CG  . LEU A 1 16  ? -3.764  7.764   6.101   1.00 182.01 ? 22  LEU A CG  1 
ATOM   131  C CD1 . LEU A 1 16  ? -4.317  8.845   7.018   1.00 174.79 ? 22  LEU A CD1 1 
ATOM   132  C CD2 . LEU A 1 16  ? -4.882  6.891   5.555   1.00 187.02 ? 22  LEU A CD2 1 
ATOM   133  N N   . LEU A 1 17  ? 0.062   7.417   5.375   1.00 165.21 ? 23  LEU A N   1 
ATOM   134  C CA  . LEU A 1 17  ? 1.013   6.477   5.959   1.00 169.42 ? 23  LEU A CA  1 
ATOM   135  C C   . LEU A 1 17  ? 2.038   7.209   6.821   1.00 170.46 ? 23  LEU A C   1 
ATOM   136  O O   . LEU A 1 17  ? 2.564   6.655   7.786   1.00 170.08 ? 23  LEU A O   1 
ATOM   137  C CB  . LEU A 1 17  ? 1.718   5.677   4.862   1.00 174.46 ? 23  LEU A CB  1 
ATOM   138  C CG  . LEU A 1 17  ? 2.677   4.575   5.316   1.00 179.40 ? 23  LEU A CG  1 
ATOM   139  C CD1 . LEU A 1 17  ? 1.948   3.548   6.169   1.00 168.96 ? 23  LEU A CD1 1 
ATOM   140  C CD2 . LEU A 1 17  ? 3.340   3.910   4.119   1.00 173.15 ? 23  LEU A CD2 1 
ATOM   141  N N   . ASN A 1 18  ? 2.312   8.459   6.466   1.00 164.94 ? 24  ASN A N   1 
ATOM   142  C CA  . ASN A 1 18  ? 3.224   9.294   7.237   1.00 175.80 ? 24  ASN A CA  1 
ATOM   143  C C   . ASN A 1 18  ? 2.552   9.887   8.471   1.00 176.37 ? 24  ASN A C   1 
ATOM   144  O O   . ASN A 1 18  ? 3.053   9.757   9.588   1.00 162.20 ? 24  ASN A O   1 
ATOM   145  C CB  . ASN A 1 18  ? 3.791   10.413  6.365   1.00 170.99 ? 24  ASN A CB  1 
ATOM   146  C CG  . ASN A 1 18  ? 4.487   11.488  7.177   1.00 174.33 ? 24  ASN A CG  1 
ATOM   147  O OD1 . ASN A 1 18  ? 3.922   12.550  7.436   1.00 157.81 ? 24  ASN A OD1 1 
ATOM   148  N ND2 . ASN A 1 18  ? 5.719   11.214  7.588   1.00 188.99 ? 24  ASN A ND2 1 
ATOM   149  N N   . GLN A 1 19  ? 1.413   10.539  8.257   1.00 172.97 ? 25  GLN A N   1 
ATOM   150  C CA  . GLN A 1 19  ? 0.688   11.192  9.339   1.00 161.85 ? 25  GLN A CA  1 
ATOM   151  C C   . GLN A 1 19  ? 0.049   10.181  10.287  1.00 162.32 ? 25  GLN A C   1 
ATOM   152  O O   . GLN A 1 19  ? 0.548   9.951   11.389  1.00 175.76 ? 25  GLN A O   1 
ATOM   153  C CB  . GLN A 1 19  ? -0.380  12.135  8.776   1.00 163.21 ? 25  GLN A CB  1 
ATOM   154  C CG  . GLN A 1 19  ? 0.165   13.214  7.850   1.00 145.19 ? 25  GLN A CG  1 
ATOM   155  C CD  . GLN A 1 19  ? 1.071   14.202  8.561   1.00 153.22 ? 25  GLN A CD  1 
ATOM   156  O OE1 . GLN A 1 19  ? 1.004   14.360  9.780   1.00 166.87 ? 25  GLN A OE1 1 
ATOM   157  N NE2 . GLN A 1 19  ? 1.926   14.875  7.798   1.00 135.42 ? 25  GLN A NE2 1 
ATOM   158  N N   . ALA A 1 20  ? -1.055  9.579   9.854   1.00 164.14 ? 26  ALA A N   1 
ATOM   159  C CA  . ALA A 1 20  ? -1.782  8.627   10.688  1.00 171.56 ? 26  ALA A CA  1 
ATOM   160  C C   . ALA A 1 20  ? -1.874  7.251   10.035  1.00 166.38 ? 26  ALA A C   1 
ATOM   161  O O   . ALA A 1 20  ? -2.830  6.962   9.315   1.00 167.50 ? 26  ALA A O   1 
ATOM   162  C CB  . ALA A 1 20  ? -3.172  9.156   11.005  1.00 176.17 ? 26  ALA A CB  1 
ATOM   163  N N   . PRO A 1 21  ? -0.874  6.393   10.291  1.00 169.48 ? 27  PRO A N   1 
ATOM   164  C CA  . PRO A 1 21  ? -0.827  5.031   9.748   1.00 171.87 ? 27  PRO A CA  1 
ATOM   165  C C   . PRO A 1 21  ? -1.956  4.160   10.289  1.00 173.69 ? 27  PRO A C   1 
ATOM   166  O O   . PRO A 1 21  ? -2.289  3.139   9.689   1.00 170.47 ? 27  PRO A O   1 
ATOM   167  C CB  . PRO A 1 21  ? 0.522   4.500   10.247  1.00 172.14 ? 27  PRO A CB  1 
ATOM   168  C CG  . PRO A 1 21  ? 1.319   5.715   10.589  1.00 174.93 ? 27  PRO A CG  1 
ATOM   169  C CD  . PRO A 1 21  ? 0.325   6.711   11.083  1.00 178.37 ? 27  PRO A CD  1 
ATOM   170  N N   . ASP A 1 22  ? -2.534  4.562   11.417  1.00 181.07 ? 28  ASP A N   1 
ATOM   171  C CA  . ASP A 1 22  ? -3.615  3.804   12.038  1.00 186.56 ? 28  ASP A CA  1 
ATOM   172  C C   . ASP A 1 22  ? -4.937  4.010   11.306  1.00 174.59 ? 28  ASP A C   1 
ATOM   173  O O   . ASP A 1 22  ? -5.883  3.244   11.489  1.00 171.88 ? 28  ASP A O   1 
ATOM   174  C CB  . ASP A 1 22  ? -3.758  4.188   13.513  1.00 194.36 ? 28  ASP A CB  1 
ATOM   175  C CG  . ASP A 1 22  ? -3.963  5.676   13.711  1.00 190.89 ? 28  ASP A CG  1 
ATOM   176  O OD1 . ASP A 1 22  ? -2.957  6.418   13.736  1.00 188.62 ? 28  ASP A OD1 1 
ATOM   177  O OD2 . ASP A 1 22  ? -5.127  6.104   13.844  1.00 186.21 ? 28  ASP A OD2 1 
ATOM   178  N N   . MET A 1 23  ? -4.997  5.046   10.477  1.00 168.79 ? 29  MET A N   1 
ATOM   179  C CA  . MET A 1 23  ? -6.194  5.338   9.696   1.00 176.02 ? 29  MET A CA  1 
ATOM   180  C C   . MET A 1 23  ? -6.110  4.724   8.305   1.00 182.00 ? 29  MET A C   1 
ATOM   181  O O   . MET A 1 23  ? -7.001  4.915   7.477   1.00 181.42 ? 29  MET A O   1 
ATOM   182  C CB  . MET A 1 23  ? -6.395  6.847   9.572   1.00 182.05 ? 29  MET A CB  1 
ATOM   183  C CG  . MET A 1 23  ? -6.892  7.523   10.833  1.00 189.03 ? 29  MET A CG  1 
ATOM   184  S SD  . MET A 1 23  ? -7.076  9.296   10.579  1.00 230.37 ? 29  MET A SD  1 
ATOM   185  C CE  . MET A 1 23  ? -7.835  9.313   8.958   1.00 195.27 ? 29  MET A CE  1 
ATOM   186  N N   . LEU A 1 24  ? -5.034  3.985   8.054   1.00 174.64 ? 30  LEU A N   1 
ATOM   187  C CA  . LEU A 1 24  ? -4.798  3.400   6.741   1.00 171.40 ? 30  LEU A CA  1 
ATOM   188  C C   . LEU A 1 24  ? -5.791  2.280   6.443   1.00 174.00 ? 30  LEU A C   1 
ATOM   189  O O   . LEU A 1 24  ? -5.996  1.912   5.287   1.00 181.21 ? 30  LEU A O   1 
ATOM   190  C CB  . LEU A 1 24  ? -3.363  2.876   6.642   1.00 179.65 ? 30  LEU A CB  1 
ATOM   191  C CG  . LEU A 1 24  ? -2.769  2.732   5.241   1.00 181.58 ? 30  LEU A CG  1 
ATOM   192  C CD1 . LEU A 1 24  ? -2.642  4.093   4.574   1.00 172.70 ? 30  LEU A CD1 1 
ATOM   193  C CD2 . LEU A 1 24  ? -1.420  2.030   5.296   1.00 178.47 ? 30  LEU A CD2 1 
ATOM   194  N N   . HIS A 1 25  ? -6.413  1.747   7.491   1.00 168.08 ? 31  HIS A N   1 
ATOM   195  C CA  . HIS A 1 25  ? -7.342  0.632   7.348   1.00 169.70 ? 31  HIS A CA  1 
ATOM   196  C C   . HIS A 1 25  ? -8.679  1.057   6.748   1.00 170.29 ? 31  HIS A C   1 
ATOM   197  O O   . HIS A 1 25  ? -9.486  0.213   6.359   1.00 173.79 ? 31  HIS A O   1 
ATOM   198  C CB  . HIS A 1 25  ? -7.571  -0.053  8.696   1.00 176.07 ? 31  HIS A CB  1 
ATOM   199  C CG  . HIS A 1 25  ? -8.358  0.770   9.669   1.00 184.58 ? 31  HIS A CG  1 
ATOM   200  N ND1 . HIS A 1 25  ? -7.878  1.943   10.211  1.00 186.19 ? 31  HIS A ND1 1 
ATOM   201  C CD2 . HIS A 1 25  ? -9.589  0.585   10.201  1.00 181.11 ? 31  HIS A CD2 1 
ATOM   202  C CE1 . HIS A 1 25  ? -8.782  2.447   11.033  1.00 182.01 ? 31  HIS A CE1 1 
ATOM   203  N NE2 . HIS A 1 25  ? -9.830  1.643   11.045  1.00 185.00 ? 31  HIS A NE2 1 
ATOM   204  N N   . ARG A 1 26  ? -8.912  2.363   6.676   1.00 168.97 ? 32  ARG A N   1 
ATOM   205  C CA  . ARG A 1 26  ? -10.153 2.879   6.110   1.00 176.14 ? 32  ARG A CA  1 
ATOM   206  C C   . ARG A 1 26  ? -10.161 2.729   4.591   1.00 179.31 ? 32  ARG A C   1 
ATOM   207  O O   . ARG A 1 26  ? -11.214 2.785   3.957   1.00 182.43 ? 32  ARG A O   1 
ATOM   208  C CB  . ARG A 1 26  ? -10.360 4.344   6.504   1.00 176.19 ? 32  ARG A CB  1 
ATOM   209  C CG  . ARG A 1 26  ? -10.284 4.598   8.002   1.00 182.84 ? 32  ARG A CG  1 
ATOM   210  C CD  . ARG A 1 26  ? -11.202 3.660   8.773   1.00 190.51 ? 32  ARG A CD  1 
ATOM   211  N NE  . ARG A 1 26  ? -12.615 3.924   8.516   1.00 201.34 ? 32  ARG A NE  1 
ATOM   212  C CZ  . ARG A 1 26  ? -13.397 4.644   9.315   1.00 199.57 ? 32  ARG A CZ  1 
ATOM   213  N NH1 . ARG A 1 26  ? -12.906 5.173   10.427  1.00 187.82 ? 32  ARG A NH1 1 
ATOM   214  N NH2 . ARG A 1 26  ? -14.673 4.831   9.003   1.00 200.57 ? 32  ARG A NH2 1 
ATOM   215  N N   . PHE A 1 27  ? -8.977  2.535   4.019   1.00 179.88 ? 33  PHE A N   1 
ATOM   216  C CA  . PHE A 1 27  ? -8.836  2.329   2.583   1.00 167.41 ? 33  PHE A CA  1 
ATOM   217  C C   . PHE A 1 27  ? -9.271  0.927   2.173   1.00 171.87 ? 33  PHE A C   1 
ATOM   218  O O   . PHE A 1 27  ? -9.704  0.708   1.043   1.00 173.05 ? 33  PHE A O   1 
ATOM   219  C CB  . PHE A 1 27  ? -7.385  2.551   2.154   1.00 158.80 ? 33  PHE A CB  1 
ATOM   220  C CG  . PHE A 1 27  ? -7.009  3.997   2.007   1.00 174.48 ? 33  PHE A CG  1 
ATOM   221  C CD1 . PHE A 1 27  ? -7.979  4.963   1.801   1.00 182.18 ? 33  PHE A CD1 1 
ATOM   222  C CD2 . PHE A 1 27  ? -5.682  4.388   2.068   1.00 185.54 ? 33  PHE A CD2 1 
ATOM   223  C CE1 . PHE A 1 27  ? -7.633  6.293   1.663   1.00 196.73 ? 33  PHE A CE1 1 
ATOM   224  C CE2 . PHE A 1 27  ? -5.328  5.716   1.929   1.00 189.92 ? 33  PHE A CE2 1 
ATOM   225  C CZ  . PHE A 1 27  ? -6.304  6.669   1.726   1.00 196.68 ? 33  PHE A CZ  1 
ATOM   226  N N   . TYR A 1 28  ? -9.150  -0.020  3.096   1.00 171.23 ? 34  TYR A N   1 
ATOM   227  C CA  . TYR A 1 28  ? -9.413  -1.421  2.792   1.00 170.48 ? 34  TYR A CA  1 
ATOM   228  C C   . TYR A 1 28  ? -10.829 -1.838  3.172   1.00 175.53 ? 34  TYR A C   1 
ATOM   229  O O   . TYR A 1 28  ? -11.418 -1.297  4.107   1.00 182.65 ? 34  TYR A O   1 
ATOM   230  C CB  . TYR A 1 28  ? -8.397  -2.317  3.503   1.00 170.15 ? 34  TYR A CB  1 
ATOM   231  C CG  . TYR A 1 28  ? -6.958  -1.940  3.233   1.00 181.31 ? 34  TYR A CG  1 
ATOM   232  C CD1 . TYR A 1 28  ? -6.294  -1.036  4.052   1.00 181.42 ? 34  TYR A CD1 1 
ATOM   233  C CD2 . TYR A 1 28  ? -6.266  -2.483  2.159   1.00 180.70 ? 34  TYR A CD2 1 
ATOM   234  C CE1 . TYR A 1 28  ? -4.980  -0.685  3.810   1.00 179.59 ? 34  TYR A CE1 1 
ATOM   235  C CE2 . TYR A 1 28  ? -4.951  -2.138  1.911   1.00 178.19 ? 34  TYR A CE2 1 
ATOM   236  C CZ  . TYR A 1 28  ? -4.313  -1.238  2.739   1.00 174.62 ? 34  TYR A CZ  1 
ATOM   237  O OH  . TYR A 1 28  ? -3.006  -0.888  2.497   1.00 164.83 ? 34  TYR A OH  1 
ATOM   238  N N   . GLY A 1 29  ? -11.366 -2.804  2.435   1.00 177.54 ? 35  GLY A N   1 
ATOM   239  C CA  . GLY A 1 29  ? -12.670 -3.362  2.736   1.00 178.46 ? 35  GLY A CA  1 
ATOM   240  C C   . GLY A 1 29  ? -12.534 -4.704  3.428   1.00 182.26 ? 35  GLY A C   1 
ATOM   241  O O   . GLY A 1 29  ? -11.510 -4.987  4.050   1.00 179.97 ? 35  GLY A O   1 
ATOM   242  N N   . LYS A 1 30  ? -13.565 -5.534  3.321   1.00 187.55 ? 36  LYS A N   1 
ATOM   243  C CA  . LYS A 1 30  ? -13.536 -6.861  3.923   1.00 193.37 ? 36  LYS A CA  1 
ATOM   244  C C   . LYS A 1 30  ? -13.017 -7.904  2.936   1.00 197.85 ? 36  LYS A C   1 
ATOM   245  O O   . LYS A 1 30  ? -12.969 -9.094  3.245   1.00 202.57 ? 36  LYS A O   1 
ATOM   246  C CB  . LYS A 1 30  ? -14.923 -7.250  4.443   1.00 196.38 ? 36  LYS A CB  1 
ATOM   247  C CG  . LYS A 1 30  ? -16.040 -7.109  3.421   1.00 205.87 ? 36  LYS A CG  1 
ATOM   248  C CD  . LYS A 1 30  ? -17.393 -7.415  4.044   1.00 194.27 ? 36  LYS A CD  1 
ATOM   249  C CE  . LYS A 1 30  ? -18.523 -7.221  3.046   1.00 189.75 ? 36  LYS A CE  1 
ATOM   250  N NZ  . LYS A 1 30  ? -19.854 -7.500  3.654   1.00 175.92 ? 36  LYS A NZ  1 
ATOM   251  N N   . ASN A 1 31  ? -12.627 -7.444  1.752   1.00 196.82 ? 37  ASN A N   1 
ATOM   252  C CA  . ASN A 1 31  ? -12.084 -8.324  0.724   1.00 200.18 ? 37  ASN A CA  1 
ATOM   253  C C   . ASN A 1 31  ? -10.743 -7.822  0.197   1.00 197.11 ? 37  ASN A C   1 
ATOM   254  O O   . ASN A 1 31  ? -10.462 -7.918  -0.998  1.00 205.46 ? 37  ASN A O   1 
ATOM   255  C CB  . ASN A 1 31  ? -13.072 -8.471  -0.435  1.00 199.81 ? 37  ASN A CB  1 
ATOM   256  C CG  . ASN A 1 31  ? -14.374 -9.119  -0.011  1.00 209.71 ? 37  ASN A CG  1 
ATOM   257  O OD1 . ASN A 1 31  ? -14.398 -9.967  0.880   1.00 220.82 ? 37  ASN A OD1 1 
ATOM   258  N ND2 . ASN A 1 31  ? -15.467 -8.722  -0.652  1.00 219.25 ? 37  ASN A ND2 1 
ATOM   259  N N   . SER A 1 32  ? -9.918  -7.290  1.092   1.00 191.69 ? 38  SER A N   1 
ATOM   260  C CA  . SER A 1 32  ? -8.629  -6.733  0.698   1.00 180.75 ? 38  SER A CA  1 
ATOM   261  C C   . SER A 1 32  ? -7.460  -7.631  1.096   1.00 180.32 ? 38  SER A C   1 
ATOM   262  O O   . SER A 1 32  ? -7.567  -8.436  2.021   1.00 185.83 ? 38  SER A O   1 
ATOM   263  C CB  . SER A 1 32  ? -8.447  -5.332  1.286   1.00 179.72 ? 38  SER A CB  1 
ATOM   264  O OG  . SER A 1 32  ? -9.413  -4.433  0.770   1.00 173.30 ? 38  SER A OG  1 
ATOM   265  N N   . SER A 1 33  ? -6.347  -7.485  0.383   1.00 188.28 ? 39  SER A N   1 
ATOM   266  C CA  . SER A 1 33  ? -5.143  -8.263  0.655   1.00 190.08 ? 39  SER A CA  1 
ATOM   267  C C   . SER A 1 33  ? -3.976  -7.336  0.972   1.00 188.86 ? 39  SER A C   1 
ATOM   268  O O   . SER A 1 33  ? -3.568  -6.531  0.133   1.00 185.47 ? 39  SER A O   1 
ATOM   269  C CB  . SER A 1 33  ? -4.792  -9.142  -0.547  1.00 191.16 ? 39  SER A CB  1 
ATOM   270  O OG  . SER A 1 33  ? -5.907  -9.899  -0.976  1.00 189.40 ? 39  SER A OG  1 
ATOM   271  N N   . TYR A 1 34  ? -3.436  -7.452  2.181   1.00 171.89 ? 40  TYR A N   1 
ATOM   272  C CA  . TYR A 1 34  ? -2.329  -6.601  2.604   1.00 165.47 ? 40  TYR A CA  1 
ATOM   273  C C   . TYR A 1 34  ? -1.051  -7.407  2.815   1.00 157.84 ? 40  TYR A C   1 
ATOM   274  O O   . TYR A 1 34  ? -1.050  -8.423  3.510   1.00 154.08 ? 40  TYR A O   1 
ATOM   275  C CB  . TYR A 1 34  ? -2.694  -5.842  3.881   1.00 165.38 ? 40  TYR A CB  1 
ATOM   276  C CG  . TYR A 1 34  ? -1.694  -4.775  4.273   1.00 158.54 ? 40  TYR A CG  1 
ATOM   277  C CD1 . TYR A 1 34  ? -1.773  -3.495  3.742   1.00 158.44 ? 40  TYR A CD1 1 
ATOM   278  C CD2 . TYR A 1 34  ? -0.675  -5.047  5.175   1.00 146.81 ? 40  TYR A CD2 1 
ATOM   279  C CE1 . TYR A 1 34  ? -0.865  -2.516  4.097   1.00 148.74 ? 40  TYR A CE1 1 
ATOM   280  C CE2 . TYR A 1 34  ? 0.240   -4.076  5.535   1.00 146.00 ? 40  TYR A CE2 1 
ATOM   281  C CZ  . TYR A 1 34  ? 0.140   -2.812  4.992   1.00 144.29 ? 40  TYR A CZ  1 
ATOM   282  O OH  . TYR A 1 34  ? 1.045   -1.838  5.347   1.00 157.28 ? 40  TYR A OH  1 
ATOM   283  N N   . VAL A 1 35  ? 0.036   -6.946  2.203   1.00 163.47 ? 41  VAL A N   1 
ATOM   284  C CA  . VAL A 1 35  ? 1.335   -7.594  2.341   1.00 158.50 ? 41  VAL A CA  1 
ATOM   285  C C   . VAL A 1 35  ? 2.428   -6.556  2.567   1.00 159.36 ? 41  VAL A C   1 
ATOM   286  O O   . VAL A 1 35  ? 2.534   -5.581  1.824   1.00 160.35 ? 41  VAL A O   1 
ATOM   287  C CB  . VAL A 1 35  ? 1.686   -8.438  1.098   1.00 161.27 ? 41  VAL A CB  1 
ATOM   288  C CG1 . VAL A 1 35  ? 3.155   -8.839  1.117   1.00 162.26 ? 41  VAL A CG1 1 
ATOM   289  C CG2 . VAL A 1 35  ? 0.798   -9.666  1.023   1.00 166.77 ? 41  VAL A CG2 1 
ATOM   290  N N   . HIS A 1 36  ? 3.234   -6.770  3.601   1.00 163.45 ? 42  HIS A N   1 
ATOM   291  C CA  . HIS A 1 36  ? 4.328   -5.865  3.918   1.00 168.47 ? 42  HIS A CA  1 
ATOM   292  C C   . HIS A 1 36  ? 5.482   -6.657  4.522   1.00 181.15 ? 42  HIS A C   1 
ATOM   293  O O   . HIS A 1 36  ? 5.461   -7.888  4.534   1.00 179.57 ? 42  HIS A O   1 
ATOM   294  C CB  . HIS A 1 36  ? 3.856   -4.793  4.899   1.00 164.94 ? 42  HIS A CB  1 
ATOM   295  C CG  . HIS A 1 36  ? 4.291   -3.406  4.538   1.00 163.08 ? 42  HIS A CG  1 
ATOM   296  N ND1 . HIS A 1 36  ? 3.561   -2.591  3.698   1.00 151.10 ? 42  HIS A ND1 1 
ATOM   297  C CD2 . HIS A 1 36  ? 5.376   -2.686  4.910   1.00 158.16 ? 42  HIS A CD2 1 
ATOM   298  C CE1 . HIS A 1 36  ? 4.178   -1.430  3.568   1.00 146.02 ? 42  HIS A CE1 1 
ATOM   299  N NE2 . HIS A 1 36  ? 5.283   -1.463  4.291   1.00 148.83 ? 42  HIS A NE2 1 
ATOM   300  N N   . GLY A 1 37  ? 6.488   -5.948  5.024   1.00 190.63 ? 43  GLY A N   1 
ATOM   301  C CA  . GLY A 1 37  ? 7.615   -6.588  5.676   1.00 198.81 ? 43  GLY A CA  1 
ATOM   302  C C   . GLY A 1 37  ? 8.667   -7.094  4.707   1.00 200.25 ? 43  GLY A C   1 
ATOM   303  O O   . GLY A 1 37  ? 9.112   -6.360  3.827   1.00 187.10 ? 43  GLY A O   1 
ATOM   304  N N   . GLY A 1 38  ? 9.055   -8.358  4.858   1.00 202.65 ? 44  GLY A N   1 
ATOM   305  C CA  . GLY A 1 38  ? 8.445   -9.239  5.839   1.00 207.69 ? 44  GLY A CA  1 
ATOM   306  C C   . GLY A 1 38  ? 9.273   -9.484  7.091   1.00 225.52 ? 44  GLY A C   1 
ATOM   307  O O   . GLY A 1 38  ? 9.162   -8.730  8.057   1.00 236.76 ? 44  GLY A O   1 
ATOM   308  N N   . LEU A 1 39  ? 10.102  -10.527 7.089   1.00 229.08 ? 45  LEU A N   1 
ATOM   309  C CA  . LEU A 1 39  ? 10.314  -11.392 5.920   1.00 209.57 ? 45  LEU A CA  1 
ATOM   310  C C   . LEU A 1 39  ? 9.171   -12.354 5.522   1.00 216.36 ? 45  LEU A C   1 
ATOM   311  O O   . LEU A 1 39  ? 8.770   -12.332 4.361   1.00 207.72 ? 45  LEU A O   1 
ATOM   312  C CB  . LEU A 1 39  ? 11.662  -12.130 6.012   1.00 202.83 ? 45  LEU A CB  1 
ATOM   313  C CG  . LEU A 1 39  ? 12.906  -11.247 6.136   1.00 186.31 ? 45  LEU A CG  1 
ATOM   314  C CD1 . LEU A 1 39  ? 14.167  -12.095 6.173   1.00 193.25 ? 45  LEU A CD1 1 
ATOM   315  C CD2 . LEU A 1 39  ? 12.966  -10.236 5.003   1.00 167.55 ? 45  LEU A CD2 1 
ATOM   316  N N   . ASP A 1 40  ? 8.636   -13.189 6.423   1.00 231.04 ? 46  ASP A N   1 
ATOM   317  C CA  . ASP A 1 40  ? 9.054   -13.353 7.815   1.00 242.43 ? 46  ASP A CA  1 
ATOM   318  C C   . ASP A 1 40  ? 8.907   -14.825 8.204   1.00 247.17 ? 46  ASP A C   1 
ATOM   319  O O   . ASP A 1 40  ? 7.991   -15.502 7.736   1.00 251.41 ? 46  ASP A O   1 
ATOM   320  C CB  . ASP A 1 40  ? 8.205   -12.476 8.744   1.00 250.26 ? 46  ASP A CB  1 
ATOM   321  C CG  . ASP A 1 40  ? 6.806   -13.025 8.955   1.00 255.94 ? 46  ASP A CG  1 
ATOM   322  O OD1 . ASP A 1 40  ? 6.596   -13.753 9.949   1.00 256.94 ? 46  ASP A OD1 1 
ATOM   323  O OD2 . ASP A 1 40  ? 5.917   -12.730 8.131   1.00 252.95 ? 46  ASP A OD2 1 
ATOM   324  N N   . SER A 1 41  ? 9.808   -15.329 9.043   1.00 242.00 ? 47  SER A N   1 
ATOM   325  C CA  . SER A 1 41  ? 10.937  -14.560 9.552   1.00 236.40 ? 47  SER A CA  1 
ATOM   326  C C   . SER A 1 41  ? 12.242  -15.135 9.020   1.00 228.28 ? 47  SER A C   1 
ATOM   327  O O   . SER A 1 41  ? 13.309  -14.551 9.202   1.00 224.51 ? 47  SER A O   1 
ATOM   328  C CB  . SER A 1 41  ? 10.943  -14.571 11.082  1.00 233.63 ? 47  SER A CB  1 
ATOM   329  O OG  . SER A 1 41  ? 9.725   -14.065 11.602  1.00 225.42 ? 47  SER A OG  1 
ATOM   330  N N   . ASN A 1 42  ? 12.143  -16.286 8.362   1.00 224.13 ? 48  ASN A N   1 
ATOM   331  C CA  . ASN A 1 42  ? 13.306  -16.945 7.781   1.00 226.49 ? 48  ASN A CA  1 
ATOM   332  C C   . ASN A 1 42  ? 13.905  -16.121 6.647   1.00 229.21 ? 48  ASN A C   1 
ATOM   333  O O   . ASN A 1 42  ? 14.769  -15.273 6.870   1.00 231.68 ? 48  ASN A O   1 
ATOM   334  C CB  . ASN A 1 42  ? 12.930  -18.341 7.278   1.00 224.17 ? 48  ASN A CB  1 
ATOM   335  C CG  . ASN A 1 42  ? 14.131  -19.130 6.788   1.00 227.11 ? 48  ASN A CG  1 
ATOM   336  O OD1 . ASN A 1 42  ? 14.567  -18.974 5.646   1.00 222.42 ? 48  ASN A OD1 1 
ATOM   337  N ND2 . ASN A 1 42  ? 14.667  -19.988 7.647   1.00 224.81 ? 48  ASN A ND2 1 
ATOM   338  N N   . GLY A 1 43  ? 13.437  -16.373 5.431   1.00 221.43 ? 49  GLY A N   1 
ATOM   339  C CA  . GLY A 1 43  ? 13.893  -15.641 4.266   1.00 219.46 ? 49  GLY A CA  1 
ATOM   340  C C   . GLY A 1 43  ? 12.805  -15.575 3.214   1.00 224.34 ? 49  GLY A C   1 
ATOM   341  O O   . GLY A 1 43  ? 12.769  -14.659 2.393   1.00 226.21 ? 49  GLY A O   1 
ATOM   342  N N   . LYS A 1 44  ? 11.913  -16.559 3.247   1.00 225.52 ? 50  LYS A N   1 
ATOM   343  C CA  . LYS A 1 44  ? 10.796  -16.619 2.315   1.00 233.45 ? 50  LYS A CA  1 
ATOM   344  C C   . LYS A 1 44  ? 9.814   -15.480 2.576   1.00 226.89 ? 50  LYS A C   1 
ATOM   345  O O   . LYS A 1 44  ? 9.653   -15.046 3.718   1.00 219.92 ? 50  LYS A O   1 
ATOM   346  C CB  . LYS A 1 44  ? 10.092  -17.974 2.413   1.00 227.68 ? 50  LYS A CB  1 
ATOM   347  C CG  . LYS A 1 44  ? 10.965  -19.153 2.009   1.00 219.29 ? 50  LYS A CG  1 
ATOM   348  C CD  . LYS A 1 44  ? 11.493  -18.989 0.591   1.00 199.54 ? 50  LYS A CD  1 
ATOM   349  C CE  . LYS A 1 44  ? 12.406  -20.140 0.202   1.00 175.53 ? 50  LYS A CE  1 
ATOM   350  N NZ  . LYS A 1 44  ? 12.966  -19.971 -1.166  1.00 167.24 ? 50  LYS A NZ  1 
ATOM   351  N N   . PRO A 1 45  ? 9.163   -14.984 1.509   1.00 229.34 ? 51  PRO A N   1 
ATOM   352  C CA  . PRO A 1 45  ? 8.196   -13.882 1.575   1.00 225.40 ? 51  PRO A CA  1 
ATOM   353  C C   . PRO A 1 45  ? 7.093   -14.113 2.606   1.00 229.38 ? 51  PRO A C   1 
ATOM   354  O O   . PRO A 1 45  ? 6.650   -15.244 2.799   1.00 234.80 ? 51  PRO A O   1 
ATOM   355  C CB  . PRO A 1 45  ? 7.603   -13.862 0.164   1.00 225.36 ? 51  PRO A CB  1 
ATOM   356  C CG  . PRO A 1 45  ? 8.698   -14.380 -0.694  1.00 224.62 ? 51  PRO A CG  1 
ATOM   357  C CD  . PRO A 1 45  ? 9.390   -15.430 0.122   1.00 230.74 ? 51  PRO A CD  1 
ATOM   358  N N   . ALA A 1 46  ? 6.666   -13.037 3.260   1.00 222.10 ? 52  ALA A N   1 
ATOM   359  C CA  . ALA A 1 46  ? 5.641   -13.112 4.297   1.00 212.32 ? 52  ALA A CA  1 
ATOM   360  C C   . ALA A 1 46  ? 4.278   -13.482 3.724   1.00 200.59 ? 52  ALA A C   1 
ATOM   361  O O   . ALA A 1 46  ? 4.031   -13.328 2.529   1.00 213.25 ? 52  ALA A O   1 
ATOM   362  C CB  . ALA A 1 46  ? 5.558   -11.793 5.051   1.00 208.43 ? 52  ALA A CB  1 
ATOM   363  N N   . ASP A 1 47  ? 3.395   -13.968 4.590   1.00 189.42 ? 53  ASP A N   1 
ATOM   364  C CA  . ASP A 1 47  ? 2.047   -14.339 4.182   1.00 179.55 ? 53  ASP A CA  1 
ATOM   365  C C   . ASP A 1 47  ? 1.180   -13.103 3.979   1.00 178.02 ? 53  ASP A C   1 
ATOM   366  O O   . ASP A 1 47  ? 1.604   -11.980 4.254   1.00 168.24 ? 53  ASP A O   1 
ATOM   367  C CB  . ASP A 1 47  ? 1.407   -15.262 5.219   1.00 183.44 ? 53  ASP A CB  1 
ATOM   368  C CG  . ASP A 1 47  ? 2.181   -16.552 5.406   1.00 185.76 ? 53  ASP A CG  1 
ATOM   369  O OD1 . ASP A 1 47  ? 1.895   -17.529 4.683   1.00 167.86 ? 53  ASP A OD1 1 
ATOM   370  O OD2 . ASP A 1 47  ? 3.074   -16.589 6.278   1.00 195.95 ? 53  ASP A OD2 1 
ATOM   371  N N   . ALA A 1 48  ? -0.039  -13.319 3.498   1.00 182.51 ? 54  ALA A N   1 
ATOM   372  C CA  . ALA A 1 48  ? -0.973  -12.226 3.261   1.00 181.87 ? 54  ALA A CA  1 
ATOM   373  C C   . ALA A 1 48  ? -2.088  -12.231 4.299   1.00 179.51 ? 54  ALA A C   1 
ATOM   374  O O   . ALA A 1 48  ? -2.577  -13.289 4.693   1.00 170.60 ? 54  ALA A O   1 
ATOM   375  C CB  . ALA A 1 48  ? -1.554  -12.323 1.859   1.00 188.99 ? 54  ALA A CB  1 
ATOM   376  N N   . VAL A 1 49  ? -2.486  -11.042 4.741   1.00 181.88 ? 55  VAL A N   1 
ATOM   377  C CA  . VAL A 1 49  ? -3.586  -10.911 5.688   1.00 180.61 ? 55  VAL A CA  1 
ATOM   378  C C   . VAL A 1 49  ? -4.844  -10.407 4.988   1.00 183.74 ? 55  VAL A C   1 
ATOM   379  O O   . VAL A 1 49  ? -4.768  -9.669  4.005   1.00 189.77 ? 55  VAL A O   1 
ATOM   380  C CB  . VAL A 1 49  ? -3.226  -9.971  6.856   1.00 177.94 ? 55  VAL A CB  1 
ATOM   381  C CG1 . VAL A 1 49  ? -2.084  -10.553 7.673   1.00 182.10 ? 55  VAL A CG1 1 
ATOM   382  C CG2 . VAL A 1 49  ? -2.869  -8.586  6.340   1.00 168.80 ? 55  VAL A CG2 1 
ATOM   383  N N   . TYR A 1 50  ? -6.002  -10.814 5.497   1.00 188.62 ? 56  TYR A N   1 
ATOM   384  C CA  . TYR A 1 50  ? -7.274  -10.433 4.898   1.00 182.45 ? 56  TYR A CA  1 
ATOM   385  C C   . TYR A 1 50  ? -8.228  -9.889  5.956   1.00 195.92 ? 56  TYR A C   1 
ATOM   386  O O   . TYR A 1 50  ? -8.130  -10.238 7.132   1.00 200.19 ? 56  TYR A O   1 
ATOM   387  C CB  . TYR A 1 50  ? -7.904  -11.628 4.178   1.00 190.49 ? 56  TYR A CB  1 
ATOM   388  C CG  . TYR A 1 50  ? -7.013  -12.252 3.125   1.00 206.78 ? 56  TYR A CG  1 
ATOM   389  C CD1 . TYR A 1 50  ? -7.026  -11.793 1.813   1.00 217.84 ? 56  TYR A CD1 1 
ATOM   390  C CD2 . TYR A 1 50  ? -6.160  -13.303 3.442   1.00 199.16 ? 56  TYR A CD2 1 
ATOM   391  C CE1 . TYR A 1 50  ? -6.215  -12.363 0.848   1.00 207.71 ? 56  TYR A CE1 1 
ATOM   392  C CE2 . TYR A 1 50  ? -5.344  -13.877 2.482   1.00 207.19 ? 56  TYR A CE2 1 
ATOM   393  C CZ  . TYR A 1 50  ? -5.377  -13.402 1.188   1.00 213.18 ? 56  TYR A CZ  1 
ATOM   394  O OH  . TYR A 1 50  ? -4.568  -13.969 0.228   1.00 197.57 ? 56  TYR A OH  1 
ATOM   395  N N   . GLY A 1 51  ? -9.152  -9.032  5.532   1.00 183.41 ? 57  GLY A N   1 
ATOM   396  C CA  . GLY A 1 51  ? -10.090 -8.413  6.449   1.00 181.47 ? 57  GLY A CA  1 
ATOM   397  C C   . GLY A 1 51  ? -9.519  -7.150  7.063   1.00 181.63 ? 57  GLY A C   1 
ATOM   398  O O   . GLY A 1 51  ? -8.344  -7.106  7.429   1.00 183.75 ? 57  GLY A O   1 
ATOM   399  N N   . GLN A 1 52  ? -10.356 -6.123  7.179   1.00 173.44 ? 58  GLN A N   1 
ATOM   400  C CA  . GLN A 1 52  ? -9.928  -4.823  7.686   1.00 169.72 ? 58  GLN A CA  1 
ATOM   401  C C   . GLN A 1 52  ? -9.390  -4.902  9.115   1.00 180.33 ? 58  GLN A C   1 
ATOM   402  O O   . GLN A 1 52  ? -8.513  -4.129  9.501   1.00 179.99 ? 58  GLN A O   1 
ATOM   403  C CB  . GLN A 1 52  ? -11.085 -3.823  7.609   1.00 166.47 ? 58  GLN A CB  1 
ATOM   404  C CG  . GLN A 1 52  ? -10.716 -2.401  7.998   1.00 174.89 ? 58  GLN A CG  1 
ATOM   405  C CD  . GLN A 1 52  ? -11.858 -1.426  7.786   1.00 182.14 ? 58  GLN A CD  1 
ATOM   406  O OE1 . GLN A 1 52  ? -11.790 -0.271  8.205   1.00 190.06 ? 58  GLN A OE1 1 
ATOM   407  N NE2 . GLN A 1 52  ? -12.915 -1.888  7.129   1.00 170.46 ? 58  GLN A NE2 1 
ATOM   408  N N   . LYS A 1 53  ? -9.914  -5.844  9.891   1.00 186.64 ? 59  LYS A N   1 
ATOM   409  C CA  . LYS A 1 53  ? -9.491  -6.016  11.276  1.00 187.92 ? 59  LYS A CA  1 
ATOM   410  C C   . LYS A 1 53  ? -8.065  -6.557  11.368  1.00 183.22 ? 59  LYS A C   1 
ATOM   411  O O   . LYS A 1 53  ? -7.298  -6.163  12.246  1.00 175.24 ? 59  LYS A O   1 
ATOM   412  C CB  . LYS A 1 53  ? -10.461 -6.936  12.024  1.00 193.39 ? 59  LYS A CB  1 
ATOM   413  C CG  . LYS A 1 53  ? -10.153 -7.098  13.505  1.00 191.84 ? 59  LYS A CG  1 
ATOM   414  C CD  . LYS A 1 53  ? -11.254 -7.864  14.221  1.00 172.33 ? 59  LYS A CD  1 
ATOM   415  C CE  . LYS A 1 53  ? -11.444 -9.252  13.631  1.00 182.18 ? 59  LYS A CE  1 
ATOM   416  N NZ  . LYS A 1 53  ? -10.223 -10.091 13.773  1.00 192.56 ? 59  LYS A NZ  1 
ATOM   417  N N   . GLU A 1 54  ? -7.714  -7.454  10.452  1.00 190.78 ? 60  GLU A N   1 
ATOM   418  C CA  . GLU A 1 54  ? -6.387  -8.061  10.447  1.00 188.03 ? 60  GLU A CA  1 
ATOM   419  C C   . GLU A 1 54  ? -5.354  -7.177  9.755   1.00 187.40 ? 60  GLU A C   1 
ATOM   420  O O   . GLU A 1 54  ? -4.179  -7.177  10.123  1.00 180.70 ? 60  GLU A O   1 
ATOM   421  C CB  . GLU A 1 54  ? -6.428  -9.440  9.783   1.00 182.29 ? 60  GLU A CB  1 
ATOM   422  C CG  . GLU A 1 54  ? -7.276  -10.459 10.526  1.00 198.74 ? 60  GLU A CG  1 
ATOM   423  C CD  . GLU A 1 54  ? -6.715  -10.801 11.893  1.00 201.41 ? 60  GLU A CD  1 
ATOM   424  O OE1 . GLU A 1 54  ? -5.484  -10.695 12.078  1.00 192.78 ? 60  GLU A OE1 1 
ATOM   425  O OE2 . GLU A 1 54  ? -7.505  -11.178 12.784  1.00 211.72 ? 60  GLU A OE2 1 
ATOM   426  N N   . ILE A 1 55  ? -5.799  -6.428  8.750   1.00 187.38 ? 61  ILE A N   1 
ATOM   427  C CA  . ILE A 1 55  ? -4.921  -5.515  8.026   1.00 175.22 ? 61  ILE A CA  1 
ATOM   428  C C   . ILE A 1 55  ? -4.406  -4.413  8.946   1.00 172.01 ? 61  ILE A C   1 
ATOM   429  O O   . ILE A 1 55  ? -3.204  -4.150  9.002   1.00 156.57 ? 61  ILE A O   1 
ATOM   430  C CB  . ILE A 1 55  ? -5.638  -4.885  6.815   1.00 172.29 ? 61  ILE A CB  1 
ATOM   431  C CG1 . ILE A 1 55  ? -5.924  -5.953  5.758   1.00 179.05 ? 61  ILE A CG1 1 
ATOM   432  C CG2 . ILE A 1 55  ? -4.797  -3.768  6.218   1.00 179.08 ? 61  ILE A CG2 1 
ATOM   433  C CD1 . ILE A 1 55  ? -6.675  -5.434  4.553   1.00 185.52 ? 61  ILE A CD1 1 
ATOM   434  N N   . HIS A 1 56  ? -5.323  -3.782  9.673   1.00 177.12 ? 62  HIS A N   1 
ATOM   435  C CA  . HIS A 1 56  ? -4.968  -2.745  10.634  1.00 171.28 ? 62  HIS A CA  1 
ATOM   436  C C   . HIS A 1 56  ? -4.086  -3.313  11.739  1.00 172.14 ? 62  HIS A C   1 
ATOM   437  O O   . HIS A 1 56  ? -3.247  -2.610  12.304  1.00 170.45 ? 62  HIS A O   1 
ATOM   438  C CB  . HIS A 1 56  ? -6.231  -2.131  11.240  1.00 163.23 ? 62  HIS A CB  1 
ATOM   439  C CG  . HIS A 1 56  ? -5.959  -1.054  12.242  1.00 181.25 ? 62  HIS A CG  1 
ATOM   440  N ND1 . HIS A 1 56  ? -6.121  -1.239  13.599  1.00 194.79 ? 62  HIS A ND1 1 
ATOM   441  C CD2 . HIS A 1 56  ? -5.538  0.224   12.086  1.00 182.38 ? 62  HIS A CD2 1 
ATOM   442  C CE1 . HIS A 1 56  ? -5.810  -0.125  14.234  1.00 187.57 ? 62  HIS A CE1 1 
ATOM   443  N NE2 . HIS A 1 56  ? -5.453  0.780   13.340  1.00 190.03 ? 62  HIS A NE2 1 
ATOM   444  N N   . ARG A 1 57  ? -4.283  -4.592  12.036  1.00 173.79 ? 63  ARG A N   1 
ATOM   445  C CA  . ARG A 1 57  ? -3.538  -5.266  13.093  1.00 184.61 ? 63  ARG A CA  1 
ATOM   446  C C   . ARG A 1 57  ? -2.058  -5.398  12.746  1.00 176.36 ? 63  ARG A C   1 
ATOM   447  O O   . ARG A 1 57  ? -1.198  -5.306  13.623  1.00 176.59 ? 63  ARG A O   1 
ATOM   448  C CB  . ARG A 1 57  ? -4.146  -6.645  13.367  1.00 190.74 ? 63  ARG A CB  1 
ATOM   449  C CG  . ARG A 1 57  ? -3.521  -7.387  14.535  1.00 191.33 ? 63  ARG A CG  1 
ATOM   450  C CD  . ARG A 1 57  ? -4.262  -8.685  14.812  1.00 203.74 ? 63  ARG A CD  1 
ATOM   451  N NE  . ARG A 1 57  ? -3.666  -9.433  15.915  1.00 216.17 ? 63  ARG A NE  1 
ATOM   452  C CZ  . ARG A 1 57  ? -2.728  -10.362 15.765  1.00 222.89 ? 63  ARG A CZ  1 
ATOM   453  N NH1 . ARG A 1 57  ? -2.275  -10.661 14.554  1.00 220.14 ? 63  ARG A NH1 1 
ATOM   454  N NH2 . ARG A 1 57  ? -2.243  -10.993 16.825  1.00 218.24 ? 63  ARG A NH2 1 
ATOM   455  N N   . LYS A 1 58  ? -1.764  -5.606  11.466  1.00 174.65 ? 64  LYS A N   1 
ATOM   456  C CA  . LYS A 1 58  ? -0.383  -5.770  11.026  1.00 173.58 ? 64  LYS A CA  1 
ATOM   457  C C   . LYS A 1 58  ? 0.280   -4.426  10.731  1.00 171.15 ? 64  LYS A C   1 
ATOM   458  O O   . LYS A 1 58  ? 1.495   -4.284  10.864  1.00 173.44 ? 64  LYS A O   1 
ATOM   459  C CB  . LYS A 1 58  ? -0.303  -6.693  9.806   1.00 157.99 ? 64  LYS A CB  1 
ATOM   460  C CG  . LYS A 1 58  ? 1.104   -7.190  9.505   1.00 155.41 ? 64  LYS A CG  1 
ATOM   461  C CD  . LYS A 1 58  ? 1.101   -8.281  8.447   1.00 168.41 ? 64  LYS A CD  1 
ATOM   462  C CE  . LYS A 1 58  ? 0.623   -7.753  7.105   1.00 179.57 ? 64  LYS A CE  1 
ATOM   463  N NZ  . LYS A 1 58  ? 0.618   -8.814  6.061   1.00 170.70 ? 64  LYS A NZ  1 
ATOM   464  N N   . VAL A 1 59  ? -0.522  -3.443  10.333  1.00 163.02 ? 65  VAL A N   1 
ATOM   465  C CA  . VAL A 1 59  ? -0.017  -2.094  10.098  1.00 160.73 ? 65  VAL A CA  1 
ATOM   466  C C   . VAL A 1 59  ? 0.467   -1.474  11.405  1.00 168.81 ? 65  VAL A C   1 
ATOM   467  O O   . VAL A 1 59  ? 1.550   -0.891  11.466  1.00 160.18 ? 65  VAL A O   1 
ATOM   468  C CB  . VAL A 1 59  ? -1.092  -1.188  9.466   1.00 155.32 ? 65  VAL A CB  1 
ATOM   469  C CG1 . VAL A 1 59  ? -0.634  0.263   9.461   1.00 164.63 ? 65  VAL A CG1 1 
ATOM   470  C CG2 . VAL A 1 59  ? -1.415  -1.652  8.057   1.00 167.39 ? 65  VAL A CG2 1 
ATOM   471  N N   . MET A 1 60  ? -0.344  -1.614  12.449  1.00 175.41 ? 66  MET A N   1 
ATOM   472  C CA  . MET A 1 60  ? -0.005  -1.099  13.771  1.00 183.37 ? 66  MET A CA  1 
ATOM   473  C C   . MET A 1 60  ? 1.219   -1.798  14.353  1.00 192.37 ? 66  MET A C   1 
ATOM   474  O O   . MET A 1 60  ? 1.972   -1.207  15.126  1.00 200.04 ? 66  MET A O   1 
ATOM   475  C CB  . MET A 1 60  ? -1.191  -1.256  14.725  1.00 192.54 ? 66  MET A CB  1 
ATOM   476  C CG  . MET A 1 60  ? -2.338  -0.298  14.458  1.00 197.96 ? 66  MET A CG  1 
ATOM   477  S SD  . MET A 1 60  ? -1.934  1.400   14.911  1.00 223.81 ? 66  MET A SD  1 
ATOM   478  C CE  . MET A 1 60  ? -1.665  1.224   16.674  1.00 199.81 ? 66  MET A CE  1 
ATOM   479  N N   . SER A 1 61  ? 1.410   -3.059  13.979  1.00 190.50 ? 67  SER A N   1 
ATOM   480  C CA  . SER A 1 61  ? 2.518   -3.851  14.499  1.00 197.54 ? 67  SER A CA  1 
ATOM   481  C C   . SER A 1 61  ? 3.854   -3.387  13.931  1.00 190.17 ? 67  SER A C   1 
ATOM   482  O O   . SER A 1 61  ? 4.869   -3.386  14.626  1.00 201.48 ? 67  SER A O   1 
ATOM   483  C CB  . SER A 1 61  ? 2.307   -5.333  14.186  1.00 195.42 ? 67  SER A CB  1 
ATOM   484  O OG  . SER A 1 61  ? 2.369   -5.573  12.791  1.00 174.58 ? 67  SER A OG  1 
ATOM   485  N N   . GLN A 1 62  ? 3.846   -2.990  12.663  1.00 168.36 ? 68  GLN A N   1 
ATOM   486  C CA  . GLN A 1 62  ? 5.069   -2.593  11.975  1.00 177.05 ? 68  GLN A CA  1 
ATOM   487  C C   . GLN A 1 62  ? 5.542   -1.202  12.388  1.00 176.67 ? 68  GLN A C   1 
ATOM   488  O O   . GLN A 1 62  ? 6.692   -0.837  12.148  1.00 173.70 ? 68  GLN A O   1 
ATOM   489  C CB  . GLN A 1 62  ? 4.873   -2.670  10.462  1.00 170.40 ? 68  GLN A CB  1 
ATOM   490  C CG  . GLN A 1 62  ? 4.611   -4.082  9.965   1.00 172.69 ? 68  GLN A CG  1 
ATOM   491  C CD  . GLN A 1 62  ? 4.010   -4.113  8.578   1.00 168.96 ? 68  GLN A CD  1 
ATOM   492  O OE1 . GLN A 1 62  ? 3.664   -5.177  8.065   1.00 177.39 ? 68  GLN A OE1 1 
ATOM   493  N NE2 . GLN A 1 62  ? 3.878   -2.944  7.963   1.00 164.24 ? 68  GLN A NE2 1 
ATOM   494  N N   . ASN A 1 63  ? 4.645   -0.438  13.007  1.00 169.55 ? 69  ASN A N   1 
ATOM   495  C CA  . ASN A 1 63  ? 4.969   0.883   13.544  1.00 174.21 ? 69  ASN A CA  1 
ATOM   496  C C   . ASN A 1 63  ? 5.573   1.846   12.524  1.00 164.77 ? 69  ASN A C   1 
ATOM   497  O O   . ASN A 1 63  ? 6.793   1.959   12.411  1.00 156.81 ? 69  ASN A O   1 
ATOM   498  C CB  . ASN A 1 63  ? 5.897   0.758   14.758  1.00 184.56 ? 69  ASN A CB  1 
ATOM   499  C CG  . ASN A 1 63  ? 5.217   0.106   15.946  1.00 179.75 ? 69  ASN A CG  1 
ATOM   500  O OD1 . ASN A 1 63  ? 4.052   0.374   16.233  1.00 188.66 ? 69  ASN A OD1 1 
ATOM   501  N ND2 . ASN A 1 63  ? 5.947   -0.758  16.644  1.00 165.98 ? 69  ASN A ND2 1 
ATOM   502  N N   . PHE A 1 64  ? 4.713   2.543   11.791  1.00 169.14 ? 70  PHE A N   1 
ATOM   503  C CA  . PHE A 1 64  ? 5.168   3.546   10.836  1.00 180.96 ? 70  PHE A CA  1 
ATOM   504  C C   . PHE A 1 64  ? 5.356   4.896   11.520  1.00 183.81 ? 70  PHE A C   1 
ATOM   505  O O   . PHE A 1 64  ? 4.866   5.919   11.040  1.00 182.18 ? 70  PHE A O   1 
ATOM   506  C CB  . PHE A 1 64  ? 4.180   3.676   9.676   1.00 183.59 ? 70  PHE A CB  1 
ATOM   507  C CG  . PHE A 1 64  ? 4.093   2.450   8.813   1.00 183.82 ? 70  PHE A CG  1 
ATOM   508  C CD1 . PHE A 1 64  ? 3.141   1.476   9.066   1.00 183.84 ? 70  PHE A CD1 1 
ATOM   509  C CD2 . PHE A 1 64  ? 4.963   2.272   7.750   1.00 167.11 ? 70  PHE A CD2 1 
ATOM   510  C CE1 . PHE A 1 64  ? 3.057   0.347   8.272   1.00 168.31 ? 70  PHE A CE1 1 
ATOM   511  C CE2 . PHE A 1 64  ? 4.884   1.146   6.955   1.00 175.91 ? 70  PHE A CE2 1 
ATOM   512  C CZ  . PHE A 1 64  ? 3.930   0.182   7.216   1.00 173.11 ? 70  PHE A CZ  1 
ATOM   513  N N   . THR A 1 65  ? 6.064   4.886   12.645  1.00 185.56 ? 71  THR A N   1 
ATOM   514  C CA  . THR A 1 65  ? 6.325   6.100   13.407  1.00 197.07 ? 71  THR A CA  1 
ATOM   515  C C   . THR A 1 65  ? 7.184   7.068   12.602  1.00 199.26 ? 71  THR A C   1 
ATOM   516  O O   . THR A 1 65  ? 8.364   6.811   12.369  1.00 194.21 ? 71  THR A O   1 
ATOM   517  C CB  . THR A 1 65  ? 7.036   5.786   14.737  1.00 200.43 ? 71  THR A CB  1 
ATOM   518  O OG1 . THR A 1 65  ? 8.281   5.127   14.470  1.00 198.31 ? 71  THR A OG1 1 
ATOM   519  C CG2 . THR A 1 65  ? 6.169   4.889   15.607  1.00 192.31 ? 71  THR A CG2 1 
ATOM   520  N N   . ASN A 1 66  ? 6.577   8.178   12.187  1.00 201.73 ? 72  ASN A N   1 
ATOM   521  C CA  . ASN A 1 66  ? 7.246   9.180   11.361  1.00 201.02 ? 72  ASN A CA  1 
ATOM   522  C C   . ASN A 1 66  ? 7.848   8.573   10.099  1.00 197.09 ? 72  ASN A C   1 
ATOM   523  O O   . ASN A 1 66  ? 9.013   8.805   9.778   1.00 197.96 ? 72  ASN A O   1 
ATOM   524  C CB  . ASN A 1 66  ? 8.316   9.923   12.165  1.00 217.39 ? 72  ASN A CB  1 
ATOM   525  C CG  . ASN A 1 66  ? 7.759   10.576  13.414  1.00 235.45 ? 72  ASN A CG  1 
ATOM   526  O OD1 . ASN A 1 66  ? 7.299   11.717  13.379  1.00 246.04 ? 72  ASN A OD1 1 
ATOM   527  N ND2 . ASN A 1 66  ? 7.796   9.852   14.527  1.00 223.85 ? 72  ASN A ND2 1 
ATOM   528  N N   . CYS A 1 67  ? 7.043   7.785   9.395   1.00 193.86 ? 73  CYS A N   1 
ATOM   529  C CA  . CYS A 1 67  ? 7.495   7.102   8.191   1.00 196.77 ? 73  CYS A CA  1 
ATOM   530  C C   . CYS A 1 67  ? 7.342   7.999   6.966   1.00 199.39 ? 73  CYS A C   1 
ATOM   531  O O   . CYS A 1 67  ? 6.248   8.138   6.419   1.00 197.08 ? 73  CYS A O   1 
ATOM   532  C CB  . CYS A 1 67  ? 6.713   5.802   7.998   1.00 194.21 ? 73  CYS A CB  1 
ATOM   533  S SG  . CYS A 1 67  ? 7.310   4.756   6.655   1.00 211.22 ? 73  CYS A SG  1 
ATOM   534  N N   . HIS A 1 68  ? 8.446   8.606   6.541   1.00 197.59 ? 74  HIS A N   1 
ATOM   535  C CA  . HIS A 1 68  ? 8.432   9.527   5.410   1.00 190.67 ? 74  HIS A CA  1 
ATOM   536  C C   . HIS A 1 68  ? 8.669   8.788   4.097   1.00 188.64 ? 74  HIS A C   1 
ATOM   537  O O   . HIS A 1 68  ? 9.352   7.764   4.067   1.00 185.01 ? 74  HIS A O   1 
ATOM   538  C CB  . HIS A 1 68  ? 9.484   10.619  5.603   1.00 202.79 ? 74  HIS A CB  1 
ATOM   539  C CG  . HIS A 1 68  ? 9.478   11.225  6.972   1.00 215.22 ? 74  HIS A CG  1 
ATOM   540  N ND1 . HIS A 1 68  ? 10.378  10.863  7.951   1.00 218.66 ? 74  HIS A ND1 1 
ATOM   541  C CD2 . HIS A 1 68  ? 8.676   12.165  7.528   1.00 217.79 ? 74  HIS A CD2 1 
ATOM   542  C CE1 . HIS A 1 68  ? 10.135  11.558  9.049   1.00 225.19 ? 74  HIS A CE1 1 
ATOM   543  N NE2 . HIS A 1 68  ? 9.107   12.354  8.819   1.00 222.70 ? 74  HIS A NE2 1 
ATOM   544  N N   . THR A 1 69  ? 8.106   9.314   3.012   1.00 190.17 ? 75  THR A N   1 
ATOM   545  C CA  . THR A 1 69  ? 8.173   8.640   1.719   1.00 183.56 ? 75  THR A CA  1 
ATOM   546  C C   . THR A 1 69  ? 8.299   9.624   0.558   1.00 185.43 ? 75  THR A C   1 
ATOM   547  O O   . THR A 1 69  ? 7.670   10.681  0.557   1.00 196.79 ? 75  THR A O   1 
ATOM   548  C CB  . THR A 1 69  ? 6.917   7.775   1.483   1.00 175.74 ? 75  THR A CB  1 
ATOM   549  O OG1 . THR A 1 69  ? 6.542   7.122   2.702   1.00 193.38 ? 75  THR A OG1 1 
ATOM   550  C CG2 . THR A 1 69  ? 7.176   6.733   0.407   1.00 168.01 ? 75  THR A CG2 1 
ATOM   551  N N   . LYS A 1 70  ? 9.118   9.267   -0.427  1.00 178.41 ? 76  LYS A N   1 
ATOM   552  C CA  . LYS A 1 70  ? 9.218   10.039  -1.663  1.00 182.32 ? 76  LYS A CA  1 
ATOM   553  C C   . LYS A 1 70  ? 9.184   9.115   -2.876  1.00 176.76 ? 76  LYS A C   1 
ATOM   554  O O   . LYS A 1 70  ? 10.176  8.462   -3.201  1.00 170.30 ? 76  LYS A O   1 
ATOM   555  C CB  . LYS A 1 70  ? 10.489  10.891  -1.684  1.00 167.84 ? 76  LYS A CB  1 
ATOM   556  C CG  . LYS A 1 70  ? 10.616  11.751  -2.934  1.00 176.20 ? 76  LYS A CG  1 
ATOM   557  C CD  . LYS A 1 70  ? 11.921  12.531  -2.959  1.00 184.27 ? 76  LYS A CD  1 
ATOM   558  C CE  . LYS A 1 70  ? 12.043  13.344  -4.239  1.00 175.31 ? 76  LYS A CE  1 
ATOM   559  N NZ  . LYS A 1 70  ? 13.336  14.074  -4.329  1.00 142.23 ? 76  LYS A NZ  1 
ATOM   560  N N   . ILE A 1 71  ? 8.036   9.067   -3.543  1.00 165.33 ? 77  ILE A N   1 
ATOM   561  C CA  . ILE A 1 71  ? 7.852   8.196   -4.698  1.00 163.48 ? 77  ILE A CA  1 
ATOM   562  C C   . ILE A 1 71  ? 8.588   8.751   -5.915  1.00 170.62 ? 77  ILE A C   1 
ATOM   563  O O   . ILE A 1 71  ? 8.682   9.966   -6.090  1.00 168.51 ? 77  ILE A O   1 
ATOM   564  C CB  . ILE A 1 71  ? 6.357   8.026   -5.031  1.00 170.51 ? 77  ILE A CB  1 
ATOM   565  C CG1 . ILE A 1 71  ? 5.555   7.753   -3.757  1.00 172.72 ? 77  ILE A CG1 1 
ATOM   566  C CG2 . ILE A 1 71  ? 6.152   6.906   -6.037  1.00 167.65 ? 77  ILE A CG2 1 
ATOM   567  C CD1 . ILE A 1 71  ? 5.934   6.464   -3.062  1.00 163.15 ? 77  ILE A CD1 1 
ATOM   568  N N   . ARG A 1 72  ? 9.114   7.859   -6.751  1.00 174.41 ? 78  ARG A N   1 
ATOM   569  C CA  . ARG A 1 72  ? 9.856   8.271   -7.937  1.00 166.09 ? 78  ARG A CA  1 
ATOM   570  C C   . ARG A 1 72  ? 9.175   7.820   -9.229  1.00 172.67 ? 78  ARG A C   1 
ATOM   571  O O   . ARG A 1 72  ? 9.477   8.336   -10.307 1.00 178.02 ? 78  ARG A O   1 
ATOM   572  C CB  . ARG A 1 72  ? 11.293  7.743   -7.882  1.00 156.03 ? 78  ARG A CB  1 
ATOM   573  C CG  . ARG A 1 72  ? 11.816  7.522   -6.472  1.00 185.30 ? 78  ARG A CG  1 
ATOM   574  C CD  . ARG A 1 72  ? 13.268  7.946   -6.329  1.00 192.03 ? 78  ARG A CD  1 
ATOM   575  N NE  . ARG A 1 72  ? 13.412  9.400   -6.342  1.00 194.35 ? 78  ARG A NE  1 
ATOM   576  C CZ  . ARG A 1 72  ? 14.537  10.042  -6.044  1.00 198.11 ? 78  ARG A CZ  1 
ATOM   577  N NH1 . ARG A 1 72  ? 15.625  9.362   -5.710  1.00 193.45 ? 78  ARG A NH1 1 
ATOM   578  N NH2 . ARG A 1 72  ? 14.575  11.367  -6.082  1.00 199.87 ? 78  ARG A NH2 1 
ATOM   579  N N   . HIS A 1 73  ? 8.257   6.863   -9.122  1.00 174.52 ? 79  HIS A N   1 
ATOM   580  C CA  . HIS A 1 73  ? 7.544   6.354   -10.292 1.00 172.26 ? 79  HIS A CA  1 
ATOM   581  C C   . HIS A 1 73  ? 6.223   5.662   -9.946  1.00 169.32 ? 79  HIS A C   1 
ATOM   582  O O   . HIS A 1 73  ? 6.164   4.834   -9.037  1.00 173.39 ? 79  HIS A O   1 
ATOM   583  C CB  . HIS A 1 73  ? 8.435   5.403   -11.092 1.00 177.41 ? 79  HIS A CB  1 
ATOM   584  C CG  . HIS A 1 73  ? 7.743   4.764   -12.255 1.00 194.95 ? 79  HIS A CG  1 
ATOM   585  N ND1 . HIS A 1 73  ? 6.890   5.459   -13.086 1.00 192.50 ? 79  HIS A ND1 1 
ATOM   586  C CD2 . HIS A 1 73  ? 7.777   3.497   -12.728 1.00 196.86 ? 79  HIS A CD2 1 
ATOM   587  C CE1 . HIS A 1 73  ? 6.427   4.645   -14.018 1.00 187.30 ? 79  HIS A CE1 1 
ATOM   588  N NE2 . HIS A 1 73  ? 6.950   3.449   -13.824 1.00 193.07 ? 79  HIS A NE2 1 
ATOM   589  N N   . VAL A 1 74  ? 5.172   6.006   -10.686 1.00 166.49 ? 80  VAL A N   1 
ATOM   590  C CA  . VAL A 1 74  ? 3.851   5.408   -10.499 1.00 161.20 ? 80  VAL A CA  1 
ATOM   591  C C   . VAL A 1 74  ? 3.190   5.089   -11.840 1.00 172.55 ? 80  VAL A C   1 
ATOM   592  O O   . VAL A 1 74  ? 3.076   5.956   -12.706 1.00 179.93 ? 80  VAL A O   1 
ATOM   593  C CB  . VAL A 1 74  ? 2.916   6.337   -9.693  1.00 175.93 ? 80  VAL A CB  1 
ATOM   594  C CG1 . VAL A 1 74  ? 1.462   5.908   -9.847  1.00 173.60 ? 80  VAL A CG1 1 
ATOM   595  C CG2 . VAL A 1 74  ? 3.315   6.359   -8.228  1.00 183.24 ? 80  VAL A CG2 1 
ATOM   596  N N   . ASP A 1 75  ? 2.757   3.842   -12.004 1.00 168.16 ? 81  ASP A N   1 
ATOM   597  C CA  . ASP A 1 75  ? 2.048   3.427   -13.212 1.00 173.91 ? 81  ASP A CA  1 
ATOM   598  C C   . ASP A 1 75  ? 0.589   3.098   -12.916 1.00 169.40 ? 81  ASP A C   1 
ATOM   599  O O   . ASP A 1 75  ? 0.294   2.124   -12.224 1.00 159.10 ? 81  ASP A O   1 
ATOM   600  C CB  . ASP A 1 75  ? 2.733   2.218   -13.851 1.00 176.21 ? 81  ASP A CB  1 
ATOM   601  C CG  . ASP A 1 75  ? 3.940   2.603   -14.680 1.00 178.21 ? 81  ASP A CG  1 
ATOM   602  O OD1 . ASP A 1 75  ? 3.884   3.649   -15.360 1.00 187.65 ? 81  ASP A OD1 1 
ATOM   603  O OD2 . ASP A 1 75  ? 4.944   1.860   -14.652 1.00 171.84 ? 81  ASP A OD2 1 
ATOM   604  N N   . ALA A 1 76  ? -0.320  3.910   -13.446 1.00 178.73 ? 82  ALA A N   1 
ATOM   605  C CA  . ALA A 1 76  ? -1.749  3.705   -13.226 1.00 179.93 ? 82  ALA A CA  1 
ATOM   606  C C   . ALA A 1 76  ? -2.513  3.572   -14.540 1.00 186.22 ? 82  ALA A C   1 
ATOM   607  O O   . ALA A 1 76  ? -2.397  4.419   -15.426 1.00 181.10 ? 82  ALA A O   1 
ATOM   608  C CB  . ALA A 1 76  ? -2.325  4.838   -12.386 1.00 186.16 ? 82  ALA A CB  1 
ATOM   609  N N   . HIS A 1 77  ? -3.298  2.505   -14.657 1.00 184.50 ? 83  HIS A N   1 
ATOM   610  C CA  . HIS A 1 77  ? -4.070  2.246   -15.868 1.00 181.45 ? 83  HIS A CA  1 
ATOM   611  C C   . HIS A 1 77  ? -5.518  1.881   -15.552 1.00 176.95 ? 83  HIS A C   1 
ATOM   612  O O   . HIS A 1 77  ? -6.232  2.647   -14.905 1.00 179.91 ? 83  HIS A O   1 
ATOM   613  C CB  . HIS A 1 77  ? -3.414  1.136   -16.693 1.00 185.11 ? 83  HIS A CB  1 
ATOM   614  C CG  . HIS A 1 77  ? -2.078  1.513   -17.252 1.00 195.51 ? 83  HIS A CG  1 
ATOM   615  N ND1 . HIS A 1 77  ? -1.014  0.638   -17.293 1.00 196.97 ? 83  HIS A ND1 1 
ATOM   616  C CD2 . HIS A 1 77  ? -1.634  2.670   -17.798 1.00 197.69 ? 83  HIS A CD2 1 
ATOM   617  C CE1 . HIS A 1 77  ? 0.029   1.241   -17.836 1.00 199.98 ? 83  HIS A CE1 1 
ATOM   618  N NE2 . HIS A 1 77  ? -0.321  2.475   -18.151 1.00 203.13 ? 83  HIS A NE2 1 
ATOM   619  N N   . ALA A 1 78  ? -5.944  0.710   -16.015 1.00 173.47 ? 84  ALA A N   1 
ATOM   620  C CA  . ALA A 1 78  ? -7.318  0.262   -15.813 1.00 176.61 ? 84  ALA A CA  1 
ATOM   621  C C   . ALA A 1 78  ? -7.436  -1.257  -15.904 1.00 177.40 ? 84  ALA A C   1 
ATOM   622  O O   . ALA A 1 78  ? -6.599  -1.918  -16.518 1.00 182.31 ? 84  ALA A O   1 
ATOM   623  C CB  . ALA A 1 78  ? -8.246  0.929   -16.820 1.00 180.34 ? 84  ALA A CB  1 
ATOM   624  N N   . THR A 1 79  ? -8.480  -1.801  -15.287 1.00 184.65 ? 85  THR A N   1 
ATOM   625  C CA  . THR A 1 79  ? -8.736  -3.239  -15.315 1.00 188.70 ? 85  THR A CA  1 
ATOM   626  C C   . THR A 1 79  ? -10.221 -3.541  -15.471 1.00 197.26 ? 85  THR A C   1 
ATOM   627  O O   . THR A 1 79  ? -10.927 -2.877  -16.230 1.00 203.84 ? 85  THR A O   1 
ATOM   628  C CB  . THR A 1 79  ? -8.234  -3.934  -14.036 1.00 176.96 ? 85  THR A CB  1 
ATOM   629  O OG1 . THR A 1 79  ? -8.626  -3.169  -12.889 1.00 185.71 ? 85  THR A OG1 1 
ATOM   630  C CG2 . THR A 1 79  ? -6.724  -4.067  -14.054 1.00 155.19 ? 85  THR A CG2 1 
ATOM   631  N N   . LEU A 1 80  ? -10.688 -4.548  -14.740 1.00 193.20 ? 86  LEU A N   1 
ATOM   632  C CA  . LEU A 1 80  ? -12.090 -4.941  -14.771 1.00 202.63 ? 86  LEU A CA  1 
ATOM   633  C C   . LEU A 1 80  ? -12.907 -4.060  -13.836 1.00 205.26 ? 86  LEU A C   1 
ATOM   634  O O   . LEU A 1 80  ? -12.382 -3.538  -12.851 1.00 206.06 ? 86  LEU A O   1 
ATOM   635  C CB  . LEU A 1 80  ? -12.256 -6.413  -14.378 1.00 202.25 ? 86  LEU A CB  1 
ATOM   636  C CG  . LEU A 1 80  ? -11.756 -7.498  -15.338 1.00 200.11 ? 86  LEU A CG  1 
ATOM   637  C CD1 . LEU A 1 80  ? -10.241 -7.634  -15.288 1.00 185.94 ? 86  LEU A CD1 1 
ATOM   638  C CD2 . LEU A 1 80  ? -12.413 -8.828  -15.009 1.00 208.02 ? 86  LEU A CD2 1 
ATOM   639  N N   . ASN A 1 81  ? -14.189 -3.902  -14.155 1.00 209.05 ? 87  ASN A N   1 
ATOM   640  C CA  . ASN A 1 81  ? -15.103 -3.081  -13.364 1.00 222.44 ? 87  ASN A CA  1 
ATOM   641  C C   . ASN A 1 81  ? -14.606 -1.648  -13.188 1.00 220.74 ? 87  ASN A C   1 
ATOM   642  O O   . ASN A 1 81  ? -14.826 -1.031  -12.144 1.00 213.38 ? 87  ASN A O   1 
ATOM   643  C CB  . ASN A 1 81  ? -15.370 -3.723  -12.000 1.00 225.71 ? 87  ASN A CB  1 
ATOM   644  C CG  . ASN A 1 81  ? -15.845 -5.159  -12.115 1.00 222.99 ? 87  ASN A CG  1 
ATOM   645  O OD1 . ASN A 1 81  ? -15.610 -5.824  -13.123 1.00 212.13 ? 87  ASN A OD1 1 
ATOM   646  N ND2 . ASN A 1 81  ? -16.519 -5.644  -11.078 1.00 222.92 ? 87  ASN A ND2 1 
ATOM   647  N N   . ASP A 1 82  ? -13.936 -1.135  -14.218 1.00 222.76 ? 88  ASP A N   1 
ATOM   648  C CA  . ASP A 1 82  ? -13.360 0.209   -14.202 1.00 222.49 ? 88  ASP A CA  1 
ATOM   649  C C   . ASP A 1 82  ? -12.407 0.415   -13.027 1.00 217.65 ? 88  ASP A C   1 
ATOM   650  O O   . ASP A 1 82  ? -12.351 1.496   -12.442 1.00 215.30 ? 88  ASP A O   1 
ATOM   651  C CB  . ASP A 1 82  ? -14.459 1.276   -14.196 1.00 230.70 ? 88  ASP A CB  1 
ATOM   652  C CG  . ASP A 1 82  ? -15.364 1.187   -15.408 1.00 242.99 ? 88  ASP A CG  1 
ATOM   653  O OD1 . ASP A 1 82  ? -14.886 0.755   -16.478 1.00 239.56 ? 88  ASP A OD1 1 
ATOM   654  O OD2 . ASP A 1 82  ? -16.554 1.549   -15.292 1.00 255.19 ? 88  ASP A OD2 1 
ATOM   655  N N   . GLY A 1 83  ? -11.659 -0.631  -12.690 1.00 210.69 ? 89  GLY A N   1 
ATOM   656  C CA  . GLY A 1 83  ? -10.704 -0.570  -11.599 1.00 198.94 ? 89  GLY A CA  1 
ATOM   657  C C   . GLY A 1 83  ? -9.321  -0.172  -12.073 1.00 194.53 ? 89  GLY A C   1 
ATOM   658  O O   . GLY A 1 83  ? -8.867  -0.617  -13.124 1.00 199.21 ? 89  GLY A O   1 
ATOM   659  N N   . VAL A 1 84  ? -8.648  0.668   -11.292 1.00 185.85 ? 90  VAL A N   1 
ATOM   660  C CA  . VAL A 1 84  ? -7.330  1.168   -11.663 1.00 180.26 ? 90  VAL A CA  1 
ATOM   661  C C   . VAL A 1 84  ? -6.212  0.464   -10.897 1.00 176.21 ? 90  VAL A C   1 
ATOM   662  O O   . VAL A 1 84  ? -6.169  0.504   -9.668  1.00 171.01 ? 90  VAL A O   1 
ATOM   663  C CB  . VAL A 1 84  ? -7.222  2.690   -11.433 1.00 177.99 ? 90  VAL A CB  1 
ATOM   664  C CG1 . VAL A 1 84  ? -5.803  3.171   -11.695 1.00 172.40 ? 90  VAL A CG1 1 
ATOM   665  C CG2 . VAL A 1 84  ? -8.218  3.433   -12.313 1.00 178.30 ? 90  VAL A CG2 1 
ATOM   666  N N   . VAL A 1 85  ? -5.312  -0.183  -11.632 1.00 175.45 ? 91  VAL A N   1 
ATOM   667  C CA  . VAL A 1 85  ? -4.150  -0.826  -11.030 1.00 169.89 ? 91  VAL A CA  1 
ATOM   668  C C   . VAL A 1 85  ? -2.973  0.137   -10.960 1.00 162.53 ? 91  VAL A C   1 
ATOM   669  O O   . VAL A 1 85  ? -2.700  0.866   -11.913 1.00 157.30 ? 91  VAL A O   1 
ATOM   670  C CB  . VAL A 1 85  ? -3.722  -2.086  -11.804 1.00 154.32 ? 91  VAL A CB  1 
ATOM   671  C CG1 . VAL A 1 85  ? -4.521  -3.291  -11.340 1.00 174.55 ? 91  VAL A CG1 1 
ATOM   672  C CG2 . VAL A 1 85  ? -3.868  -1.866  -13.304 1.00 164.83 ? 91  VAL A CG2 1 
ATOM   673  N N   . VAL A 1 86  ? -2.278  0.134   -9.828  1.00 153.99 ? 92  VAL A N   1 
ATOM   674  C CA  . VAL A 1 86  ? -1.164  1.049   -9.619  1.00 152.43 ? 92  VAL A CA  1 
ATOM   675  C C   . VAL A 1 86  ? 0.117   0.313   -9.239  1.00 144.60 ? 92  VAL A C   1 
ATOM   676  O O   . VAL A 1 86  ? 0.135   -0.468  -8.289  1.00 143.60 ? 92  VAL A O   1 
ATOM   677  C CB  . VAL A 1 86  ? -1.487  2.088   -8.526  1.00 154.04 ? 92  VAL A CB  1 
ATOM   678  C CG1 . VAL A 1 86  ? -0.323  3.048   -8.351  1.00 156.65 ? 92  VAL A CG1 1 
ATOM   679  C CG2 . VAL A 1 86  ? -2.758  2.846   -8.871  1.00 161.26 ? 92  VAL A CG2 1 
ATOM   680  N N   . GLN A 1 87  ? 1.184   0.562   -9.990  1.00 144.84 ? 93  GLN A N   1 
ATOM   681  C CA  . GLN A 1 87  ? 2.494   0.019   -9.652  1.00 150.57 ? 93  GLN A CA  1 
ATOM   682  C C   . GLN A 1 87  ? 3.393   1.128   -9.117  1.00 158.92 ? 93  GLN A C   1 
ATOM   683  O O   . GLN A 1 87  ? 3.794   2.025   -9.860  1.00 145.43 ? 93  GLN A O   1 
ATOM   684  C CB  . GLN A 1 87  ? 3.146   -0.644  -10.863 1.00 138.14 ? 93  GLN A CB  1 
ATOM   685  C CG  . GLN A 1 87  ? 4.422   -1.398  -10.523 1.00 138.77 ? 93  GLN A CG  1 
ATOM   686  C CD  . GLN A 1 87  ? 5.179   -1.855  -11.752 1.00 151.50 ? 93  GLN A CD  1 
ATOM   687  O OE1 . GLN A 1 87  ? 5.350   -1.098  -12.706 1.00 164.85 ? 93  GLN A OE1 1 
ATOM   688  N NE2 . GLN A 1 87  ? 5.635   -3.102  -11.736 1.00 163.03 ? 93  GLN A NE2 1 
ATOM   689  N N   . VAL A 1 88  ? 3.707   1.058   -7.829  1.00 149.19 ? 94  VAL A N   1 
ATOM   690  C CA  . VAL A 1 88  ? 4.490   2.097   -7.174  1.00 142.83 ? 94  VAL A CA  1 
ATOM   691  C C   . VAL A 1 88  ? 5.947   1.683   -6.992  1.00 143.26 ? 94  VAL A C   1 
ATOM   692  O O   . VAL A 1 88  ? 6.237   0.556   -6.590  1.00 139.72 ? 94  VAL A O   1 
ATOM   693  C CB  . VAL A 1 88  ? 3.893   2.460   -5.801  1.00 166.66 ? 94  VAL A CB  1 
ATOM   694  C CG1 . VAL A 1 88  ? 4.619   3.653   -5.201  1.00 176.16 ? 94  VAL A CG1 1 
ATOM   695  C CG2 . VAL A 1 88  ? 2.408   2.752   -5.932  1.00 165.91 ? 94  VAL A CG2 1 
ATOM   696  N N   . MET A 1 89  ? 6.858   2.603   -7.294  1.00 141.53 ? 95  MET A N   1 
ATOM   697  C CA  . MET A 1 89  ? 8.284   2.373   -7.105  1.00 145.98 ? 95  MET A CA  1 
ATOM   698  C C   . MET A 1 89  ? 8.979   3.646   -6.631  1.00 155.57 ? 95  MET A C   1 
ATOM   699  O O   . MET A 1 89  ? 9.163   4.586   -7.404  1.00 174.81 ? 95  MET A O   1 
ATOM   700  C CB  . MET A 1 89  ? 8.924   1.869   -8.400  1.00 164.90 ? 95  MET A CB  1 
ATOM   701  C CG  . MET A 1 89  ? 8.778   0.372   -8.617  1.00 177.61 ? 95  MET A CG  1 
ATOM   702  S SD  . MET A 1 89  ? 9.259   -0.153  -10.272 1.00 190.57 ? 95  MET A SD  1 
ATOM   703  C CE  . MET A 1 89  ? 7.868   0.441   -11.228 1.00 164.04 ? 95  MET A CE  1 
ATOM   704  N N   . GLY A 1 90  ? 9.361   3.669   -5.358  1.00 150.21 ? 96  GLY A N   1 
ATOM   705  C CA  . GLY A 1 90  ? 10.005  4.834   -4.780  1.00 156.40 ? 96  GLY A CA  1 
ATOM   706  C C   . GLY A 1 90  ? 10.960  4.501   -3.649  1.00 155.54 ? 96  GLY A C   1 
ATOM   707  O O   . GLY A 1 90  ? 11.609  3.455   -3.657  1.00 154.22 ? 96  GLY A O   1 
ATOM   708  N N   . LEU A 1 91  ? 11.037  5.396   -2.671  1.00 159.10 ? 97  LEU A N   1 
ATOM   709  C CA  . LEU A 1 91  ? 11.934  5.224   -1.533  1.00 170.03 ? 97  LEU A CA  1 
ATOM   710  C C   . LEU A 1 91  ? 11.186  5.373   -0.210  1.00 169.49 ? 97  LEU A C   1 
ATOM   711  O O   . LEU A 1 91  ? 10.356  6.269   -0.055  1.00 173.04 ? 97  LEU A O   1 
ATOM   712  C CB  . LEU A 1 91  ? 13.083  6.230   -1.610  1.00 184.95 ? 97  LEU A CB  1 
ATOM   713  C CG  . LEU A 1 91  ? 14.117  5.969   -2.707  1.00 183.23 ? 97  LEU A CG  1 
ATOM   714  C CD1 . LEU A 1 91  ? 14.931  7.219   -3.001  1.00 190.48 ? 97  LEU A CD1 1 
ATOM   715  C CD2 . LEU A 1 91  ? 15.027  4.826   -2.298  1.00 177.89 ? 97  LEU A CD2 1 
ATOM   716  N N   . LEU A 1 92  ? 11.486  4.493   0.741   1.00 173.54 ? 98  LEU A N   1 
ATOM   717  C CA  . LEU A 1 92  ? 10.799  4.495   2.029   1.00 178.26 ? 98  LEU A CA  1 
ATOM   718  C C   . LEU A 1 92  ? 11.777  4.636   3.193   1.00 177.68 ? 98  LEU A C   1 
ATOM   719  O O   . LEU A 1 92  ? 12.874  4.081   3.166   1.00 176.13 ? 98  LEU A O   1 
ATOM   720  C CB  . LEU A 1 92  ? 9.976   3.216   2.194   1.00 181.80 ? 98  LEU A CB  1 
ATOM   721  C CG  . LEU A 1 92  ? 8.995   3.194   3.368   1.00 185.70 ? 98  LEU A CG  1 
ATOM   722  C CD1 . LEU A 1 92  ? 7.921   4.249   3.169   1.00 195.34 ? 98  LEU A CD1 1 
ATOM   723  C CD2 . LEU A 1 92  ? 8.371   1.819   3.532   1.00 183.45 ? 98  LEU A CD2 1 
ATOM   724  N N   . SER A 1 93  ? 11.369  5.379   4.219   1.00 179.48 ? 99  SER A N   1 
ATOM   725  C CA  . SER A 1 93  ? 12.204  5.591   5.394   1.00 183.25 ? 99  SER A CA  1 
ATOM   726  C C   . SER A 1 93  ? 11.378  5.614   6.675   1.00 183.90 ? 99  SER A C   1 
ATOM   727  O O   . SER A 1 93  ? 10.903  6.668   7.099   1.00 190.57 ? 99  SER A O   1 
ATOM   728  C CB  . SER A 1 93  ? 12.993  6.894   5.264   1.00 185.17 ? 99  SER A CB  1 
ATOM   729  O OG  . SER A 1 93  ? 13.765  7.142   6.426   1.00 188.97 ? 99  SER A OG  1 
ATOM   730  N N   . ASN A 1 94  ? 11.211  4.449   7.292   1.00 181.51 ? 100 ASN A N   1 
ATOM   731  C CA  . ASN A 1 94  ? 10.472  4.350   8.543   1.00 186.00 ? 100 ASN A CA  1 
ATOM   732  C C   . ASN A 1 94  ? 11.334  4.742   9.737   1.00 180.06 ? 100 ASN A C   1 
ATOM   733  O O   . ASN A 1 94  ? 12.455  4.253   9.891   1.00 175.06 ? 100 ASN A O   1 
ATOM   734  C CB  . ASN A 1 94  ? 9.917   2.938   8.736   1.00 187.12 ? 100 ASN A CB  1 
ATOM   735  C CG  . ASN A 1 94  ? 9.082   2.807   9.996   1.00 177.75 ? 100 ASN A CG  1 
ATOM   736  O OD1 . ASN A 1 94  ? 8.521   3.786   10.488  1.00 172.50 ? 100 ASN A OD1 1 
ATOM   737  N ND2 . ASN A 1 94  ? 8.998   1.592   10.525  1.00 176.65 ? 100 ASN A ND2 1 
ATOM   738  N N   . ASN A 1 95  ? 10.799  5.626   10.574  1.00 183.62 ? 101 ASN A N   1 
ATOM   739  C CA  . ASN A 1 95  ? 11.495  6.111   11.763  1.00 200.61 ? 101 ASN A CA  1 
ATOM   740  C C   . ASN A 1 95  ? 12.848  6.745   11.439  1.00 200.99 ? 101 ASN A C   1 
ATOM   741  O O   . ASN A 1 95  ? 13.854  6.452   12.087  1.00 201.23 ? 101 ASN A O   1 
ATOM   742  C CB  . ASN A 1 95  ? 11.652  4.989   12.797  1.00 196.79 ? 101 ASN A CB  1 
ATOM   743  C CG  . ASN A 1 95  ? 11.936  5.515   14.190  1.00 195.97 ? 101 ASN A CG  1 
ATOM   744  O OD1 . ASN A 1 95  ? 11.660  6.675   14.497  1.00 195.69 ? 101 ASN A OD1 1 
ATOM   745  N ND2 . ASN A 1 95  ? 12.490  4.661   15.042  1.00 201.65 ? 101 ASN A ND2 1 
ATOM   746  N N   . ASN A 1 96  ? 12.855  7.607   10.423  1.00 195.16 ? 102 ASN A N   1 
ATOM   747  C CA  . ASN A 1 96  ? 14.055  8.335   10.011  1.00 201.92 ? 102 ASN A CA  1 
ATOM   748  C C   . ASN A 1 96  ? 15.256  7.443   9.707   1.00 193.94 ? 102 ASN A C   1 
ATOM   749  O O   . ASN A 1 96  ? 16.402  7.830   9.936   1.00 184.72 ? 102 ASN A O   1 
ATOM   750  C CB  . ASN A 1 96  ? 14.429  9.395   11.052  1.00 212.79 ? 102 ASN A CB  1 
ATOM   751  C CG  . ASN A 1 96  ? 13.391  10.494  11.163  1.00 220.61 ? 102 ASN A CG  1 
ATOM   752  O OD1 . ASN A 1 96  ? 12.793  10.696  12.219  1.00 216.36 ? 102 ASN A OD1 1 
ATOM   753  N ND2 . ASN A 1 96  ? 13.171  11.210  10.067  1.00 229.05 ? 102 ASN A ND2 1 
ATOM   754  N N   . GLN A 1 97  ? 14.987  6.250   9.191   1.00 192.64 ? 103 GLN A N   1 
ATOM   755  C CA  . GLN A 1 97  ? 16.047  5.323   8.820   1.00 190.62 ? 103 GLN A CA  1 
ATOM   756  C C   . GLN A 1 97  ? 16.497  5.612   7.392   1.00 193.69 ? 103 GLN A C   1 
ATOM   757  O O   . GLN A 1 97  ? 15.988  6.531   6.750   1.00 195.00 ? 103 GLN A O   1 
ATOM   758  C CB  . GLN A 1 97  ? 15.561  3.877   8.950   1.00 188.52 ? 103 GLN A CB  1 
ATOM   759  C CG  . GLN A 1 97  ? 16.653  2.876   9.292   1.00 188.25 ? 103 GLN A CG  1 
ATOM   760  C CD  . GLN A 1 97  ? 17.300  3.158   10.633  1.00 202.48 ? 103 GLN A CD  1 
ATOM   761  O OE1 . GLN A 1 97  ? 16.661  3.675   11.549  1.00 198.75 ? 103 GLN A OE1 1 
ATOM   762  N NE2 . GLN A 1 97  ? 18.580  2.822   10.754  1.00 208.92 ? 103 GLN A NE2 1 
ATOM   763  N N   . ALA A 1 98  ? 17.453  4.832   6.898   1.00 196.03 ? 104 ALA A N   1 
ATOM   764  C CA  . ALA A 1 98  ? 17.947  4.994   5.535   1.00 196.44 ? 104 ALA A CA  1 
ATOM   765  C C   . ALA A 1 98  ? 16.865  4.651   4.517   1.00 193.44 ? 104 ALA A C   1 
ATOM   766  O O   . ALA A 1 98  ? 15.957  3.870   4.802   1.00 188.23 ? 104 ALA A O   1 
ATOM   767  C CB  . ALA A 1 98  ? 19.180  4.133   5.313   1.00 187.22 ? 104 ALA A CB  1 
ATOM   768  N N   . LEU A 1 99  ? 16.965  5.242   3.331   1.00 183.98 ? 105 LEU A N   1 
ATOM   769  C CA  . LEU A 1 99  ? 15.983  5.016   2.275   1.00 179.31 ? 105 LEU A CA  1 
ATOM   770  C C   . LEU A 1 99  ? 16.065  3.600   1.715   1.00 183.37 ? 105 LEU A C   1 
ATOM   771  O O   . LEU A 1 99  ? 17.154  3.064   1.511   1.00 179.69 ? 105 LEU A O   1 
ATOM   772  C CB  . LEU A 1 99  ? 16.158  6.036   1.147   1.00 174.70 ? 105 LEU A CB  1 
ATOM   773  C CG  . LEU A 1 99  ? 15.819  7.486   1.494   1.00 183.33 ? 105 LEU A CG  1 
ATOM   774  C CD1 . LEU A 1 99  ? 16.039  8.389   0.295   1.00 168.83 ? 105 LEU A CD1 1 
ATOM   775  C CD2 . LEU A 1 99  ? 14.386  7.592   1.987   1.00 192.40 ? 105 LEU A CD2 1 
ATOM   776  N N   . ARG A 1 100 ? 14.904  3.002   1.471   1.00 188.30 ? 106 ARG A N   1 
ATOM   777  C CA  . ARG A 1 100 ? 14.832  1.644   0.945   1.00 180.32 ? 106 ARG A CA  1 
ATOM   778  C C   . ARG A 1 100 ? 13.996  1.595   -0.330  1.00 167.19 ? 106 ARG A C   1 
ATOM   779  O O   . ARG A 1 100 ? 12.814  1.942   -0.321  1.00 168.33 ? 106 ARG A O   1 
ATOM   780  C CB  . ARG A 1 100 ? 14.243  0.697   1.992   1.00 175.27 ? 106 ARG A CB  1 
ATOM   781  C CG  . ARG A 1 100 ? 14.975  0.706   3.323   1.00 166.21 ? 106 ARG A CG  1 
ATOM   782  C CD  . ARG A 1 100 ? 14.312  -0.224  4.328   1.00 171.43 ? 106 ARG A CD  1 
ATOM   783  N NE  . ARG A 1 100 ? 14.361  -1.619  3.901   1.00 173.55 ? 106 ARG A NE  1 
ATOM   784  C CZ  . ARG A 1 100 ? 13.852  -2.631  4.596   1.00 173.75 ? 106 ARG A CZ  1 
ATOM   785  N NH1 . ARG A 1 100 ? 13.943  -3.869  4.132   1.00 179.68 ? 106 ARG A NH1 1 
ATOM   786  N NH2 . ARG A 1 100 ? 13.249  -2.405  5.756   1.00 178.50 ? 106 ARG A NH2 1 
ATOM   787  N N   . ARG A 1 101 ? 14.615  1.166   -1.425  1.00 165.35 ? 107 ARG A N   1 
ATOM   788  C CA  . ARG A 1 101 ? 13.912  1.018   -2.694  1.00 166.16 ? 107 ARG A CA  1 
ATOM   789  C C   . ARG A 1 101 ? 12.858  -0.081  -2.596  1.00 151.51 ? 107 ARG A C   1 
ATOM   790  O O   . ARG A 1 101 ? 13.144  -1.188  -2.139  1.00 139.98 ? 107 ARG A O   1 
ATOM   791  C CB  . ARG A 1 101 ? 14.900  0.722   -3.826  1.00 179.32 ? 107 ARG A CB  1 
ATOM   792  C CG  . ARG A 1 101 ? 15.730  1.927   -4.247  1.00 179.37 ? 107 ARG A CG  1 
ATOM   793  C CD  . ARG A 1 101 ? 16.833  1.562   -5.232  1.00 185.25 ? 107 ARG A CD  1 
ATOM   794  N NE  . ARG A 1 101 ? 17.902  0.791   -4.603  1.00 197.08 ? 107 ARG A NE  1 
ATOM   795  C CZ  . ARG A 1 101 ? 19.115  0.636   -5.123  1.00 202.10 ? 107 ARG A CZ  1 
ATOM   796  N NH1 . ARG A 1 101 ? 19.422  1.205   -6.281  1.00 187.00 ? 107 ARG A NH1 1 
ATOM   797  N NH2 . ARG A 1 101 ? 20.027  -0.082  -4.480  1.00 200.10 ? 107 ARG A NH2 1 
ATOM   798  N N   . PHE A 1 102 ? 11.636  0.232   -3.018  1.00 141.90 ? 108 PHE A N   1 
ATOM   799  C CA  . PHE A 1 102 ? 10.537  -0.722  -2.922  1.00 147.15 ? 108 PHE A CA  1 
ATOM   800  C C   . PHE A 1 102 ? 9.713   -0.805  -4.202  1.00 154.59 ? 108 PHE A C   1 
ATOM   801  O O   . PHE A 1 102 ? 9.784   0.073   -5.063  1.00 147.10 ? 108 PHE A O   1 
ATOM   802  C CB  . PHE A 1 102 ? 9.627   -0.381  -1.738  1.00 153.41 ? 108 PHE A CB  1 
ATOM   803  C CG  . PHE A 1 102 ? 8.933   0.951   -1.862  1.00 155.22 ? 108 PHE A CG  1 
ATOM   804  C CD1 . PHE A 1 102 ? 7.725   1.063   -2.535  1.00 145.19 ? 108 PHE A CD1 1 
ATOM   805  C CD2 . PHE A 1 102 ? 9.482   2.086   -1.294  1.00 158.80 ? 108 PHE A CD2 1 
ATOM   806  C CE1 . PHE A 1 102 ? 7.085   2.282   -2.646  1.00 139.93 ? 108 PHE A CE1 1 
ATOM   807  C CE2 . PHE A 1 102 ? 8.843   3.308   -1.400  1.00 151.54 ? 108 PHE A CE2 1 
ATOM   808  C CZ  . PHE A 1 102 ? 7.646   3.406   -2.078  1.00 146.02 ? 108 PHE A CZ  1 
ATOM   809  N N   . MET A 1 103 ? 8.927   -1.872  -4.311  1.00 158.10 ? 109 MET A N   1 
ATOM   810  C CA  . MET A 1 103 ? 7.997   -2.048  -5.418  1.00 156.87 ? 109 MET A CA  1 
ATOM   811  C C   . MET A 1 103 ? 6.636   -2.453  -4.867  1.00 159.35 ? 109 MET A C   1 
ATOM   812  O O   . MET A 1 103 ? 6.465   -3.566  -4.369  1.00 162.86 ? 109 MET A O   1 
ATOM   813  C CB  . MET A 1 103 ? 8.508   -3.114  -6.390  1.00 166.76 ? 109 MET A CB  1 
ATOM   814  C CG  . MET A 1 103 ? 9.849   -2.788  -7.028  1.00 176.94 ? 109 MET A CG  1 
ATOM   815  S SD  . MET A 1 103 ? 11.421  -3.140  -7.837  0.50 197.09 ? 109 MET A SD  1 
ATOM   816  C CE  . MET A 1 103 ? 12.061  -1.466  -7.788  1.00 186.02 ? 109 MET A CE  1 
ATOM   817  N N   . GLN A 1 104 ? 5.668   -1.547  -4.952  1.00 159.64 ? 110 GLN A N   1 
ATOM   818  C CA  . GLN A 1 104 ? 4.345   -1.797  -4.391  1.00 158.25 ? 110 GLN A CA  1 
ATOM   819  C C   . GLN A 1 104 ? 3.262   -1.801  -5.466  1.00 154.24 ? 110 GLN A C   1 
ATOM   820  O O   . GLN A 1 104 ? 3.299   -1.004  -6.403  1.00 140.15 ? 110 GLN A O   1 
ATOM   821  C CB  . GLN A 1 104 ? 4.023   -0.765  -3.307  1.00 160.93 ? 110 GLN A CB  1 
ATOM   822  C CG  . GLN A 1 104 ? 2.844   -1.136  -2.423  1.00 166.75 ? 110 GLN A CG  1 
ATOM   823  C CD  . GLN A 1 104 ? 2.710   -0.222  -1.221  1.00 172.80 ? 110 GLN A CD  1 
ATOM   824  O OE1 . GLN A 1 104 ? 3.352   0.826   -1.149  1.00 174.46 ? 110 GLN A OE1 1 
ATOM   825  N NE2 . GLN A 1 104 ? 1.880   -0.619  -0.263  1.00 168.23 ? 110 GLN A NE2 1 
ATOM   826  N N   . THR A 1 105 ? 2.301   -2.706  -5.322  1.00 155.81 ? 111 THR A N   1 
ATOM   827  C CA  . THR A 1 105 ? 1.220   -2.843  -6.291  1.00 158.63 ? 111 THR A CA  1 
ATOM   828  C C   . THR A 1 105 ? -0.143  -2.636  -5.636  1.00 155.98 ? 111 THR A C   1 
ATOM   829  O O   . THR A 1 105 ? -0.435  -3.221  -4.593  1.00 150.66 ? 111 THR A O   1 
ATOM   830  C CB  . THR A 1 105 ? 1.253   -4.225  -6.972  1.00 150.08 ? 111 THR A CB  1 
ATOM   831  O OG1 . THR A 1 105 ? 2.485   -4.378  -7.689  1.00 148.64 ? 111 THR A OG1 1 
ATOM   832  C CG2 . THR A 1 105 ? 0.090   -4.375  -7.939  1.00 147.35 ? 111 THR A CG2 1 
ATOM   833  N N   . PHE A 1 106 ? -0.972  -1.799  -6.253  1.00 157.06 ? 112 PHE A N   1 
ATOM   834  C CA  . PHE A 1 106 ? -2.303  -1.513  -5.731  1.00 152.49 ? 112 PHE A CA  1 
ATOM   835  C C   . PHE A 1 106 ? -3.409  -1.930  -6.694  1.00 159.42 ? 112 PHE A C   1 
ATOM   836  O O   . PHE A 1 106 ? -3.296  -1.748  -7.906  1.00 152.66 ? 112 PHE A O   1 
ATOM   837  C CB  . PHE A 1 106 ? -2.447  -0.023  -5.411  1.00 153.56 ? 112 PHE A CB  1 
ATOM   838  C CG  . PHE A 1 106 ? -1.667  0.418   -4.209  1.00 162.94 ? 112 PHE A CG  1 
ATOM   839  C CD1 . PHE A 1 106 ? -2.213  0.317   -2.940  1.00 166.05 ? 112 PHE A CD1 1 
ATOM   840  C CD2 . PHE A 1 106 ? -0.392  0.940   -4.347  1.00 160.41 ? 112 PHE A CD2 1 
ATOM   841  C CE1 . PHE A 1 106 ? -1.499  0.725   -1.830  1.00 164.03 ? 112 PHE A CE1 1 
ATOM   842  C CE2 . PHE A 1 106 ? 0.326   1.350   -3.241  1.00 161.87 ? 112 PHE A CE2 1 
ATOM   843  C CZ  . PHE A 1 106 ? -0.229  1.241   -1.981  1.00 171.37 ? 112 PHE A CZ  1 
ATOM   844  N N   . VAL A 1 107 ? -4.480  -2.490  -6.141  1.00 169.10 ? 113 VAL A N   1 
ATOM   845  C CA  . VAL A 1 107 ? -5.678  -2.792  -6.913  1.00 164.00 ? 113 VAL A CA  1 
ATOM   846  C C   . VAL A 1 107 ? -6.854  -2.019  -6.331  1.00 174.75 ? 113 VAL A C   1 
ATOM   847  O O   . VAL A 1 107 ? -7.234  -2.225  -5.178  1.00 168.68 ? 113 VAL A O   1 
ATOM   848  C CB  . VAL A 1 107 ? -6.000  -4.295  -6.907  1.00 158.48 ? 113 VAL A CB  1 
ATOM   849  C CG1 . VAL A 1 107 ? -7.344  -4.551  -7.572  1.00 135.43 ? 113 VAL A CG1 1 
ATOM   850  C CG2 . VAL A 1 107 ? -4.896  -5.073  -7.603  1.00 145.85 ? 113 VAL A CG2 1 
ATOM   851  N N   . LEU A 1 108 ? -7.424  -1.125  -7.131  1.00 167.21 ? 114 LEU A N   1 
ATOM   852  C CA  . LEU A 1 108 ? -8.487  -0.248  -6.657  1.00 178.40 ? 114 LEU A CA  1 
ATOM   853  C C   . LEU A 1 108 ? -9.838  -0.589  -7.278  1.00 185.01 ? 114 LEU A C   1 
ATOM   854  O O   . LEU A 1 108 ? -10.071 -0.337  -8.459  1.00 193.15 ? 114 LEU A O   1 
ATOM   855  C CB  . LEU A 1 108 ? -8.136  1.219   -6.924  1.00 180.19 ? 114 LEU A CB  1 
ATOM   856  C CG  . LEU A 1 108 ? -7.257  1.953   -5.906  1.00 167.27 ? 114 LEU A CG  1 
ATOM   857  C CD1 . LEU A 1 108 ? -5.863  1.348   -5.815  1.00 155.43 ? 114 LEU A CD1 1 
ATOM   858  C CD2 . LEU A 1 108 ? -7.175  3.434   -6.248  1.00 172.27 ? 114 LEU A CD2 1 
ATOM   859  N N   . ALA A 1 109 ? -10.723 -1.160  -6.469  1.00 182.51 ? 115 ALA A N   1 
ATOM   860  C CA  . ALA A 1 109 ? -12.068 -1.507  -6.912  1.00 190.38 ? 115 ALA A CA  1 
ATOM   861  C C   . ALA A 1 109 ? -13.033 -0.363  -6.608  1.00 192.10 ? 115 ALA A C   1 
ATOM   862  O O   . ALA A 1 109 ? -12.823 0.384   -5.653  1.00 194.40 ? 115 ALA A O   1 
ATOM   863  C CB  . ALA A 1 109 ? -12.526 -2.789  -6.231  1.00 184.38 ? 115 ALA A CB  1 
ATOM   864  N N   . PRO A 1 110 ? -14.093 -0.218  -7.427  1.00 199.77 ? 116 PRO A N   1 
ATOM   865  C CA  . PRO A 1 110 ? -15.097 0.831   -7.203  1.00 195.24 ? 116 PRO A CA  1 
ATOM   866  C C   . PRO A 1 110 ? -15.727 0.730   -5.819  1.00 205.65 ? 116 PRO A C   1 
ATOM   867  O O   . PRO A 1 110 ? -16.078 -0.365  -5.377  1.00 213.92 ? 116 PRO A O   1 
ATOM   868  C CB  . PRO A 1 110 ? -16.142 0.559   -8.293  1.00 199.57 ? 116 PRO A CB  1 
ATOM   869  C CG  . PRO A 1 110 ? -15.884 -0.840  -8.751  1.00 207.34 ? 116 PRO A CG  1 
ATOM   870  C CD  . PRO A 1 110 ? -14.411 -1.033  -8.610  1.00 212.66 ? 116 PRO A CD  1 
ATOM   871  N N   . GLU A 1 111 ? -15.861 1.871   -5.150  1.00 207.62 ? 117 GLU A N   1 
ATOM   872  C CA  . GLU A 1 111 ? -16.306 1.910   -3.761  1.00 209.67 ? 117 GLU A CA  1 
ATOM   873  C C   . GLU A 1 111 ? -17.742 1.415   -3.586  1.00 211.19 ? 117 GLU A C   1 
ATOM   874  O O   . GLU A 1 111 ? -17.975 0.374   -2.974  1.00 213.16 ? 117 GLU A O   1 
ATOM   875  C CB  . GLU A 1 111 ? -16.159 3.326   -3.198  1.00 207.25 ? 117 GLU A CB  1 
ATOM   876  C CG  . GLU A 1 111 ? -16.317 3.420   -1.690  1.00 202.88 ? 117 GLU A CG  1 
ATOM   877  C CD  . GLU A 1 111 ? -15.972 4.797   -1.155  1.00 197.17 ? 117 GLU A CD  1 
ATOM   878  O OE1 . GLU A 1 111 ? -15.780 5.722   -1.973  1.00 205.39 ? 117 GLU A OE1 1 
ATOM   879  O OE2 . GLU A 1 111 ? -15.887 4.954   0.081   1.00 186.54 ? 117 GLU A OE2 1 
ATOM   880  N N   . GLY A 1 112 ? -18.695 2.165   -4.126  1.00 209.09 ? 118 GLY A N   1 
ATOM   881  C CA  . GLY A 1 112 ? -20.102 1.826   -3.994  1.00 206.25 ? 118 GLY A CA  1 
ATOM   882  C C   . GLY A 1 112 ? -20.942 3.076   -3.830  1.00 205.97 ? 118 GLY A C   1 
ATOM   883  O O   . GLY A 1 112 ? -22.140 3.082   -4.113  1.00 205.06 ? 118 GLY A O   1 
ATOM   884  N N   . SER A 1 113 ? -20.298 4.139   -3.361  1.00 208.29 ? 119 SER A N   1 
ATOM   885  C CA  . SER A 1 113 ? -20.924 5.448   -3.248  1.00 209.76 ? 119 SER A CA  1 
ATOM   886  C C   . SER A 1 113 ? -19.975 6.493   -3.821  1.00 208.76 ? 119 SER A C   1 
ATOM   887  O O   . SER A 1 113 ? -18.859 6.657   -3.327  1.00 203.22 ? 119 SER A O   1 
ATOM   888  C CB  . SER A 1 113 ? -21.253 5.765   -1.789  1.00 192.20 ? 119 SER A CB  1 
ATOM   889  O OG  . SER A 1 113 ? -22.124 4.788   -1.245  1.00 172.67 ? 119 SER A OG  1 
ATOM   890  N N   . VAL A 1 114 ? -20.424 7.166   -4.880  1.00 212.98 ? 120 VAL A N   1 
ATOM   891  C CA  . VAL A 1 114 ? -19.634 8.153   -5.633  1.00 224.28 ? 120 VAL A CA  1 
ATOM   892  C C   . VAL A 1 114 ? -18.446 7.553   -6.411  1.00 229.98 ? 120 VAL A C   1 
ATOM   893  O O   . VAL A 1 114 ? -17.943 8.165   -7.354  1.00 220.72 ? 120 VAL A O   1 
ATOM   894  C CB  . VAL A 1 114 ? -19.215 9.382   -4.771  1.00 219.50 ? 120 VAL A CB  1 
ATOM   895  C CG1 . VAL A 1 114 ? -17.752 9.299   -4.361  1.00 212.00 ? 120 VAL A CG1 1 
ATOM   896  C CG2 . VAL A 1 114 ? -19.481 10.675  -5.528  1.00 217.18 ? 120 VAL A CG2 1 
ATOM   897  N N   . ALA A 1 115 ? -18.020 6.356   -6.012  1.00 229.68 ? 121 ALA A N   1 
ATOM   898  C CA  . ALA A 1 115 ? -17.034 5.561   -6.752  1.00 216.60 ? 121 ALA A CA  1 
ATOM   899  C C   . ALA A 1 115 ? -15.645 6.190   -6.899  1.00 214.83 ? 121 ALA A C   1 
ATOM   900  O O   . ALA A 1 115 ? -14.922 5.886   -7.846  1.00 217.11 ? 121 ALA A O   1 
ATOM   901  C CB  . ALA A 1 115 ? -17.588 5.155   -8.121  1.00 208.20 ? 121 ALA A CB  1 
ATOM   902  N N   . ASN A 1 116 ? -15.280 7.059   -5.963  1.00 220.64 ? 122 ASN A N   1 
ATOM   903  C CA  . ASN A 1 116 ? -13.919 7.592   -5.890  1.00 217.60 ? 122 ASN A CA  1 
ATOM   904  C C   . ASN A 1 116 ? -13.629 8.170   -4.503  1.00 224.42 ? 122 ASN A C   1 
ATOM   905  O O   . ASN A 1 116 ? -14.511 8.770   -3.889  1.00 210.95 ? 122 ASN A O   1 
ATOM   906  C CB  . ASN A 1 116 ? -13.651 8.621   -7.001  1.00 198.42 ? 122 ASN A CB  1 
ATOM   907  C CG  . ASN A 1 116 ? -14.519 9.855   -6.885  1.00 202.84 ? 122 ASN A CG  1 
ATOM   908  O OD1 . ASN A 1 116 ? -15.731 9.762   -6.707  1.00 216.53 ? 122 ASN A OD1 1 
ATOM   909  N ND2 . ASN A 1 116 ? -13.899 11.025  -6.993  1.00 180.25 ? 122 ASN A ND2 1 
ATOM   910  N N   . LYS A 1 117 ? -12.406 7.995   -4.003  1.00 227.96 ? 123 LYS A N   1 
ATOM   911  C CA  . LYS A 1 117 ? -11.306 7.381   -4.745  1.00 223.39 ? 123 LYS A CA  1 
ATOM   912  C C   . LYS A 1 117 ? -11.157 5.884   -4.476  1.00 213.29 ? 123 LYS A C   1 
ATOM   913  O O   . LYS A 1 117 ? -10.129 5.448   -3.959  1.00 210.68 ? 123 LYS A O   1 
ATOM   914  C CB  . LYS A 1 117 ? -9.991  8.087   -4.398  1.00 213.72 ? 123 LYS A CB  1 
ATOM   915  C CG  . LYS A 1 117 ? -9.136  8.473   -5.596  1.00 203.26 ? 123 LYS A CG  1 
ATOM   916  C CD  . LYS A 1 117 ? -9.736  9.652   -6.345  1.00 199.66 ? 123 LYS A CD  1 
ATOM   917  C CE  . LYS A 1 117 ? -8.754  10.223  -7.355  1.00 184.79 ? 123 LYS A CE  1 
ATOM   918  N NZ  . LYS A 1 117 ? -9.321  11.393  -8.084  1.00 178.99 ? 123 LYS A NZ  1 
ATOM   919  N N   . PHE A 1 118 ? -12.185 5.111   -4.824  1.00 200.92 ? 124 PHE A N   1 
ATOM   920  C CA  . PHE A 1 118 ? -12.141 3.650   -4.741  1.00 195.34 ? 124 PHE A CA  1 
ATOM   921  C C   . PHE A 1 118 ? -11.820 3.131   -3.339  1.00 184.40 ? 124 PHE A C   1 
ATOM   922  O O   . PHE A 1 118 ? -11.963 3.844   -2.347  1.00 193.99 ? 124 PHE A O   1 
ATOM   923  C CB  . PHE A 1 118 ? -11.121 3.089   -5.737  1.00 201.70 ? 124 PHE A CB  1 
ATOM   924  C CG  . PHE A 1 118 ? -11.430 3.408   -7.173  1.00 200.75 ? 124 PHE A CG  1 
ATOM   925  C CD1 . PHE A 1 118 ? -12.739 3.463   -7.622  1.00 205.18 ? 124 PHE A CD1 1 
ATOM   926  C CD2 . PHE A 1 118 ? -10.409 3.652   -8.076  1.00 194.67 ? 124 PHE A CD2 1 
ATOM   927  C CE1 . PHE A 1 118 ? -13.021 3.752   -8.945  1.00 202.74 ? 124 PHE A CE1 1 
ATOM   928  C CE2 . PHE A 1 118 ? -10.684 3.943   -9.398  1.00 194.63 ? 124 PHE A CE2 1 
ATOM   929  C CZ  . PHE A 1 118 ? -11.992 3.995   -9.832  1.00 194.63 ? 124 PHE A CZ  1 
ATOM   930  N N   . TYR A 1 119 ? -11.395 1.872   -3.275  1.00 179.59 ? 125 TYR A N   1 
ATOM   931  C CA  . TYR A 1 119 ? -10.882 1.282   -2.043  1.00 177.79 ? 125 TYR A CA  1 
ATOM   932  C C   . TYR A 1 119 ? -9.843  0.221   -2.394  1.00 180.11 ? 125 TYR A C   1 
ATOM   933  O O   . TYR A 1 119 ? -10.021 -0.539  -3.348  1.00 181.96 ? 125 TYR A O   1 
ATOM   934  C CB  . TYR A 1 119 ? -12.013 0.687   -1.195  1.00 155.99 ? 125 TYR A CB  1 
ATOM   935  C CG  . TYR A 1 119 ? -12.536 -0.647  -1.680  1.00 147.60 ? 125 TYR A CG  1 
ATOM   936  C CD1 . TYR A 1 119 ? -12.060 -1.837  -1.145  1.00 153.09 ? 125 TYR A CD1 1 
ATOM   937  C CD2 . TYR A 1 119 ? -13.509 -0.715  -2.667  1.00 167.29 ? 125 TYR A CD2 1 
ATOM   938  C CE1 . TYR A 1 119 ? -12.535 -3.059  -1.584  1.00 165.64 ? 125 TYR A CE1 1 
ATOM   939  C CE2 . TYR A 1 119 ? -13.992 -1.933  -3.111  1.00 173.78 ? 125 TYR A CE2 1 
ATOM   940  C CZ  . TYR A 1 119 ? -13.501 -3.101  -2.567  1.00 169.02 ? 125 TYR A CZ  1 
ATOM   941  O OH  . TYR A 1 119 ? -13.978 -4.315  -3.006  1.00 168.67 ? 125 TYR A OH  1 
ATOM   942  N N   . VAL A 1 120 ? -8.757  0.176   -1.629  1.00 176.02 ? 126 VAL A N   1 
ATOM   943  C CA  . VAL A 1 120 ? -7.650  -0.729  -1.925  1.00 171.70 ? 126 VAL A CA  1 
ATOM   944  C C   . VAL A 1 120 ? -8.057  -2.192  -1.793  1.00 169.23 ? 126 VAL A C   1 
ATOM   945  O O   . VAL A 1 120 ? -8.286  -2.688  -0.690  1.00 154.87 ? 126 VAL A O   1 
ATOM   946  C CB  . VAL A 1 120 ? -6.437  -0.461  -1.016  1.00 165.12 ? 126 VAL A CB  1 
ATOM   947  C CG1 . VAL A 1 120 ? -5.242  -1.275  -1.485  1.00 166.01 ? 126 VAL A CG1 1 
ATOM   948  C CG2 . VAL A 1 120 ? -6.102  1.020   -1.005  1.00 160.21 ? 126 VAL A CG2 1 
ATOM   949  N N   . HIS A 1 121 ? -8.143  -2.879  -2.928  1.00 162.66 ? 127 HIS A N   1 
ATOM   950  C CA  . HIS A 1 121 ? -8.517  -4.286  -2.942  1.00 164.16 ? 127 HIS A CA  1 
ATOM   951  C C   . HIS A 1 121 ? -7.292  -5.167  -2.726  1.00 166.40 ? 127 HIS A C   1 
ATOM   952  O O   . HIS A 1 121 ? -7.396  -6.274  -2.201  1.00 172.17 ? 127 HIS A O   1 
ATOM   953  C CB  . HIS A 1 121 ? -9.201  -4.644  -4.262  1.00 156.58 ? 127 HIS A CB  1 
ATOM   954  C CG  . HIS A 1 121 ? -9.974  -5.926  -4.215  1.00 171.90 ? 127 HIS A CG  1 
ATOM   955  N ND1 . HIS A 1 121 ? -11.240 -6.011  -3.677  1.00 178.61 ? 127 HIS A ND1 1 
ATOM   956  C CD2 . HIS A 1 121 ? -9.659  -7.174  -4.635  1.00 181.27 ? 127 HIS A CD2 1 
ATOM   957  C CE1 . HIS A 1 121 ? -11.673 -7.256  -3.771  1.00 180.55 ? 127 HIS A CE1 1 
ATOM   958  N NE2 . HIS A 1 121 ? -10.732 -7.982  -4.348  1.00 174.69 ? 127 HIS A NE2 1 
ATOM   959  N N   . ASN A 1 122 ? -6.130  -4.668  -3.136  1.00 157.95 ? 128 ASN A N   1 
ATOM   960  C CA  . ASN A 1 122 ? -4.873  -5.380  -2.939  1.00 162.29 ? 128 ASN A CA  1 
ATOM   961  C C   . ASN A 1 122 ? -3.713  -4.430  -2.669  1.00 163.55 ? 128 ASN A C   1 
ATOM   962  O O   . ASN A 1 122 ? -3.552  -3.420  -3.355  1.00 153.80 ? 128 ASN A O   1 
ATOM   963  C CB  . ASN A 1 122 ? -4.554  -6.264  -4.145  1.00 168.50 ? 128 ASN A CB  1 
ATOM   964  C CG  . ASN A 1 122 ? -5.391  -7.527  -4.184  1.00 180.43 ? 128 ASN A CG  1 
ATOM   965  O OD1 . ASN A 1 122 ? -6.556  -7.501  -4.578  1.00 185.89 ? 128 ASN A OD1 1 
ATOM   966  N ND2 . ASN A 1 122 ? -4.796  -8.643  -3.779  1.00 177.27 ? 128 ASN A ND2 1 
ATOM   967  N N   . ASP A 1 123 ? -2.906  -4.759  -1.666  1.00 167.29 ? 129 ASP A N   1 
ATOM   968  C CA  . ASP A 1 123 ? -1.756  -3.938  -1.308  1.00 167.49 ? 129 ASP A CA  1 
ATOM   969  C C   . ASP A 1 123 ? -0.527  -4.811  -1.073  1.00 167.24 ? 129 ASP A C   1 
ATOM   970  O O   . ASP A 1 123 ? -0.208  -5.154  0.064   1.00 159.42 ? 129 ASP A O   1 
ATOM   971  C CB  . ASP A 1 123 ? -2.060  -3.111  -0.057  1.00 169.74 ? 129 ASP A CB  1 
ATOM   972  C CG  . ASP A 1 123 ? -1.066  -1.982  0.157   1.00 172.51 ? 129 ASP A CG  1 
ATOM   973  O OD1 . ASP A 1 123 ? 0.032   -2.021  -0.437  1.00 167.31 ? 129 ASP A OD1 1 
ATOM   974  O OD2 . ASP A 1 123 ? -1.383  -1.051  0.926   1.00 181.84 ? 129 ASP A OD2 1 
ATOM   975  N N   . ILE A 1 124 ? 0.162   -5.162  -2.155  1.00 164.80 ? 130 ILE A N   1 
ATOM   976  C CA  . ILE A 1 124 ? 1.371   -5.970  -2.058  1.00 162.11 ? 130 ILE A CA  1 
ATOM   977  C C   . ILE A 1 124 ? 2.615   -5.087  -2.035  1.00 157.75 ? 130 ILE A C   1 
ATOM   978  O O   . ILE A 1 124 ? 2.912   -4.392  -3.006  1.00 152.42 ? 130 ILE A O   1 
ATOM   979  C CB  . ILE A 1 124 ? 1.481   -6.974  -3.220  1.00 160.15 ? 130 ILE A CB  1 
ATOM   980  C CG1 . ILE A 1 124 ? 0.188   -7.782  -3.354  1.00 169.21 ? 130 ILE A CG1 1 
ATOM   981  C CG2 . ILE A 1 124 ? 2.669   -7.899  -3.012  1.00 154.55 ? 130 ILE A CG2 1 
ATOM   982  C CD1 . ILE A 1 124 ? 0.231   -8.822  -4.451  1.00 163.35 ? 130 ILE A CD1 1 
ATOM   983  N N   . PHE A 1 125 ? 3.335   -5.122  -0.918  1.00 159.65 ? 131 PHE A N   1 
ATOM   984  C CA  . PHE A 1 125 ? 4.526   -4.299  -0.739  1.00 154.13 ? 131 PHE A CA  1 
ATOM   985  C C   . PHE A 1 125 ? 5.751   -5.163  -0.470  1.00 151.58 ? 131 PHE A C   1 
ATOM   986  O O   . PHE A 1 125 ? 5.714   -6.062  0.369   1.00 168.61 ? 131 PHE A O   1 
ATOM   987  C CB  . PHE A 1 125 ? 4.319   -3.315  0.416   1.00 158.90 ? 131 PHE A CB  1 
ATOM   988  C CG  . PHE A 1 125 ? 5.515   -2.450  0.702   1.00 157.15 ? 131 PHE A CG  1 
ATOM   989  C CD1 . PHE A 1 125 ? 6.485   -2.855  1.608   1.00 156.62 ? 131 PHE A CD1 1 
ATOM   990  C CD2 . PHE A 1 125 ? 5.665   -1.226  0.075   1.00 156.78 ? 131 PHE A CD2 1 
ATOM   991  C CE1 . PHE A 1 125 ? 7.581   -2.061  1.871   1.00 158.03 ? 131 PHE A CE1 1 
ATOM   992  C CE2 . PHE A 1 125 ? 6.758   -0.426  0.339   1.00 152.36 ? 131 PHE A CE2 1 
ATOM   993  C CZ  . PHE A 1 125 ? 7.718   -0.844  1.237   1.00 157.21 ? 131 PHE A CZ  1 
ATOM   994  N N   . ARG A 1 126 ? 6.841   -4.877  -1.177  1.00 140.46 ? 132 ARG A N   1 
ATOM   995  C CA  . ARG A 1 126 ? 8.094   -5.601  -0.987  1.00 149.95 ? 132 ARG A CA  1 
ATOM   996  C C   . ARG A 1 126 ? 9.300   -4.673  -1.078  1.00 149.06 ? 132 ARG A C   1 
ATOM   997  O O   . ARG A 1 126 ? 9.310   -3.728  -1.866  1.00 140.77 ? 132 ARG A O   1 
ATOM   998  C CB  . ARG A 1 126 ? 8.231   -6.726  -2.017  1.00 160.85 ? 132 ARG A CB  1 
ATOM   999  C CG  . ARG A 1 126 ? 7.290   -7.897  -1.799  1.00 170.66 ? 132 ARG A CG  1 
ATOM   1000 C CD  . ARG A 1 126 ? 7.542   -8.557  -0.455  1.00 173.32 ? 132 ARG A CD  1 
ATOM   1001 N NE  . ARG A 1 126 ? 6.567   -9.605  -0.172  1.00 175.67 ? 132 ARG A NE  1 
ATOM   1002 C CZ  . ARG A 1 126 ? 6.499   -10.270 0.976   1.00 194.29 ? 132 ARG A CZ  1 
ATOM   1003 N NH1 . ARG A 1 126 ? 7.349   -9.995  1.956   1.00 192.38 ? 132 ARG A NH1 1 
ATOM   1004 N NH2 . ARG A 1 126 ? 5.578   -11.208 1.146   1.00 206.58 ? 132 ARG A NH2 1 
ATOM   1005 N N   . TYR A 1 127 ? 10.316  -4.948  -0.266  1.00 155.56 ? 133 TYR A N   1 
ATOM   1006 C CA  . TYR A 1 127 ? 11.574  -4.216  -0.344  1.00 157.53 ? 133 TYR A CA  1 
ATOM   1007 C C   . TYR A 1 127 ? 12.507  -4.898  -1.333  1.00 163.02 ? 133 TYR A C   1 
ATOM   1008 O O   . TYR A 1 127 ? 12.467  -6.119  -1.494  1.00 161.29 ? 133 TYR A O   1 
ATOM   1009 C CB  . TYR A 1 127 ? 12.248  -4.141  1.027   1.00 160.49 ? 133 TYR A CB  1 
ATOM   1010 C CG  . TYR A 1 127 ? 11.531  -3.272  2.034   1.00 171.97 ? 133 TYR A CG  1 
ATOM   1011 C CD1 . TYR A 1 127 ? 11.637  -1.888  1.989   1.00 173.99 ? 133 TYR A CD1 1 
ATOM   1012 C CD2 . TYR A 1 127 ? 10.762  -3.837  3.043   1.00 177.39 ? 133 TYR A CD2 1 
ATOM   1013 C CE1 . TYR A 1 127 ? 10.989  -1.090  2.913   1.00 166.72 ? 133 TYR A CE1 1 
ATOM   1014 C CE2 . TYR A 1 127 ? 10.110  -3.048  3.971   1.00 179.13 ? 133 TYR A CE2 1 
ATOM   1015 C CZ  . TYR A 1 127 ? 10.226  -1.676  3.901   1.00 171.78 ? 133 TYR A CZ  1 
ATOM   1016 O OH  . TYR A 1 127 ? 9.578   -0.889  4.825   1.00 180.25 ? 133 TYR A OH  1 
ATOM   1017 N N   . GLN A 1 128 ? 13.348  -4.110  -1.994  1.00 163.88 ? 134 GLN A N   1 
ATOM   1018 C CA  . GLN A 1 128 ? 14.307  -4.657  -2.945  1.00 175.92 ? 134 GLN A CA  1 
ATOM   1019 C C   . GLN A 1 128 ? 15.471  -5.322  -2.219  1.00 172.33 ? 134 GLN A C   1 
ATOM   1020 O O   . GLN A 1 128 ? 16.003  -6.336  -2.671  1.00 175.31 ? 134 GLN A O   1 
ATOM   1021 C CB  . GLN A 1 128 ? 14.837  -3.563  -3.870  1.00 189.00 ? 134 GLN A CB  1 
ATOM   1022 C CG  . GLN A 1 128 ? 15.846  -4.066  -4.887  1.00 195.72 ? 134 GLN A CG  1 
ATOM   1023 C CD  . GLN A 1 128 ? 16.700  -2.958  -5.460  1.00 204.82 ? 134 GLN A CD  1 
ATOM   1024 O OE1 . GLN A 1 128 ? 16.328  -1.785  -5.419  1.00 201.95 ? 134 GLN A OE1 1 
ATOM   1025 N NE2 . GLN A 1 128 ? 17.858  -3.324  -5.993  1.00 203.23 ? 134 GLN A NE2 1 
ATOM   1026 N N   . ASP A 1 129 ? 15.854  -4.747  -1.083  1.00 170.82 ? 135 ASP A N   1 
ATOM   1027 C CA  . ASP A 1 129 ? 16.970  -5.259  -0.294  1.00 177.15 ? 135 ASP A CA  1 
ATOM   1028 C C   . ASP A 1 129 ? 16.678  -6.639  0.288   1.00 180.75 ? 135 ASP A C   1 
ATOM   1029 O O   . ASP A 1 129 ? 17.574  -7.309  0.799   1.00 188.34 ? 135 ASP A O   1 
ATOM   1030 C CB  . ASP A 1 129 ? 17.319  -4.281  0.830   1.00 179.95 ? 135 ASP A CB  1 
ATOM   1031 C CG  . ASP A 1 129 ? 16.142  -3.998  1.740   1.00 177.59 ? 135 ASP A CG  1 
ATOM   1032 O OD1 . ASP A 1 129 ? 15.983  -4.713  2.751   1.00 180.39 ? 135 ASP A OD1 1 
ATOM   1033 O OD2 . ASP A 1 129 ? 15.373  -3.059  1.442   1.00 178.96 ? 135 ASP A OD2 1 
ATOM   1034 N N   . GLU A 1 130 ? 15.418  -7.056  0.211   1.00 174.97 ? 136 GLU A N   1 
ATOM   1035 C CA  . GLU A 1 130 ? 15.015  -8.371  0.688   1.00 171.54 ? 136 GLU A CA  1 
ATOM   1036 C C   . GLU A 1 130 ? 14.990  -9.379  -0.455  1.00 170.38 ? 136 GLU A C   1 
ATOM   1037 O O   . GLU A 1 130 ? 14.603  -10.532 -0.267  1.00 167.12 ? 136 GLU A O   1 
ATOM   1038 C CB  . GLU A 1 130 ? 13.636  -8.296  1.344   1.00 168.04 ? 136 GLU A CB  1 
ATOM   1039 C CG  . GLU A 1 130 ? 13.553  -7.323  2.505   1.00 176.58 ? 136 GLU A CG  1 
ATOM   1040 C CD  . GLU A 1 130 ? 12.144  -7.188  3.049   1.00 187.99 ? 136 GLU A CD  1 
ATOM   1041 O OE1 . GLU A 1 130 ? 11.205  -7.684  2.393   1.00 177.45 ? 136 GLU A OE1 1 
ATOM   1042 O OE2 . GLU A 1 130 ? 11.979  -6.589  4.132   1.00 195.36 ? 136 GLU A OE2 1 
ATOM   1043 N N   . VAL A 1 131 ? 15.402  -8.940  -1.640  1.00 168.70 ? 137 VAL A N   1 
ATOM   1044 C CA  . VAL A 1 131 ? 15.383  -9.799  -2.821  1.00 164.97 ? 137 VAL A CA  1 
ATOM   1045 C C   . VAL A 1 131 ? 16.693  -9.755  -3.606  1.00 166.83 ? 137 VAL A C   1 
ATOM   1046 O O   . VAL A 1 131 ? 17.341  -10.786 -3.799  1.00 166.33 ? 137 VAL A O   1 
ATOM   1047 C CB  . VAL A 1 131 ? 14.222  -9.430  -3.772  1.00 178.74 ? 137 VAL A CB  1 
ATOM   1048 C CG1 . VAL A 1 131 ? 14.314  -10.237 -5.060  1.00 184.89 ? 137 VAL A CG1 1 
ATOM   1049 C CG2 . VAL A 1 131 ? 12.880  -9.653  -3.092  1.00 177.37 ? 137 VAL A CG2 1 
ATOM   1050 N N   . PHE A 1 132 ? 17.072  -8.558  -4.050  1.00 176.07 ? 138 PHE A N   1 
ATOM   1051 C CA  . PHE A 1 132 ? 18.232  -8.366  -4.923  1.00 181.28 ? 138 PHE A CA  1 
ATOM   1052 C C   . PHE A 1 132 ? 18.130  -9.196  -6.201  1.00 176.93 ? 138 PHE A C   1 
ATOM   1053 O O   . PHE A 1 132 ? 17.604  -8.735  -7.214  1.00 150.95 ? 138 PHE A O   1 
ATOM   1054 C CB  . PHE A 1 132 ? 19.544  -8.669  -4.191  1.00 173.37 ? 138 PHE A CB  1 
ATOM   1055 C CG  . PHE A 1 132 ? 19.955  -7.606  -3.214  1.00 170.82 ? 138 PHE A CG  1 
ATOM   1056 C CD1 . PHE A 1 132 ? 20.515  -6.420  -3.657  1.00 183.77 ? 138 PHE A CD1 1 
ATOM   1057 C CD2 . PHE A 1 132 ? 19.789  -7.796  -1.853  1.00 163.13 ? 138 PHE A CD2 1 
ATOM   1058 C CE1 . PHE A 1 132 ? 20.897  -5.439  -2.761  1.00 179.92 ? 138 PHE A CE1 1 
ATOM   1059 C CE2 . PHE A 1 132 ? 20.171  -6.819  -0.952  1.00 169.06 ? 138 PHE A CE2 1 
ATOM   1060 C CZ  . PHE A 1 132 ? 20.725  -5.640  -1.407  1.00 162.46 ? 138 PHE A CZ  1 
HETATM 1061 P P   . PO4 B 2 .   ? 23.609  -1.109  -5.816  0.16 197.62 ? 201 PO4 A P   1 
HETATM 1062 O O1  . PO4 B 2 .   ? 25.144  -1.054  -6.298  0.16 195.18 ? 201 PO4 A O1  1 
HETATM 1063 O O2  . PO4 B 2 .   ? 22.722  -0.122  -6.729  0.16 196.84 ? 201 PO4 A O2  1 
HETATM 1064 O O3  . PO4 B 2 .   ? 23.055  -2.614  -5.960  0.16 196.22 ? 201 PO4 A O3  1 
HETATM 1065 O O4  . PO4 B 2 .   ? 23.520  -0.684  -4.401  0.16 195.41 ? 201 PO4 A O4  1 
# 
